data_5T1G
# 
_entry.id   5T1G 
# 
_audit_conform.dict_name       mmcif_pdbx.dic 
_audit_conform.dict_version    5.379 
_audit_conform.dict_location   http://mmcif.pdb.org/dictionaries/ascii/mmcif_pdbx.dic 
# 
loop_
_database_2.database_id 
_database_2.database_code 
_database_2.pdbx_database_accession 
_database_2.pdbx_DOI 
PDB   5T1G         pdb_00005t1g 10.2210/pdb5t1g/pdb 
WWPDB D_1000223466 ?            ?                   
# 
_pdbx_database_related.content_type   unspecified 
_pdbx_database_related.db_id          5T1I 
_pdbx_database_related.db_name        PDB 
_pdbx_database_related.details        . 
# 
_pdbx_database_status.status_code                     REL 
_pdbx_database_status.status_code_sf                  REL 
_pdbx_database_status.status_code_mr                  ? 
_pdbx_database_status.entry_id                        5T1G 
_pdbx_database_status.recvd_initial_deposition_date   2016-08-19 
_pdbx_database_status.SG_entry                        Y 
_pdbx_database_status.deposit_site                    RCSB 
_pdbx_database_status.process_site                    RCSB 
_pdbx_database_status.status_code_cs                  ? 
_pdbx_database_status.methods_development_category    ? 
_pdbx_database_status.pdb_format_compatible           Y 
_pdbx_database_status.status_code_nmr_data            ? 
# 
loop_
_audit_author.name 
_audit_author.pdbx_ordinal 
'Liu, Y.'                              1 
'Tempel, W.'                           2 
'Bountra, C.'                          3 
'Arrowsmith, C.H.'                     4 
'Edwards, A.M.'                        5 
'Min, J.'                              6 
'Structural Genomics Consortium (SGC)' 7 
# 
_citation.abstract                  ? 
_citation.abstract_id_CAS           ? 
_citation.book_id_ISBN              ? 
_citation.book_publisher            ? 
_citation.book_publisher_city       ? 
_citation.book_title                ? 
_citation.coordinate_linkage        ? 
_citation.country                   ? 
_citation.database_id_Medline       ? 
_citation.details                   ? 
_citation.id                        primary 
_citation.journal_abbrev            'To Be Published' 
_citation.journal_id_ASTM           ? 
_citation.journal_id_CSD            0353 
_citation.journal_id_ISSN           ? 
_citation.journal_full              ? 
_citation.journal_issue             ? 
_citation.journal_volume            ? 
_citation.language                  ? 
_citation.page_first                ? 
_citation.page_last                 ? 
_citation.title                     'chromo shadow domain of CBX1 in complex with a histone peptide' 
_citation.year                      ? 
_citation.database_id_CSD           ? 
_citation.pdbx_database_id_DOI      ? 
_citation.pdbx_database_id_PubMed   ? 
_citation.unpublished_flag          ? 
# 
loop_
_citation_author.citation_id 
_citation_author.name 
_citation_author.ordinal 
_citation_author.identifier_ORCID 
primary 'Liu, Y.'          1 ? 
primary 'Tempel, W.'       2 ? 
primary 'Bountra, C.'      3 ? 
primary 'Arrowsmith, C.H.' 4 ? 
primary 'Edwards, A.M.'    5 ? 
primary 'Min, J.'          6 ? 
# 
_cell.angle_alpha                  90.000 
_cell.angle_alpha_esd              ? 
_cell.angle_beta                   90.000 
_cell.angle_beta_esd               ? 
_cell.angle_gamma                  90.000 
_cell.angle_gamma_esd              ? 
_cell.entry_id                     5T1G 
_cell.details                      ? 
_cell.formula_units_Z              ? 
_cell.length_a                     69.657 
_cell.length_a_esd                 ? 
_cell.length_b                     76.887 
_cell.length_b_esd                 ? 
_cell.length_c                     78.100 
_cell.length_c_esd                 ? 
_cell.volume                       ? 
_cell.volume_esd                   ? 
_cell.Z_PDB                        16 
_cell.reciprocal_angle_alpha       ? 
_cell.reciprocal_angle_beta        ? 
_cell.reciprocal_angle_gamma       ? 
_cell.reciprocal_angle_alpha_esd   ? 
_cell.reciprocal_angle_beta_esd    ? 
_cell.reciprocal_angle_gamma_esd   ? 
_cell.reciprocal_length_a          ? 
_cell.reciprocal_length_b          ? 
_cell.reciprocal_length_c          ? 
_cell.reciprocal_length_a_esd      ? 
_cell.reciprocal_length_b_esd      ? 
_cell.reciprocal_length_c_esd      ? 
_cell.pdbx_unique_axis             ? 
# 
_symmetry.entry_id                         5T1G 
_symmetry.cell_setting                     ? 
_symmetry.Int_Tables_number                22 
_symmetry.space_group_name_Hall            ? 
_symmetry.space_group_name_H-M             'F 2 2 2' 
_symmetry.pdbx_full_space_group_name_H-M   ? 
# 
loop_
_entity.id 
_entity.type 
_entity.src_method 
_entity.pdbx_description 
_entity.formula_weight 
_entity.pdbx_number_of_molecules 
_entity.pdbx_ec 
_entity.pdbx_mutation 
_entity.pdbx_fragment 
_entity.details 
1 polymer     man 'Chromobox protein homolog 1' 9030.041 1  ? ? 'unp residues 108-185' ? 
2 polymer     syn 'Histone H3.1'                1867.186 1  ? ? 'unp residues 39-53'   ? 
3 non-polymer syn 'UNKNOWN ATOM OR ION'         ?        8  ? ? ?                      ? 
4 water       nat water                         18.015   15 ? ? ?                      ? 
# 
loop_
_entity_name_com.entity_id 
_entity_name_com.name 
1 'HP1Hsbeta,Heterochromatin protein 1 homolog beta,HP1 beta,Heterochromatin protein p25,M31,Modifier 1 protein,p25beta' 
2 'Histone H3/a,Histone H3/b,Histone H3/c'                                                                               
# 
loop_
_entity_poly.entity_id 
_entity_poly.type 
_entity_poly.nstd_linkage 
_entity_poly.nstd_monomer 
_entity_poly.pdbx_seq_one_letter_code 
_entity_poly.pdbx_seq_one_letter_code_can 
_entity_poly.pdbx_strand_id 
_entity_poly.pdbx_target_identifier 
1 'polypeptide(L)' no no  GEKPRGFARGLEPERIIGATDSSGELMFLMKWKNSDEADLVPAKEANVKCPQVVISFYEERLTWHSYPSEDDDKKDDKN 
GEKPRGFARGLEPERIIGATDSSGELMFLMKWKNSDEADLVPAKEANVKCPQVVISFYEERLTWHSYPSEDDDKKDDKN A ? 
2 'polypeptide(L)' no yes '(N7P)HRYRPGTVALREI(AAR)'                                                       PHRYRPGTVALREIR B ? 
# 
loop_
_entity_poly_seq.entity_id 
_entity_poly_seq.num 
_entity_poly_seq.mon_id 
_entity_poly_seq.hetero 
1 1  GLY n 
1 2  GLU n 
1 3  LYS n 
1 4  PRO n 
1 5  ARG n 
1 6  GLY n 
1 7  PHE n 
1 8  ALA n 
1 9  ARG n 
1 10 GLY n 
1 11 LEU n 
1 12 GLU n 
1 13 PRO n 
1 14 GLU n 
1 15 ARG n 
1 16 ILE n 
1 17 ILE n 
1 18 GLY n 
1 19 ALA n 
1 20 THR n 
1 21 ASP n 
1 22 SER n 
1 23 SER n 
1 24 GLY n 
1 25 GLU n 
1 26 LEU n 
1 27 MET n 
1 28 PHE n 
1 29 LEU n 
1 30 MET n 
1 31 LYS n 
1 32 TRP n 
1 33 LYS n 
1 34 ASN n 
1 35 SER n 
1 36 ASP n 
1 37 GLU n 
1 38 ALA n 
1 39 ASP n 
1 40 LEU n 
1 41 VAL n 
1 42 PRO n 
1 43 ALA n 
1 44 LYS n 
1 45 GLU n 
1 46 ALA n 
1 47 ASN n 
1 48 VAL n 
1 49 LYS n 
1 50 CYS n 
1 51 PRO n 
1 52 GLN n 
1 53 VAL n 
1 54 VAL n 
1 55 ILE n 
1 56 SER n 
1 57 PHE n 
1 58 TYR n 
1 59 GLU n 
1 60 GLU n 
1 61 ARG n 
1 62 LEU n 
1 63 THR n 
1 64 TRP n 
1 65 HIS n 
1 66 SER n 
1 67 TYR n 
1 68 PRO n 
1 69 SER n 
1 70 GLU n 
1 71 ASP n 
1 72 ASP n 
1 73 ASP n 
1 74 LYS n 
1 75 LYS n 
1 76 ASP n 
1 77 ASP n 
1 78 LYS n 
1 79 ASN n 
2 1  N7P n 
2 2  HIS n 
2 3  ARG n 
2 4  TYR n 
2 5  ARG n 
2 6  PRO n 
2 7  GLY n 
2 8  THR n 
2 9  VAL n 
2 10 ALA n 
2 11 LEU n 
2 12 ARG n 
2 13 GLU n 
2 14 ILE n 
2 15 AAR n 
# 
_entity_src_gen.entity_id                          1 
_entity_src_gen.pdbx_src_id                        1 
_entity_src_gen.pdbx_alt_source_flag               sample 
_entity_src_gen.pdbx_seq_type                      'Biological sequence' 
_entity_src_gen.pdbx_beg_seq_num                   1 
_entity_src_gen.pdbx_end_seq_num                   79 
_entity_src_gen.gene_src_common_name               Human 
_entity_src_gen.gene_src_genus                     ? 
_entity_src_gen.pdbx_gene_src_gene                 'CBX1, CBX' 
_entity_src_gen.gene_src_species                   ? 
_entity_src_gen.gene_src_strain                    ? 
_entity_src_gen.gene_src_tissue                    ? 
_entity_src_gen.gene_src_tissue_fraction           ? 
_entity_src_gen.gene_src_details                   ? 
_entity_src_gen.pdbx_gene_src_fragment             ? 
_entity_src_gen.pdbx_gene_src_scientific_name      'Homo sapiens' 
_entity_src_gen.pdbx_gene_src_ncbi_taxonomy_id     9606 
_entity_src_gen.pdbx_gene_src_variant              ? 
_entity_src_gen.pdbx_gene_src_cell_line            ? 
_entity_src_gen.pdbx_gene_src_atcc                 ? 
_entity_src_gen.pdbx_gene_src_organ                ? 
_entity_src_gen.pdbx_gene_src_organelle            ? 
_entity_src_gen.pdbx_gene_src_cell                 ? 
_entity_src_gen.pdbx_gene_src_cellular_location    ? 
_entity_src_gen.host_org_common_name               ? 
_entity_src_gen.pdbx_host_org_scientific_name      'Escherichia coli' 
_entity_src_gen.pdbx_host_org_ncbi_taxonomy_id     469008 
_entity_src_gen.host_org_genus                     ? 
_entity_src_gen.pdbx_host_org_gene                 ? 
_entity_src_gen.pdbx_host_org_organ                ? 
_entity_src_gen.host_org_species                   ? 
_entity_src_gen.pdbx_host_org_tissue               ? 
_entity_src_gen.pdbx_host_org_tissue_fraction      ? 
_entity_src_gen.pdbx_host_org_strain               'BL21(DE3)-V2R-pRARE2' 
_entity_src_gen.pdbx_host_org_variant              ? 
_entity_src_gen.pdbx_host_org_cell_line            ? 
_entity_src_gen.pdbx_host_org_atcc                 ? 
_entity_src_gen.pdbx_host_org_culture_collection   ? 
_entity_src_gen.pdbx_host_org_cell                 ? 
_entity_src_gen.pdbx_host_org_organelle            ? 
_entity_src_gen.pdbx_host_org_cellular_location    ? 
_entity_src_gen.pdbx_host_org_vector_type          ? 
_entity_src_gen.pdbx_host_org_vector               ? 
_entity_src_gen.host_org_details                   ? 
_entity_src_gen.expression_system_id               ? 
_entity_src_gen.plasmid_name                       pET28-MHL 
_entity_src_gen.plasmid_details                    ? 
_entity_src_gen.pdbx_description                   ? 
# 
_pdbx_entity_src_syn.entity_id              2 
_pdbx_entity_src_syn.pdbx_src_id            1 
_pdbx_entity_src_syn.pdbx_alt_source_flag   sample 
_pdbx_entity_src_syn.pdbx_beg_seq_num       1 
_pdbx_entity_src_syn.pdbx_end_seq_num       15 
_pdbx_entity_src_syn.organism_scientific    'Homo sapiens' 
_pdbx_entity_src_syn.organism_common_name   Human 
_pdbx_entity_src_syn.ncbi_taxonomy_id       9606 
_pdbx_entity_src_syn.details                ? 
# 
loop_
_struct_ref.id 
_struct_ref.db_name 
_struct_ref.db_code 
_struct_ref.pdbx_db_accession 
_struct_ref.pdbx_db_isoform 
_struct_ref.entity_id 
_struct_ref.pdbx_seq_one_letter_code 
_struct_ref.pdbx_align_begin 
1 UNP CBX1_HUMAN P83916 ? 1 EKPRGFARGLEPERIIGATDSSGELMFLMKWKNSDEADLVPAKEANVKCPQVVISFYEERLTWHSYPSEDDDKKDDKN 108 
2 UNP H31_HUMAN  P68431 ? 2 PHRYRPGTVALREIR                                                                39  
# 
loop_
_struct_ref_seq.align_id 
_struct_ref_seq.ref_id 
_struct_ref_seq.pdbx_PDB_id_code 
_struct_ref_seq.pdbx_strand_id 
_struct_ref_seq.seq_align_beg 
_struct_ref_seq.pdbx_seq_align_beg_ins_code 
_struct_ref_seq.seq_align_end 
_struct_ref_seq.pdbx_seq_align_end_ins_code 
_struct_ref_seq.pdbx_db_accession 
_struct_ref_seq.db_align_beg 
_struct_ref_seq.pdbx_db_align_beg_ins_code 
_struct_ref_seq.db_align_end 
_struct_ref_seq.pdbx_db_align_end_ins_code 
_struct_ref_seq.pdbx_auth_seq_align_beg 
_struct_ref_seq.pdbx_auth_seq_align_end 
1 1 5T1G A 2 ? 79 ? P83916 108 ? 185 ? 108 185 
2 2 5T1G B 1 ? 15 ? P68431 39  ? 53  ? 38  52  
# 
_struct_ref_seq_dif.align_id                     1 
_struct_ref_seq_dif.pdbx_pdb_id_code             5T1G 
_struct_ref_seq_dif.mon_id                       GLY 
_struct_ref_seq_dif.pdbx_pdb_strand_id           A 
_struct_ref_seq_dif.seq_num                      1 
_struct_ref_seq_dif.pdbx_pdb_ins_code            ? 
_struct_ref_seq_dif.pdbx_seq_db_name             UNP 
_struct_ref_seq_dif.pdbx_seq_db_accession_code   P83916 
_struct_ref_seq_dif.db_mon_id                    ? 
_struct_ref_seq_dif.pdbx_seq_db_seq_num          ? 
_struct_ref_seq_dif.details                      'expression tag' 
_struct_ref_seq_dif.pdbx_auth_seq_num            107 
_struct_ref_seq_dif.pdbx_ordinal                 1 
# 
loop_
_chem_comp.id 
_chem_comp.type 
_chem_comp.mon_nstd_flag 
_chem_comp.name 
_chem_comp.pdbx_synonyms 
_chem_comp.formula 
_chem_comp.formula_weight 
AAR 'L-peptide linking' n ARGININEAMIDE         ?               'C6 H16 N5 O 1'  174.224 
ALA 'L-peptide linking' y ALANINE               ?               'C3 H7 N O2'     89.093  
ARG 'L-peptide linking' y ARGININE              ?               'C6 H15 N4 O2 1' 175.209 
ASN 'L-peptide linking' y ASPARAGINE            ?               'C4 H8 N2 O3'    132.118 
ASP 'L-peptide linking' y 'ASPARTIC ACID'       ?               'C4 H7 N O4'     133.103 
CYS 'L-peptide linking' y CYSTEINE              ?               'C3 H7 N O2 S'   121.158 
GLN 'L-peptide linking' y GLUTAMINE             ?               'C5 H10 N2 O3'   146.144 
GLU 'L-peptide linking' y 'GLUTAMIC ACID'       ?               'C5 H9 N O4'     147.129 
GLY 'peptide linking'   y GLYCINE               ?               'C2 H5 N O2'     75.067  
HIS 'L-peptide linking' y HISTIDINE             ?               'C6 H10 N3 O2 1' 156.162 
HOH non-polymer         . WATER                 ?               'H2 O'           18.015  
ILE 'L-peptide linking' y ISOLEUCINE            ?               'C6 H13 N O2'    131.173 
LEU 'L-peptide linking' y LEUCINE               ?               'C6 H13 N O2'    131.173 
LYS 'L-peptide linking' y LYSINE                ?               'C6 H15 N2 O2 1' 147.195 
MET 'L-peptide linking' y METHIONINE            ?               'C5 H11 N O2 S'  149.211 
N7P 'L-peptide linking' n 1-ACETYL-L-PROLINE    N-ACETYLPROLINE 'C7 H11 N O3'    157.167 
PHE 'L-peptide linking' y PHENYLALANINE         ?               'C9 H11 N O2'    165.189 
PRO 'L-peptide linking' y PROLINE               ?               'C5 H9 N O2'     115.130 
SER 'L-peptide linking' y SERINE                ?               'C3 H7 N O3'     105.093 
THR 'L-peptide linking' y THREONINE             ?               'C4 H9 N O3'     119.119 
TRP 'L-peptide linking' y TRYPTOPHAN            ?               'C11 H12 N2 O2'  204.225 
TYR 'L-peptide linking' y TYROSINE              ?               'C9 H11 N O3'    181.189 
UNX non-polymer         . 'UNKNOWN ATOM OR ION' ?               ?                ?       
VAL 'L-peptide linking' y VALINE                ?               'C5 H11 N O2'    117.146 
# 
_exptl.absorpt_coefficient_mu     ? 
_exptl.absorpt_correction_T_max   ? 
_exptl.absorpt_correction_T_min   ? 
_exptl.absorpt_correction_type    ? 
_exptl.absorpt_process_details    ? 
_exptl.entry_id                   5T1G 
_exptl.crystals_number            1 
_exptl.details                    ? 
_exptl.method                     'X-RAY DIFFRACTION' 
_exptl.method_details             ? 
# 
_exptl_crystal.colour                      ? 
_exptl_crystal.density_diffrn              ? 
_exptl_crystal.density_Matthews            2.20 
_exptl_crystal.density_method              ? 
_exptl_crystal.density_percent_sol         43.99 
_exptl_crystal.description                 ? 
_exptl_crystal.F_000                       ? 
_exptl_crystal.id                          1 
_exptl_crystal.preparation                 ? 
_exptl_crystal.size_max                    ? 
_exptl_crystal.size_mid                    ? 
_exptl_crystal.size_min                    ? 
_exptl_crystal.size_rad                    ? 
_exptl_crystal.colour_lustre               ? 
_exptl_crystal.colour_modifier             ? 
_exptl_crystal.colour_primary              ? 
_exptl_crystal.density_meas                ? 
_exptl_crystal.density_meas_esd            ? 
_exptl_crystal.density_meas_gt             ? 
_exptl_crystal.density_meas_lt             ? 
_exptl_crystal.density_meas_temp           ? 
_exptl_crystal.density_meas_temp_esd       ? 
_exptl_crystal.density_meas_temp_gt        ? 
_exptl_crystal.density_meas_temp_lt        ? 
_exptl_crystal.pdbx_crystal_image_url      ? 
_exptl_crystal.pdbx_crystal_image_format   ? 
_exptl_crystal.pdbx_mosaicity              0.160 
_exptl_crystal.pdbx_mosaicity_esd          ? 
# 
_exptl_crystal_grow.apparatus       ? 
_exptl_crystal_grow.atmosphere      ? 
_exptl_crystal_grow.crystal_id      1 
_exptl_crystal_grow.details         ? 
_exptl_crystal_grow.method          'VAPOR DIFFUSION, SITTING DROP' 
_exptl_crystal_grow.method_ref      ? 
_exptl_crystal_grow.pH              7.5 
_exptl_crystal_grow.pressure        ? 
_exptl_crystal_grow.pressure_esd    ? 
_exptl_crystal_grow.seeding         ? 
_exptl_crystal_grow.seeding_ref     ? 
_exptl_crystal_grow.temp            293 
_exptl_crystal_grow.temp_details    ? 
_exptl_crystal_grow.temp_esd        ? 
_exptl_crystal_grow.time            ? 
_exptl_crystal_grow.pdbx_details    '1.5 M sodium citrate, 0.1 M HEPES' 
_exptl_crystal_grow.pdbx_pH_range   ? 
# 
_diffrn.ambient_environment    ? 
_diffrn.ambient_temp           100 
_diffrn.ambient_temp_details   ? 
_diffrn.ambient_temp_esd       ? 
_diffrn.crystal_id             1 
_diffrn.crystal_support        ? 
_diffrn.crystal_treatment      ? 
_diffrn.details                ? 
_diffrn.id                     1 
_diffrn.ambient_pressure       ? 
_diffrn.ambient_pressure_esd   ? 
_diffrn.ambient_pressure_gt    ? 
_diffrn.ambient_pressure_lt    ? 
_diffrn.ambient_temp_gt        ? 
_diffrn.ambient_temp_lt        ? 
# 
_diffrn_detector.details                      ? 
_diffrn_detector.detector                     CCD 
_diffrn_detector.diffrn_id                    1 
_diffrn_detector.type                         'ADSC QUANTUM 315r' 
_diffrn_detector.area_resol_mean              ? 
_diffrn_detector.dtime                        ? 
_diffrn_detector.pdbx_frames_total            ? 
_diffrn_detector.pdbx_collection_time_total   ? 
_diffrn_detector.pdbx_collection_date         2013-12-12 
# 
_diffrn_radiation.collimation                      ? 
_diffrn_radiation.diffrn_id                        1 
_diffrn_radiation.filter_edge                      ? 
_diffrn_radiation.inhomogeneity                    ? 
_diffrn_radiation.monochromator                    ? 
_diffrn_radiation.polarisn_norm                    ? 
_diffrn_radiation.polarisn_ratio                   ? 
_diffrn_radiation.probe                            ? 
_diffrn_radiation.type                             ? 
_diffrn_radiation.xray_symbol                      ? 
_diffrn_radiation.wavelength_id                    1 
_diffrn_radiation.pdbx_monochromatic_or_laue_m_l   M 
_diffrn_radiation.pdbx_wavelength_list             ? 
_diffrn_radiation.pdbx_wavelength                  ? 
_diffrn_radiation.pdbx_diffrn_protocol             'SINGLE WAVELENGTH' 
_diffrn_radiation.pdbx_analyzer                    ? 
_diffrn_radiation.pdbx_scattering_type             x-ray 
# 
_diffrn_radiation_wavelength.id           1 
_diffrn_radiation_wavelength.wavelength   0.9791827 
_diffrn_radiation_wavelength.wt           1.0 
# 
_diffrn_source.current                     ? 
_diffrn_source.details                     ? 
_diffrn_source.diffrn_id                   1 
_diffrn_source.power                       ? 
_diffrn_source.size                        ? 
_diffrn_source.source                      SYNCHROTRON 
_diffrn_source.target                      ? 
_diffrn_source.type                        'APS BEAMLINE 19-ID' 
_diffrn_source.voltage                     ? 
_diffrn_source.take-off_angle              ? 
_diffrn_source.pdbx_wavelength_list        0.9791827 
_diffrn_source.pdbx_wavelength             ? 
_diffrn_source.pdbx_synchrotron_beamline   19-ID 
_diffrn_source.pdbx_synchrotron_site       APS 
# 
_reflns.B_iso_Wilson_estimate            ? 
_reflns.entry_id                         5T1G 
_reflns.data_reduction_details           ? 
_reflns.data_reduction_method            ? 
_reflns.d_resolution_high                1.800 
_reflns.d_resolution_low                 43.070 
_reflns.details                          ? 
_reflns.limit_h_max                      ? 
_reflns.limit_h_min                      ? 
_reflns.limit_k_max                      ? 
_reflns.limit_k_min                      ? 
_reflns.limit_l_max                      ? 
_reflns.limit_l_min                      ? 
_reflns.number_all                       ? 
_reflns.number_obs                       9891 
_reflns.observed_criterion               ? 
_reflns.observed_criterion_F_max         ? 
_reflns.observed_criterion_F_min         ? 
_reflns.observed_criterion_I_max         ? 
_reflns.observed_criterion_I_min         ? 
_reflns.observed_criterion_sigma_F       ? 
_reflns.observed_criterion_sigma_I       ? 
_reflns.percent_possible_obs             99.900 
_reflns.R_free_details                   ? 
_reflns.Rmerge_F_all                     ? 
_reflns.Rmerge_F_obs                     ? 
_reflns.Friedel_coverage                 ? 
_reflns.number_gt                        ? 
_reflns.threshold_expression             ? 
_reflns.pdbx_redundancy                  7.200 
_reflns.pdbx_Rmerge_I_obs                0.075 
_reflns.pdbx_Rmerge_I_all                ? 
_reflns.pdbx_Rsym_value                  ? 
_reflns.pdbx_netI_over_av_sigmaI         ? 
_reflns.pdbx_netI_over_sigmaI            16.900 
_reflns.pdbx_res_netI_over_av_sigmaI_2   ? 
_reflns.pdbx_res_netI_over_sigmaI_2      ? 
_reflns.pdbx_chi_squared                 ? 
_reflns.pdbx_scaling_rejects             ? 
_reflns.pdbx_d_res_high_opt              ? 
_reflns.pdbx_d_res_low_opt               ? 
_reflns.pdbx_d_res_opt_method            ? 
_reflns.phase_calculation_details        ? 
_reflns.pdbx_Rrim_I_all                  0.081 
_reflns.pdbx_Rpim_I_all                  0.030 
_reflns.pdbx_d_opt                       ? 
_reflns.pdbx_number_measured_all         71509 
_reflns.pdbx_diffrn_id                   1 
_reflns.pdbx_ordinal                     1 
_reflns.pdbx_CC_half                     0.999 
_reflns.pdbx_R_split                     ? 
# 
loop_
_reflns_shell.d_res_high 
_reflns_shell.d_res_low 
_reflns_shell.meanI_over_sigI_all 
_reflns_shell.meanI_over_sigI_obs 
_reflns_shell.number_measured_all 
_reflns_shell.number_measured_obs 
_reflns_shell.number_possible 
_reflns_shell.number_unique_all 
_reflns_shell.number_unique_obs 
_reflns_shell.percent_possible_all 
_reflns_shell.percent_possible_obs 
_reflns_shell.Rmerge_F_all 
_reflns_shell.Rmerge_F_obs 
_reflns_shell.Rmerge_I_all 
_reflns_shell.Rmerge_I_obs 
_reflns_shell.meanI_over_sigI_gt 
_reflns_shell.meanI_over_uI_all 
_reflns_shell.meanI_over_uI_gt 
_reflns_shell.number_measured_gt 
_reflns_shell.number_unique_gt 
_reflns_shell.percent_possible_gt 
_reflns_shell.Rmerge_F_gt 
_reflns_shell.Rmerge_I_gt 
_reflns_shell.pdbx_redundancy 
_reflns_shell.pdbx_Rsym_value 
_reflns_shell.pdbx_chi_squared 
_reflns_shell.pdbx_netI_over_sigmaI_all 
_reflns_shell.pdbx_netI_over_sigmaI_obs 
_reflns_shell.pdbx_Rrim_I_all 
_reflns_shell.pdbx_Rpim_I_all 
_reflns_shell.pdbx_rejects 
_reflns_shell.pdbx_ordinal 
_reflns_shell.pdbx_diffrn_id 
_reflns_shell.pdbx_CC_half 
_reflns_shell.pdbx_R_split 
1.800 1.840  ? 1.300  3905 ? ? 564 ? 99.400 ? ? ? ? 1.478 ? ? ? ? ? ? ? ? 6.900 ? ? ? ? 1.596 0.596 0 1 1 0.788 ? 
9.000 43.070 ? 56.900 525  ? ? 94  ? 97.000 ? ? ? ? 0.028 ? ? ? ? ? ? ? ? 5.600 ? ? ? ? 0.031 0.013 0 2 1 0.997 ? 
# 
_refine.aniso_B[1][1]                            0.4300 
_refine.aniso_B[1][2]                            -0.0000 
_refine.aniso_B[1][3]                            0.0000 
_refine.aniso_B[2][2]                            3.2800 
_refine.aniso_B[2][3]                            -0.0000 
_refine.aniso_B[3][3]                            -3.7100 
_refine.B_iso_max                                80.810 
_refine.B_iso_mean                               34.9270 
_refine.B_iso_min                                20.150 
_refine.correlation_coeff_Fo_to_Fc               0.9440 
_refine.correlation_coeff_Fo_to_Fc_free          0.9360 
_refine.details                                  
;Some C-terminal residues of the CBX1 construct were not observed in the crysal structure. Electron density currently assigned to the histone peptide may instead have arisen from unobserved CBX1 residues. The course of the peptide main chain at the position of histone Arg-49 remains uncertain. In an alternative interpretation of the crystal packing, the histone peptide interacts with histone residues 142..146.
;
_refine.diff_density_max                         ? 
_refine.diff_density_max_esd                     ? 
_refine.diff_density_min                         ? 
_refine.diff_density_min_esd                     ? 
_refine.diff_density_rms                         ? 
_refine.diff_density_rms_esd                     ? 
_refine.entry_id                                 5T1G 
_refine.pdbx_refine_id                           'X-RAY DIFFRACTION' 
_refine.ls_abs_structure_details                 ? 
_refine.ls_abs_structure_Flack                   ? 
_refine.ls_abs_structure_Flack_esd               ? 
_refine.ls_abs_structure_Rogers                  ? 
_refine.ls_abs_structure_Rogers_esd              ? 
_refine.ls_d_res_high                            1.9000 
_refine.ls_d_res_low                             43.0700 
_refine.ls_extinction_coef                       ? 
_refine.ls_extinction_coef_esd                   ? 
_refine.ls_extinction_expression                 ? 
_refine.ls_extinction_method                     ? 
_refine.ls_goodness_of_fit_all                   ? 
_refine.ls_goodness_of_fit_all_esd               ? 
_refine.ls_goodness_of_fit_obs                   ? 
_refine.ls_goodness_of_fit_obs_esd               ? 
_refine.ls_hydrogen_treatment                    ? 
_refine.ls_matrix_type                           ? 
_refine.ls_number_constraints                    ? 
_refine.ls_number_parameters                     ? 
_refine.ls_number_reflns_all                     ? 
_refine.ls_number_reflns_obs                     7611 
_refine.ls_number_reflns_R_free                  839 
_refine.ls_number_reflns_R_work                  ? 
_refine.ls_number_restraints                     ? 
_refine.ls_percent_reflns_obs                    99.8800 
_refine.ls_percent_reflns_R_free                 9.9000 
_refine.ls_R_factor_all                          ? 
_refine.ls_R_factor_obs                          0.2156 
_refine.ls_R_factor_R_free                       0.2431 
_refine.ls_R_factor_R_free_error                 ? 
_refine.ls_R_factor_R_free_error_details         ? 
_refine.ls_R_factor_R_work                       0.2126 
_refine.ls_R_Fsqd_factor_obs                     ? 
_refine.ls_R_I_factor_obs                        ? 
_refine.ls_redundancy_reflns_all                 ? 
_refine.ls_redundancy_reflns_obs                 ? 
_refine.ls_restrained_S_all                      ? 
_refine.ls_restrained_S_obs                      ? 
_refine.ls_shift_over_esd_max                    ? 
_refine.ls_shift_over_esd_mean                   ? 
_refine.ls_structure_factor_coef                 ? 
_refine.ls_weighting_details                     ? 
_refine.ls_weighting_scheme                      ? 
_refine.ls_wR_factor_all                         ? 
_refine.ls_wR_factor_obs                         ? 
_refine.ls_wR_factor_R_free                      ? 
_refine.ls_wR_factor_R_work                      ? 
_refine.occupancy_max                            ? 
_refine.occupancy_min                            ? 
_refine.solvent_model_details                    MASK 
_refine.solvent_model_param_bsol                 ? 
_refine.solvent_model_param_ksol                 ? 
_refine.ls_R_factor_gt                           ? 
_refine.ls_goodness_of_fit_gt                    ? 
_refine.ls_goodness_of_fit_ref                   ? 
_refine.ls_shift_over_su_max                     ? 
_refine.ls_shift_over_su_max_lt                  ? 
_refine.ls_shift_over_su_mean                    ? 
_refine.ls_shift_over_su_mean_lt                 ? 
_refine.pdbx_ls_sigma_I                          ? 
_refine.pdbx_ls_sigma_F                          0.000 
_refine.pdbx_ls_sigma_Fsqd                       ? 
_refine.pdbx_data_cutoff_high_absF               ? 
_refine.pdbx_data_cutoff_high_rms_absF           ? 
_refine.pdbx_data_cutoff_low_absF                ? 
_refine.pdbx_isotropic_thermal_model             ? 
_refine.pdbx_ls_cross_valid_method               THROUGHOUT 
_refine.pdbx_method_to_determine_struct          'MOLECULAR REPLACEMENT' 
_refine.pdbx_starting_model                      'pdb entry 2FMM' 
_refine.pdbx_stereochemistry_target_values       'MAXIMUM LIKELIHOOD' 
_refine.pdbx_R_Free_selection_details            ? 
_refine.pdbx_stereochem_target_val_spec_case     ? 
_refine.pdbx_overall_ESU_R                       0.1310 
_refine.pdbx_overall_ESU_R_Free                  0.1270 
_refine.pdbx_solvent_vdw_probe_radii             1.2000 
_refine.pdbx_solvent_ion_probe_radii             0.8000 
_refine.pdbx_solvent_shrinkage_radii             0.8000 
_refine.pdbx_real_space_R                        ? 
_refine.pdbx_density_correlation                 ? 
_refine.pdbx_pd_number_of_powder_patterns        ? 
_refine.pdbx_pd_number_of_points                 ? 
_refine.pdbx_pd_meas_number_of_points            ? 
_refine.pdbx_pd_proc_ls_prof_R_factor            ? 
_refine.pdbx_pd_proc_ls_prof_wR_factor           ? 
_refine.pdbx_pd_Marquardt_correlation_coeff      ? 
_refine.pdbx_pd_Fsqrd_R_factor                   ? 
_refine.pdbx_pd_ls_matrix_band_width             ? 
_refine.pdbx_overall_phase_error                 ? 
_refine.pdbx_overall_SU_R_free_Cruickshank_DPI   ? 
_refine.pdbx_overall_SU_R_free_Blow_DPI          ? 
_refine.pdbx_overall_SU_R_Blow_DPI               ? 
_refine.pdbx_TLS_residual_ADP_flag               ? 
_refine.pdbx_diffrn_id                           1 
_refine.overall_SU_B                             7.8410 
_refine.overall_SU_ML                            0.1080 
_refine.overall_SU_R_Cruickshank_DPI             ? 
_refine.overall_SU_R_free                        ? 
_refine.overall_FOM_free_R_set                   ? 
_refine.overall_FOM_work_R_set                   ? 
_refine.pdbx_average_fsc_overall                 ? 
_refine.pdbx_average_fsc_work                    ? 
_refine.pdbx_average_fsc_free                    ? 
# 
_refine_hist.cycle_id                         final 
_refine_hist.pdbx_refine_id                   'X-RAY DIFFRACTION' 
_refine_hist.d_res_high                       1.9000 
_refine_hist.d_res_low                        43.0700 
_refine_hist.pdbx_number_atoms_ligand         8 
_refine_hist.number_atoms_solvent             15 
_refine_hist.number_atoms_total               510 
_refine_hist.pdbx_number_residues_total       68 
_refine_hist.pdbx_B_iso_mean_ligand           33.19 
_refine_hist.pdbx_B_iso_mean_solvent          37.86 
_refine_hist.pdbx_number_atoms_protein        487 
_refine_hist.pdbx_number_atoms_nucleic_acid   0 
# 
loop_
_refine_ls_restr.pdbx_refine_id 
_refine_ls_restr.criterion 
_refine_ls_restr.dev_ideal 
_refine_ls_restr.dev_ideal_target 
_refine_ls_restr.number 
_refine_ls_restr.rejects 
_refine_ls_restr.type 
_refine_ls_restr.weight 
_refine_ls_restr.pdbx_restraint_function 
'X-RAY DIFFRACTION' ? 0.012  0.019  521  ? r_bond_refined_d       ? ? 
'X-RAY DIFFRACTION' ? 0.002  0.020  485  ? r_bond_other_d         ? ? 
'X-RAY DIFFRACTION' ? 1.480  1.973  711  ? r_angle_refined_deg    ? ? 
'X-RAY DIFFRACTION' ? 0.931  3.000  1118 ? r_angle_other_deg      ? ? 
'X-RAY DIFFRACTION' ? 5.847  5.000  72   ? r_dihedral_angle_1_deg ? ? 
'X-RAY DIFFRACTION' ? 37.498 24.762 21   ? r_dihedral_angle_2_deg ? ? 
'X-RAY DIFFRACTION' ? 10.735 15.000 82   ? r_dihedral_angle_3_deg ? ? 
'X-RAY DIFFRACTION' ? 2.403  15.000 3    ? r_dihedral_angle_4_deg ? ? 
'X-RAY DIFFRACTION' ? 0.090  0.200  80   ? r_chiral_restr         ? ? 
'X-RAY DIFFRACTION' ? 0.006  0.021  613  ? r_gen_planes_refined   ? ? 
'X-RAY DIFFRACTION' ? 0.002  0.020  110  ? r_gen_planes_other     ? ? 
'X-RAY DIFFRACTION' ? 1.275  2.530  277  ? r_mcbond_it            ? ? 
'X-RAY DIFFRACTION' ? 1.275  2.538  278  ? r_mcbond_other         ? ? 
'X-RAY DIFFRACTION' ? 2.065  3.770  348  ? r_mcangle_it           ? ? 
# 
_refine_ls_shell.pdbx_refine_id                   'X-RAY DIFFRACTION' 
_refine_ls_shell.d_res_high                       1.9000 
_refine_ls_shell.d_res_low                        1.9490 
_refine_ls_shell.number_reflns_all                613 
_refine_ls_shell.number_reflns_obs                ? 
_refine_ls_shell.number_reflns_R_free             57 
_refine_ls_shell.number_reflns_R_work             556 
_refine_ls_shell.percent_reflns_obs               99.8400 
_refine_ls_shell.percent_reflns_R_free            ? 
_refine_ls_shell.R_factor_all                     ? 
_refine_ls_shell.R_factor_obs                     ? 
_refine_ls_shell.R_factor_R_free                  0.2840 
_refine_ls_shell.R_factor_R_free_error            ? 
_refine_ls_shell.R_factor_R_work                  0.2950 
_refine_ls_shell.redundancy_reflns_all            ? 
_refine_ls_shell.redundancy_reflns_obs            ? 
_refine_ls_shell.wR_factor_all                    ? 
_refine_ls_shell.wR_factor_obs                    ? 
_refine_ls_shell.wR_factor_R_free                 ? 
_refine_ls_shell.wR_factor_R_work                 ? 
_refine_ls_shell.pdbx_total_number_of_bins_used   20 
_refine_ls_shell.pdbx_phase_error                 ? 
_refine_ls_shell.pdbx_fsc_work                    ? 
_refine_ls_shell.pdbx_fsc_free                    ? 
# 
_struct.entry_id                     5T1G 
_struct.title                        'chromo shadow domain of CBX1 in complex with a histone peptide' 
_struct.pdbx_model_details           ? 
_struct.pdbx_formula_weight          ? 
_struct.pdbx_formula_weight_method   ? 
_struct.pdbx_model_type_details      ? 
_struct.pdbx_CASP_flag               N 
# 
_struct_keywords.entry_id        5T1G 
_struct_keywords.text            'chromo shadow domain, structural genomics consortium, SGC, TRANSCRIPTION' 
_struct_keywords.pdbx_keywords   TRANSCRIPTION 
# 
loop_
_struct_asym.id 
_struct_asym.pdbx_blank_PDB_chainid_flag 
_struct_asym.pdbx_modified 
_struct_asym.entity_id 
_struct_asym.details 
A N N 1 ? 
B N N 2 ? 
C N N 3 ? 
D N N 3 ? 
E N N 3 ? 
F N N 3 ? 
G N N 3 ? 
H N N 3 ? 
I N N 3 ? 
J N N 3 ? 
K N N 4 ? 
# 
_struct_biol.id        1 
_struct_biol.details   
;Authors are unsure about the biological significance of the interaction observed in the asymmetric unit. CSD dimer has been assigned as for the PDB entry 1DZ1
;
# 
loop_
_struct_conf.conf_type_id 
_struct_conf.id 
_struct_conf.pdbx_PDB_helix_id 
_struct_conf.beg_label_comp_id 
_struct_conf.beg_label_asym_id 
_struct_conf.beg_label_seq_id 
_struct_conf.pdbx_beg_PDB_ins_code 
_struct_conf.end_label_comp_id 
_struct_conf.end_label_asym_id 
_struct_conf.end_label_seq_id 
_struct_conf.pdbx_end_PDB_ins_code 
_struct_conf.beg_auth_comp_id 
_struct_conf.beg_auth_asym_id 
_struct_conf.beg_auth_seq_id 
_struct_conf.end_auth_comp_id 
_struct_conf.end_auth_asym_id 
_struct_conf.end_auth_seq_id 
_struct_conf.pdbx_PDB_helix_class 
_struct_conf.details 
_struct_conf.pdbx_PDB_helix_length 
HELX_P HELX_P1 AA1 ARG A 5  ? GLY A 10 ? ARG A 111 GLY A 116 5 ? 6  
HELX_P HELX_P2 AA2 ALA A 43 ? CYS A 50 ? ALA A 149 CYS A 156 1 ? 8  
HELX_P HELX_P3 AA3 CYS A 50 ? LEU A 62 ? CYS A 156 LEU A 168 1 ? 13 
# 
_struct_conf_type.id          HELX_P 
_struct_conf_type.criteria    ? 
_struct_conf_type.reference   ? 
# 
_struct_sheet.id               AA1 
_struct_sheet.type             ? 
_struct_sheet.number_strands   4 
_struct_sheet.details          ? 
# 
loop_
_struct_sheet_order.sheet_id 
_struct_sheet_order.range_id_1 
_struct_sheet_order.range_id_2 
_struct_sheet_order.offset 
_struct_sheet_order.sense 
AA1 1 2 ? anti-parallel 
AA1 2 3 ? anti-parallel 
AA1 3 4 ? anti-parallel 
# 
loop_
_struct_sheet_range.sheet_id 
_struct_sheet_range.id 
_struct_sheet_range.beg_label_comp_id 
_struct_sheet_range.beg_label_asym_id 
_struct_sheet_range.beg_label_seq_id 
_struct_sheet_range.pdbx_beg_PDB_ins_code 
_struct_sheet_range.end_label_comp_id 
_struct_sheet_range.end_label_asym_id 
_struct_sheet_range.end_label_seq_id 
_struct_sheet_range.pdbx_end_PDB_ins_code 
_struct_sheet_range.beg_auth_comp_id 
_struct_sheet_range.beg_auth_asym_id 
_struct_sheet_range.beg_auth_seq_id 
_struct_sheet_range.end_auth_comp_id 
_struct_sheet_range.end_auth_asym_id 
_struct_sheet_range.end_auth_seq_id 
AA1 1 ASP A 39 ? PRO A 42 ? ASP A 145 PRO A 148 
AA1 2 MET A 27 ? TRP A 32 ? MET A 133 TRP A 138 
AA1 3 PRO A 13 ? THR A 20 ? PRO A 119 THR A 126 
AA1 4 ALA B 10 ? LEU B 11 ? ALA B 47  LEU B 48  
# 
loop_
_pdbx_struct_sheet_hbond.sheet_id 
_pdbx_struct_sheet_hbond.range_id_1 
_pdbx_struct_sheet_hbond.range_id_2 
_pdbx_struct_sheet_hbond.range_1_label_atom_id 
_pdbx_struct_sheet_hbond.range_1_label_comp_id 
_pdbx_struct_sheet_hbond.range_1_label_asym_id 
_pdbx_struct_sheet_hbond.range_1_label_seq_id 
_pdbx_struct_sheet_hbond.range_1_PDB_ins_code 
_pdbx_struct_sheet_hbond.range_1_auth_atom_id 
_pdbx_struct_sheet_hbond.range_1_auth_comp_id 
_pdbx_struct_sheet_hbond.range_1_auth_asym_id 
_pdbx_struct_sheet_hbond.range_1_auth_seq_id 
_pdbx_struct_sheet_hbond.range_2_label_atom_id 
_pdbx_struct_sheet_hbond.range_2_label_comp_id 
_pdbx_struct_sheet_hbond.range_2_label_asym_id 
_pdbx_struct_sheet_hbond.range_2_label_seq_id 
_pdbx_struct_sheet_hbond.range_2_PDB_ins_code 
_pdbx_struct_sheet_hbond.range_2_auth_atom_id 
_pdbx_struct_sheet_hbond.range_2_auth_comp_id 
_pdbx_struct_sheet_hbond.range_2_auth_asym_id 
_pdbx_struct_sheet_hbond.range_2_auth_seq_id 
AA1 1 2 O VAL A 41 ? O VAL A 147 N PHE A 28 ? N PHE A 134 
AA1 2 3 O LEU A 29 ? O LEU A 135 N ILE A 17 ? N ILE A 123 
AA1 3 4 N ALA A 19 ? N ALA A 125 O ALA B 10 ? O ALA B 47  
# 
_atom_sites.entry_id                    5T1G 
_atom_sites.fract_transf_matrix[1][1]   -0.00395061 
_atom_sites.fract_transf_matrix[1][2]   -0.00961993 
_atom_sites.fract_transf_matrix[1][3]   -0.00989669 
_atom_sites.fract_transf_matrix[2][1]   -0.01029758 
_atom_sites.fract_transf_matrix[2][2]   0.00734462 
_atom_sites.fract_transf_matrix[2][3]   -0.00302859 
_atom_sites.fract_transf_matrix[3][1]   0.00698250 
_atom_sites.fract_transf_matrix[3][2]   0.00616817 
_atom_sites.fract_transf_matrix[3][3]   -0.00878298 
_atom_sites.fract_transf_vector[1]      0.082449 
_atom_sites.fract_transf_vector[2]      -0.300813 
_atom_sites.fract_transf_vector[3]      -0.096122 
# 
loop_
_atom_type.symbol 
C 
N 
O 
S 
X 
# 
loop_
_atom_site.group_PDB 
_atom_site.id 
_atom_site.type_symbol 
_atom_site.label_atom_id 
_atom_site.label_alt_id 
_atom_site.label_comp_id 
_atom_site.label_asym_id 
_atom_site.label_entity_id 
_atom_site.label_seq_id 
_atom_site.pdbx_PDB_ins_code 
_atom_site.Cartn_x 
_atom_site.Cartn_y 
_atom_site.Cartn_z 
_atom_site.occupancy 
_atom_site.B_iso_or_equiv 
_atom_site.pdbx_formal_charge 
_atom_site.auth_seq_id 
_atom_site.auth_comp_id 
_atom_site.auth_asym_id 
_atom_site.auth_atom_id 
_atom_site.pdbx_PDB_model_num 
ATOM   1   C CA  . GLU A 1 2  ? 9.092   -2.447  18.708  1.00 80.81 ? 108 GLU A CA  1 
ATOM   2   C C   . GLU A 1 2  ? 7.730   -2.132  18.070  1.00 77.20 ? 108 GLU A C   1 
ATOM   3   O O   . GLU A 1 2  ? 6.890   -3.027  17.915  1.00 77.04 ? 108 GLU A O   1 
ATOM   4   N N   . LYS A 1 3  ? 7.541   -0.868  17.670  1.00 73.98 ? 109 LYS A N   1 
ATOM   5   C CA  . LYS A 1 3  ? 6.234   -0.332  17.210  1.00 68.50 ? 109 LYS A CA  1 
ATOM   6   C C   . LYS A 1 3  ? 5.675   -0.936  15.903  1.00 63.11 ? 109 LYS A C   1 
ATOM   7   O O   . LYS A 1 3  ? 6.367   -0.936  14.889  1.00 62.69 ? 109 LYS A O   1 
ATOM   8   C CB  . LYS A 1 3  ? 6.331   1.183   17.007  1.00 69.06 ? 109 LYS A CB  1 
ATOM   9   N N   . PRO A 1 4  ? 4.403   -1.397  15.909  1.00 58.06 ? 110 PRO A N   1 
ATOM   10  C CA  . PRO A 1 4  ? 3.773   -2.034  14.751  1.00 53.02 ? 110 PRO A CA  1 
ATOM   11  C C   . PRO A 1 4  ? 3.904   -1.281  13.457  1.00 48.39 ? 110 PRO A C   1 
ATOM   12  O O   . PRO A 1 4  ? 3.851   -0.055  13.453  1.00 47.69 ? 110 PRO A O   1 
ATOM   13  C CB  . PRO A 1 4  ? 2.297   -2.085  15.142  1.00 52.37 ? 110 PRO A CB  1 
ATOM   14  C CG  . PRO A 1 4  ? 2.301   -2.145  16.617  1.00 55.73 ? 110 PRO A CG  1 
ATOM   15  C CD  . PRO A 1 4  ? 3.527   -1.448  17.096  1.00 58.64 ? 110 PRO A CD  1 
ATOM   16  N N   . ARG A 1 5  ? 4.061   -2.028  12.367  1.00 45.94 ? 111 ARG A N   1 
ATOM   17  C CA  . ARG A 1 5  ? 4.151   -1.489  11.026  1.00 42.79 ? 111 ARG A CA  1 
ATOM   18  C C   . ARG A 1 5  ? 3.161   -2.215  10.133  1.00 39.90 ? 111 ARG A C   1 
ATOM   19  O O   . ARG A 1 5  ? 2.821   -3.377  10.386  1.00 39.80 ? 111 ARG A O   1 
ATOM   20  C CB  . ARG A 1 5  ? 5.569   -1.681  10.470  1.00 45.62 ? 111 ARG A CB  1 
ATOM   21  N N   . GLY A 1 6  ? 2.687   -1.505  9.115   1.00 35.36 ? 112 GLY A N   1 
ATOM   22  C CA  . GLY A 1 6  ? 1.859   -2.060  8.064   1.00 34.04 ? 112 GLY A CA  1 
ATOM   23  C C   . GLY A 1 6  ? 0.467   -2.480  8.542   1.00 32.26 ? 112 GLY A C   1 
ATOM   24  O O   . GLY A 1 6  ? -0.174  -1.771  9.352   1.00 31.26 ? 112 GLY A O   1 
ATOM   25  N N   . PHE A 1 7  ? 0.020   -3.641  8.058   1.00 31.50 ? 113 PHE A N   1 
ATOM   26  C CA  . PHE A 1 7  ? -1.251  -4.227  8.479   1.00 31.32 ? 113 PHE A CA  1 
ATOM   27  C C   . PHE A 1 7  ? -1.357  -4.497  9.967   1.00 32.98 ? 113 PHE A C   1 
ATOM   28  O O   . PHE A 1 7  ? -2.435  -4.395  10.523  1.00 32.86 ? 113 PHE A O   1 
ATOM   29  C CB  . PHE A 1 7  ? -1.588  -5.467  7.659   1.00 31.44 ? 113 PHE A CB  1 
ATOM   30  C CG  . PHE A 1 7  ? -2.004  -5.142  6.258   1.00 30.70 ? 113 PHE A CG  1 
ATOM   31  C CD1 . PHE A 1 7  ? -3.305  -4.719  5.993   1.00 29.99 ? 113 PHE A CD1 1 
ATOM   32  C CD2 . PHE A 1 7  ? -1.104  -5.220  5.209   1.00 31.10 ? 113 PHE A CD2 1 
ATOM   33  C CE1 . PHE A 1 7  ? -3.707  -4.425  4.711   1.00 29.39 ? 113 PHE A CE1 1 
ATOM   34  C CE2 . PHE A 1 7  ? -1.500  -4.931  3.910   1.00 30.03 ? 113 PHE A CE2 1 
ATOM   35  C CZ  . PHE A 1 7  ? -2.796  -4.530  3.664   1.00 30.07 ? 113 PHE A CZ  1 
ATOM   36  N N   . ALA A 1 8  ? -0.229  -4.761  10.627  1.00 34.81 ? 114 ALA A N   1 
ATOM   37  C CA  . ALA A 1 8  ? -0.198  -4.953  12.067  1.00 37.09 ? 114 ALA A CA  1 
ATOM   38  C C   . ALA A 1 8  ? -0.567  -3.685  12.873  1.00 36.74 ? 114 ALA A C   1 
ATOM   39  O O   . ALA A 1 8  ? -0.771  -3.768  14.074  1.00 35.94 ? 114 ALA A O   1 
ATOM   40  C CB  . ALA A 1 8  ? 1.180   -5.480  12.515  1.00 40.37 ? 114 ALA A CB  1 
ATOM   41  N N   . ARG A 1 9  ? -0.663  -2.520  12.229  1.00 34.34 ? 115 ARG A N   1 
ATOM   42  C CA  . ARG A 1 9  ? -1.160  -1.345  12.939  1.00 35.43 ? 115 ARG A CA  1 
ATOM   43  C C   . ARG A 1 9  ? -2.669  -1.413  13.237  1.00 34.26 ? 115 ARG A C   1 
ATOM   44  O O   . ARG A 1 9  ? -3.156  -0.666  14.069  1.00 33.96 ? 115 ARG A O   1 
ATOM   45  C CB  . ARG A 1 9  ? -0.817  -0.078  12.177  1.00 35.47 ? 115 ARG A CB  1 
ATOM   46  C CG  . ARG A 1 9  ? 0.690   0.110   12.036  1.00 37.91 ? 115 ARG A CG  1 
ATOM   47  C CD  . ARG A 1 9  ? 1.010   1.155   10.989  1.00 39.26 ? 115 ARG A CD  1 
ATOM   48  N NE  . ARG A 1 9  ? 0.491   2.459   11.368  1.00 40.86 ? 115 ARG A NE  1 
ATOM   49  C CZ  . ARG A 1 9  ? 0.575   3.558   10.619  1.00 42.73 ? 115 ARG A CZ  1 
ATOM   50  N NH1 . ARG A 1 9  ? 1.211   3.554   9.456   1.00 42.73 ? 115 ARG A NH1 1 
ATOM   51  N NH2 . ARG A 1 9  ? 0.026   4.688   11.055  1.00 44.36 ? 115 ARG A NH2 1 
ATOM   52  N N   . GLY A 1 10 ? -3.383  -2.305  12.564  1.00 33.19 ? 116 GLY A N   1 
ATOM   53  C CA  . GLY A 1 10 ? -4.820  -2.504  12.799  1.00 33.86 ? 116 GLY A CA  1 
ATOM   54  C C   . GLY A 1 10 ? -5.692  -1.385  12.265  1.00 32.40 ? 116 GLY A C   1 
ATOM   55  O O   . GLY A 1 10 ? -6.747  -1.103  12.823  1.00 32.73 ? 116 GLY A O   1 
ATOM   56  N N   . LEU A 1 11 ? -5.225  -0.734  11.209  1.00 31.09 ? 117 LEU A N   1 
ATOM   57  C CA  . LEU A 1 11 ? -5.904  0.402   10.606  1.00 31.51 ? 117 LEU A CA  1 
ATOM   58  C C   . LEU A 1 11 ? -6.431  -0.036  9.269   1.00 30.41 ? 117 LEU A C   1 
ATOM   59  O O   . LEU A 1 11 ? -5.786  -0.821  8.600   1.00 29.36 ? 117 LEU A O   1 
ATOM   60  C CB  . LEU A 1 11 ? -4.935  1.559   10.384  1.00 32.37 ? 117 LEU A CB  1 
ATOM   61  C CG  . LEU A 1 11 ? -4.154  2.047   11.594  1.00 34.35 ? 117 LEU A CG  1 
ATOM   62  C CD1 . LEU A 1 11 ? -3.298  3.241   11.173  1.00 34.83 ? 117 LEU A CD1 1 
ATOM   63  C CD2 . LEU A 1 11 ? -5.065  2.392   12.776  1.00 36.33 ? 117 LEU A CD2 1 
ATOM   64  N N   . GLU A 1 12 ? -7.580  0.503   8.876   1.00 31.79 ? 118 GLU A N   1 
ATOM   65  C CA  . GLU A 1 12 ? -8.158  0.268   7.556   1.00 32.00 ? 118 GLU A CA  1 
ATOM   66  C C   . GLU A 1 12 ? -7.280  0.944   6.461   1.00 30.17 ? 118 GLU A C   1 
ATOM   67  O O   . GLU A 1 12 ? -6.931  2.104   6.598   1.00 29.20 ? 118 GLU A O   1 
ATOM   68  C CB  . GLU A 1 12 ? -9.609  0.814   7.496   1.00 35.84 ? 118 GLU A CB  1 
ATOM   69  C CG  . GLU A 1 12 ? -10.265 0.679   6.130   1.00 38.17 ? 118 GLU A CG  1 
ATOM   70  C CD  . GLU A 1 12 ? -11.673 1.228   6.033   1.00 43.90 ? 118 GLU A CD  1 
ATOM   71  O OE1 . GLU A 1 12 ? -12.241 1.731   7.040   1.00 49.46 ? 118 GLU A OE1 1 
ATOM   72  O OE2 . GLU A 1 12 ? -12.222 1.165   4.904   1.00 47.57 ? 118 GLU A OE2 1 
ATOM   73  N N   . PRO A 1 13 ? -6.910  0.212   5.386   1.00 29.18 ? 119 PRO A N   1 
ATOM   74  C CA  . PRO A 1 13 ? -6.206  0.855   4.273   1.00 28.78 ? 119 PRO A CA  1 
ATOM   75  C C   . PRO A 1 13 ? -7.080  1.895   3.603   1.00 30.22 ? 119 PRO A C   1 
ATOM   76  O O   . PRO A 1 13 ? -8.253  1.653   3.400   1.00 33.77 ? 119 PRO A O   1 
ATOM   77  C CB  . PRO A 1 13 ? -5.919  -0.304  3.304   1.00 30.54 ? 119 PRO A CB  1 
ATOM   78  C CG  . PRO A 1 13 ? -6.851  -1.409  3.684   1.00 29.06 ? 119 PRO A CG  1 
ATOM   79  C CD  . PRO A 1 13 ? -7.261  -1.191  5.097   1.00 29.90 ? 119 PRO A CD  1 
ATOM   80  N N   . GLU A 1 14 ? -6.544  3.066   3.292   1.00 30.53 ? 120 GLU A N   1 
ATOM   81  C CA  . GLU A 1 14 ? -7.319  4.079   2.578   1.00 31.34 ? 120 GLU A CA  1 
ATOM   82  C C   . GLU A 1 14 ? -7.028  3.994   1.070   1.00 30.75 ? 120 GLU A C   1 
ATOM   83  O O   . GLU A 1 14 ? -7.923  3.851   0.241   1.00 30.22 ? 120 GLU A O   1 
ATOM   84  C CB  . GLU A 1 14 ? -6.942  5.456   3.117   1.00 33.94 ? 120 GLU A CB  1 
ATOM   85  C CG  . GLU A 1 14 ? -7.647  6.585   2.398   1.00 36.76 ? 120 GLU A CG  1 
ATOM   86  C CD  . GLU A 1 14 ? -7.339  7.913   3.013   1.00 40.68 ? 120 GLU A CD  1 
ATOM   87  O OE1 . GLU A 1 14 ? -7.260  7.980   4.237   1.00 41.05 ? 120 GLU A OE1 1 
ATOM   88  O OE2 . GLU A 1 14 ? -7.147  8.888   2.260   1.00 47.11 ? 120 GLU A OE2 1 
ATOM   89  N N   . ARG A 1 15 ? -5.748  4.096   0.719   1.00 30.14 ? 121 ARG A N   1 
ATOM   90  C CA  . ARG A 1 15 ? -5.344  4.119   -0.676  1.00 31.74 ? 121 ARG A CA  1 
ATOM   91  C C   . ARG A 1 15 ? -3.860  3.816   -0.831  1.00 28.90 ? 121 ARG A C   1 
ATOM   92  O O   . ARG A 1 15 ? -3.050  4.087   0.042   1.00 29.43 ? 121 ARG A O   1 
ATOM   93  C CB  . ARG A 1 15 ? -5.698  5.458   -1.346  1.00 38.01 ? 121 ARG A CB  1 
ATOM   94  C CG  . ARG A 1 15 ? -4.956  6.660   -0.793  1.00 43.43 ? 121 ARG A CG  1 
ATOM   95  C CD  . ARG A 1 15 ? -5.333  7.955   -1.533  1.00 50.36 ? 121 ARG A CD  1 
ATOM   96  N NE  . ARG A 1 15 ? -4.215  8.903   -1.524  1.00 54.74 ? 121 ARG A NE  1 
ATOM   97  C CZ  . ARG A 1 15 ? -3.972  9.854   -0.612  1.00 60.95 ? 121 ARG A CZ  1 
ATOM   98  N NH1 . ARG A 1 15 ? -2.892  10.630  -0.770  1.00 65.23 ? 121 ARG A NH1 1 
ATOM   99  N NH2 . ARG A 1 15 ? -4.784  10.075  0.432   1.00 63.02 ? 121 ARG A NH2 1 
ATOM   100 N N   . ILE A 1 16 ? -3.526  3.226   -1.958  1.00 26.98 ? 122 ILE A N   1 
ATOM   101 C CA  . ILE A 1 16 ? -2.168  2.977   -2.312  1.00 25.84 ? 122 ILE A CA  1 
ATOM   102 C C   . ILE A 1 16 ? -1.604  4.254   -2.928  1.00 26.51 ? 122 ILE A C   1 
ATOM   103 O O   . ILE A 1 16 ? -2.101  4.751   -3.943  1.00 26.38 ? 122 ILE A O   1 
ATOM   104 C CB  . ILE A 1 16 ? -2.045  1.781   -3.272  1.00 25.47 ? 122 ILE A CB  1 
ATOM   105 C CG1 . ILE A 1 16 ? -2.308  0.472   -2.484  1.00 26.45 ? 122 ILE A CG1 1 
ATOM   106 C CG2 . ILE A 1 16 ? -0.666  1.734   -3.892  1.00 25.50 ? 122 ILE A CG2 1 
ATOM   107 C CD1 . ILE A 1 16 ? -2.634  -0.714  -3.365  1.00 27.11 ? 122 ILE A CD1 1 
ATOM   108 N N   . ILE A 1 17 ? -0.523  4.744   -2.337  1.00 27.78 ? 123 ILE A N   1 
ATOM   109 C CA  . ILE A 1 17 ? 0.140   5.967   -2.851  1.00 30.75 ? 123 ILE A CA  1 
ATOM   110 C C   . ILE A 1 17 ? 0.985   5.624   -4.089  1.00 31.01 ? 123 ILE A C   1 
ATOM   111 O O   . ILE A 1 17 ? 1.105   6.413   -5.024  1.00 31.64 ? 123 ILE A O   1 
ATOM   112 C CB  . ILE A 1 17 ? 1.007   6.610   -1.763  1.00 32.34 ? 123 ILE A CB  1 
ATOM   113 C CG1 A ILE A 1 17 ? 0.143   7.058   -0.572  0.60 32.98 ? 123 ILE A CG1 1 
ATOM   114 C CG1 B ILE A 1 17 ? 0.113   7.045   -0.590  0.40 32.52 ? 123 ILE A CG1 1 
ATOM   115 C CG2 . ILE A 1 17 ? 1.800   7.768   -2.336  1.00 35.85 ? 123 ILE A CG2 1 
ATOM   116 C CD1 A ILE A 1 17 ? -0.955  8.035   -0.939  0.60 34.69 ? 123 ILE A CD1 1 
ATOM   117 C CD1 B ILE A 1 17 ? 0.836   7.789   0.504   0.40 34.02 ? 123 ILE A CD1 1 
ATOM   118 N N   . GLY A 1 18 ? 1.609   4.454   -4.053  1.00 29.66 ? 124 GLY A N   1 
ATOM   119 C CA  . GLY A 1 18 ? 2.395   3.994   -5.170  1.00 30.45 ? 124 GLY A CA  1 
ATOM   120 C C   . GLY A 1 18 ? 2.930   2.595   -4.971  1.00 28.75 ? 124 GLY A C   1 
ATOM   121 O O   . GLY A 1 18 ? 2.733   2.002   -3.913  1.00 27.40 ? 124 GLY A O   1 
ATOM   122 N N   . ALA A 1 19 ? 3.669   2.115   -5.967  1.00 29.92 ? 125 ALA A N   1 
ATOM   123 C CA  . ALA A 1 19 ? 4.213   0.749   -5.994  1.00 30.67 ? 125 ALA A CA  1 
ATOM   124 C C   . ALA A 1 19 ? 5.700   0.781   -6.243  1.00 33.15 ? 125 ALA A C   1 
ATOM   125 O O   . ALA A 1 19 ? 6.185   1.680   -6.941  1.00 34.60 ? 125 ALA A O   1 
ATOM   126 C CB  . ALA A 1 19 ? 3.544   -0.041  -7.126  1.00 30.32 ? 125 ALA A CB  1 
ATOM   127 N N   . THR A 1 20 ? 6.415   -0.220  -5.726  1.00 34.35 ? 126 THR A N   1 
ATOM   128 C CA  . THR A 1 20 ? 7.855   -0.397  -5.975  1.00 39.80 ? 126 THR A CA  1 
ATOM   129 C C   . THR A 1 20 ? 8.283   -1.869  -5.879  1.00 42.62 ? 126 THR A C   1 
ATOM   130 O O   . THR A 1 20 ? 7.674   -2.622  -5.146  1.00 39.87 ? 126 THR A O   1 
ATOM   131 C CB  . THR A 1 20 ? 8.715   0.431   -4.990  1.00 42.53 ? 126 THR A CB  1 
ATOM   132 O OG1 . THR A 1 20 ? 10.084  0.129   -5.223  1.00 46.22 ? 126 THR A OG1 1 
ATOM   133 C CG2 . THR A 1 20 ? 8.362   0.123   -3.516  1.00 41.57 ? 126 THR A CG2 1 
ATOM   134 N N   . ASP A 1 21 ? 9.293   -2.268  -6.658  1.00 48.08 ? 127 ASP A N   1 
ATOM   135 C CA  . ASP A 1 21 ? 9.884   -3.617  -6.584  1.00 51.49 ? 127 ASP A CA  1 
ATOM   136 C C   . ASP A 1 21 ? 11.404  -3.571  -6.422  1.00 54.66 ? 127 ASP A C   1 
ATOM   137 O O   . ASP A 1 21 ? 12.090  -4.531  -6.765  1.00 56.85 ? 127 ASP A O   1 
ATOM   138 C CB  . ASP A 1 21 ? 9.427   -4.523  -7.765  1.00 53.32 ? 127 ASP A CB  1 
ATOM   139 C CG  . ASP A 1 21 ? 10.032  -4.133  -9.127  1.00 56.73 ? 127 ASP A CG  1 
ATOM   140 O OD1 . ASP A 1 21 ? 10.634  -3.036  -9.288  1.00 58.06 ? 127 ASP A OD1 1 
ATOM   141 O OD2 . ASP A 1 21 ? 9.880   -4.948  -10.062 1.00 59.14 ? 127 ASP A OD2 1 
ATOM   142 N N   . SER A 1 22 ? 11.906  -2.481  -5.834  1.00 56.69 ? 128 SER A N   1 
ATOM   143 C CA  . SER A 1 22 ? 13.349  -2.280  -5.603  1.00 61.47 ? 128 SER A CA  1 
ATOM   144 C C   . SER A 1 22 ? 13.969  -3.239  -4.560  1.00 63.98 ? 128 SER A C   1 
ATOM   145 O O   . SER A 1 22 ? 15.194  -3.333  -4.479  1.00 68.55 ? 128 SER A O   1 
ATOM   146 C CB  . SER A 1 22 ? 13.637  -0.819  -5.194  1.00 62.06 ? 128 SER A CB  1 
ATOM   147 N N   . SER A 1 23 ? 13.129  -3.953  -3.794  1.00 61.65 ? 129 SER A N   1 
ATOM   148 C CA  . SER A 1 23 ? 13.552  -4.908  -2.738  1.00 62.58 ? 129 SER A CA  1 
ATOM   149 C C   . SER A 1 23 ? 13.612  -6.378  -3.190  1.00 62.66 ? 129 SER A C   1 
ATOM   150 O O   . SER A 1 23 ? 14.028  -7.239  -2.406  1.00 67.01 ? 129 SER A O   1 
ATOM   151 C CB  . SER A 1 23 ? 12.578  -4.839  -1.564  1.00 59.40 ? 129 SER A CB  1 
ATOM   152 O OG  . SER A 1 23 ? 11.330  -5.377  -1.952  1.00 56.54 ? 129 SER A OG  1 
ATOM   153 N N   . GLY A 1 24 ? 13.198  -6.659  -4.426  1.00 58.80 ? 130 GLY A N   1 
ATOM   154 C CA  . GLY A 1 24 ? 13.033  -8.025  -4.897  1.00 58.78 ? 130 GLY A CA  1 
ATOM   155 C C   . GLY A 1 24 ? 11.586  -8.402  -5.144  1.00 53.68 ? 130 GLY A C   1 
ATOM   156 O O   . GLY A 1 24 ? 11.307  -9.154  -6.045  1.00 55.01 ? 130 GLY A O   1 
ATOM   157 N N   . GLU A 1 25 ? 10.661  -7.894  -4.347  1.00 49.42 ? 131 GLU A N   1 
ATOM   158 C CA  . GLU A 1 25 ? 9.252   -8.236  -4.529  1.00 45.79 ? 131 GLU A CA  1 
ATOM   159 C C   . GLU A 1 25 ? 8.413   -6.962  -4.595  1.00 40.49 ? 131 GLU A C   1 
ATOM   160 O O   . GLU A 1 25 ? 8.818   -5.907  -4.133  1.00 38.84 ? 131 GLU A O   1 
ATOM   161 C CB  . GLU A 1 25 ? 8.760   -9.180  -3.405  1.00 47.18 ? 131 GLU A CB  1 
ATOM   162 C CG  . GLU A 1 25 ? 8.499   -8.518  -2.058  1.00 47.68 ? 131 GLU A CG  1 
ATOM   163 C CD  . GLU A 1 25 ? 7.995   -9.488  -0.971  1.00 50.50 ? 131 GLU A CD  1 
ATOM   164 O OE1 . GLU A 1 25 ? 8.842   -9.872  -0.139  1.00 55.37 ? 131 GLU A OE1 1 
ATOM   165 O OE2 . GLU A 1 25 ? 6.775   -9.876  -0.939  1.00 48.52 ? 131 GLU A OE2 1 
ATOM   166 N N   . LEU A 1 26 ? 7.211   -7.094  -5.122  1.00 36.99 ? 132 LEU A N   1 
ATOM   167 C CA  . LEU A 1 26 ? 6.350   -5.964  -5.323  1.00 34.12 ? 132 LEU A CA  1 
ATOM   168 C C   . LEU A 1 26 ? 5.839   -5.492  -3.953  1.00 32.35 ? 132 LEU A C   1 
ATOM   169 O O   . LEU A 1 26 ? 5.374   -6.301  -3.142  1.00 29.90 ? 132 LEU A O   1 
ATOM   170 C CB  . LEU A 1 26 ? 5.209   -6.355  -6.244  1.00 33.40 ? 132 LEU A CB  1 
ATOM   171 C CG  . LEU A 1 26 ? 4.186   -5.289  -6.608  1.00 33.16 ? 132 LEU A CG  1 
ATOM   172 C CD1 . LEU A 1 26 ? 4.864   -4.125  -7.317  1.00 35.27 ? 132 LEU A CD1 1 
ATOM   173 C CD2 . LEU A 1 26 ? 3.077   -5.891  -7.475  1.00 33.15 ? 132 LEU A CD2 1 
ATOM   174 N N   . MET A 1 27 ? 5.938   -4.189  -3.716  1.00 30.90 ? 133 MET A N   1 
ATOM   175 C CA  . MET A 1 27 ? 5.430   -3.571  -2.519  1.00 31.69 ? 133 MET A CA  1 
ATOM   176 C C   . MET A 1 27 ? 4.560   -2.356  -2.854  1.00 28.60 ? 133 MET A C   1 
ATOM   177 O O   . MET A 1 27 ? 4.759   -1.690  -3.878  1.00 28.09 ? 133 MET A O   1 
ATOM   178 C CB  . MET A 1 27 ? 6.617   -3.101  -1.654  1.00 36.22 ? 133 MET A CB  1 
ATOM   179 C CG  . MET A 1 27 ? 7.692   -4.126  -1.349  1.00 41.29 ? 133 MET A CG  1 
ATOM   180 S SD  . MET A 1 27 ? 7.254   -5.228  -0.003  1.00 46.98 ? 133 MET A SD  1 
ATOM   181 C CE  . MET A 1 27 ? 7.463   -4.177  1.428   1.00 44.95 ? 133 MET A CE  1 
ATOM   182 N N   . PHE A 1 28 ? 3.643   -2.026  -1.967  1.00 26.25 ? 134 PHE A N   1 
ATOM   183 C CA  . PHE A 1 28 ? 2.801   -0.845  -2.115  1.00 25.97 ? 134 PHE A CA  1 
ATOM   184 C C   . PHE A 1 28 ? 3.040   0.104   -0.958  1.00 26.77 ? 134 PHE A C   1 
ATOM   185 O O   . PHE A 1 28 ? 3.062   -0.348  0.201   1.00 27.26 ? 134 PHE A O   1 
ATOM   186 C CB  . PHE A 1 28 ? 1.314   -1.218  -2.075  1.00 24.67 ? 134 PHE A CB  1 
ATOM   187 C CG  . PHE A 1 28 ? 0.855   -2.053  -3.233  1.00 25.05 ? 134 PHE A CG  1 
ATOM   188 C CD1 . PHE A 1 28 ? 1.106   -1.663  -4.527  1.00 25.74 ? 134 PHE A CD1 1 
ATOM   189 C CD2 . PHE A 1 28 ? 0.109   -3.224  -3.015  1.00 25.08 ? 134 PHE A CD2 1 
ATOM   190 C CE1 . PHE A 1 28 ? 0.674   -2.453  -5.609  1.00 26.50 ? 134 PHE A CE1 1 
ATOM   191 C CE2 . PHE A 1 28 ? -0.309  -3.998  -4.084  1.00 24.80 ? 134 PHE A CE2 1 
ATOM   192 C CZ  . PHE A 1 28 ? -0.039  -3.613  -5.379  1.00 25.14 ? 134 PHE A CZ  1 
ATOM   193 N N   . LEU A 1 29 ? 3.172   1.400   -1.253  1.00 27.69 ? 135 LEU A N   1 
ATOM   194 C CA  . LEU A 1 29 ? 3.188   2.451   -0.221  1.00 28.32 ? 135 LEU A CA  1 
ATOM   195 C C   . LEU A 1 29 ? 1.749   2.751   0.151   1.00 27.51 ? 135 LEU A C   1 
ATOM   196 O O   . LEU A 1 29 ? 1.015   3.320   -0.633  1.00 27.16 ? 135 LEU A O   1 
ATOM   197 C CB  . LEU A 1 29 ? 3.906   3.733   -0.664  1.00 30.39 ? 135 LEU A CB  1 
ATOM   198 C CG  . LEU A 1 29 ? 4.074   4.770   0.467   1.00 31.40 ? 135 LEU A CG  1 
ATOM   199 C CD1 . LEU A 1 29 ? 4.853   4.197   1.632   1.00 32.21 ? 135 LEU A CD1 1 
ATOM   200 C CD2 . LEU A 1 29 ? 4.748   6.035   -0.055  1.00 34.31 ? 135 LEU A CD2 1 
ATOM   201 N N   . MET A 1 30 ? 1.337   2.310   1.342   1.00 28.09 ? 136 MET A N   1 
ATOM   202 C CA  . MET A 1 30 ? -0.068  2.341   1.722   1.00 29.21 ? 136 MET A CA  1 
ATOM   203 C C   . MET A 1 30 ? -0.343  3.514   2.654   1.00 29.86 ? 136 MET A C   1 
ATOM   204 O O   . MET A 1 30 ? 0.324   3.656   3.675   1.00 32.73 ? 136 MET A O   1 
ATOM   205 C CB  . MET A 1 30 ? -0.458  1.056   2.475   1.00 29.23 ? 136 MET A CB  1 
ATOM   206 C CG  . MET A 1 30 ? -1.938  0.983   2.821   1.00 30.48 ? 136 MET A CG  1 
ATOM   207 S SD  . MET A 1 30 ? -2.985  0.802   1.356   1.00 31.10 ? 136 MET A SD  1 
ATOM   208 C CE  . MET A 1 30 ? -2.527  -0.872  0.874   1.00 30.90 ? 136 MET A CE  1 
ATOM   209 N N   . LYS A 1 31 ? -1.351  4.301   2.317   1.00 29.34 ? 137 LYS A N   1 
ATOM   210 C CA  . LYS A 1 31 ? -1.910  5.233   3.238   1.00 30.33 ? 137 LYS A CA  1 
ATOM   211 C C   . LYS A 1 31 ? -3.058  4.553   3.974   1.00 30.14 ? 137 LYS A C   1 
ATOM   212 O O   . LYS A 1 31 ? -3.953  3.968   3.360   1.00 29.84 ? 137 LYS A O   1 
ATOM   213 C CB  . LYS A 1 31 ? -2.421  6.488   2.548   1.00 31.94 ? 137 LYS A CB  1 
ATOM   214 C CG  . LYS A 1 31 ? -2.871  7.482   3.609   1.00 33.81 ? 137 LYS A CG  1 
ATOM   215 C CD  . LYS A 1 31 ? -3.479  8.734   3.073   1.00 36.06 ? 137 LYS A CD  1 
ATOM   216 C CE  . LYS A 1 31 ? -3.732  9.720   4.222   1.00 37.21 ? 137 LYS A CE  1 
ATOM   217 N NZ  . LYS A 1 31 ? -4.674  9.143   5.223   1.00 36.44 ? 137 LYS A NZ  1 
ATOM   218 N N   . TRP A 1 32 ? -3.050  4.701   5.289   1.00 31.42 ? 138 TRP A N   1 
ATOM   219 C CA  . TRP A 1 32 ? -4.105  4.179   6.167   1.00 30.48 ? 138 TRP A CA  1 
ATOM   220 C C   . TRP A 1 32 ? -5.087  5.276   6.569   1.00 31.84 ? 138 TRP A C   1 
ATOM   221 O O   . TRP A 1 32 ? -4.703  6.458   6.685   1.00 31.73 ? 138 TRP A O   1 
ATOM   222 C CB  . TRP A 1 32 ? -3.452  3.635   7.449   1.00 31.67 ? 138 TRP A CB  1 
ATOM   223 C CG  . TRP A 1 32 ? -2.347  2.717   7.182   1.00 32.10 ? 138 TRP A CG  1 
ATOM   224 C CD1 . TRP A 1 32 ? -1.025  2.998   7.244   1.00 33.01 ? 138 TRP A CD1 1 
ATOM   225 C CD2 . TRP A 1 32 ? -2.457  1.352   6.766   1.00 30.43 ? 138 TRP A CD2 1 
ATOM   226 N NE1 . TRP A 1 32 ? -0.289  1.884   6.898   1.00 32.62 ? 138 TRP A NE1 1 
ATOM   227 C CE2 . TRP A 1 32 ? -1.148  0.857   6.615   1.00 30.69 ? 138 TRP A CE2 1 
ATOM   228 C CE3 . TRP A 1 32 ? -3.533  0.498   6.547   1.00 29.76 ? 138 TRP A CE3 1 
ATOM   229 C CZ2 . TRP A 1 32 ? -0.879  -0.445  6.203   1.00 30.37 ? 138 TRP A CZ2 1 
ATOM   230 C CZ3 . TRP A 1 32 ? -3.280  -0.822  6.141   1.00 29.48 ? 138 TRP A CZ3 1 
ATOM   231 C CH2 . TRP A 1 32 ? -1.952  -1.276  5.969   1.00 30.20 ? 138 TRP A CH2 1 
ATOM   232 N N   . LYS A 1 33 ? -6.329  4.901   6.871   1.00 31.22 ? 139 LYS A N   1 
ATOM   233 C CA  . LYS A 1 33 ? -7.306  5.888   7.253   1.00 35.12 ? 139 LYS A CA  1 
ATOM   234 C C   . LYS A 1 33 ? -6.852  6.498   8.559   1.00 35.28 ? 139 LYS A C   1 
ATOM   235 O O   . LYS A 1 33 ? -6.284  5.813   9.394   1.00 34.78 ? 139 LYS A O   1 
ATOM   236 C CB  . LYS A 1 33 ? -8.708  5.321   7.438   1.00 37.26 ? 139 LYS A CB  1 
ATOM   237 C CG  . LYS A 1 33 ? -9.218  4.640   6.208   1.00 39.06 ? 139 LYS A CG  1 
ATOM   238 C CD  . LYS A 1 33 ? -10.659 4.958   5.891   1.00 43.65 ? 139 LYS A CD  1 
ATOM   239 C CE  . LYS A 1 33 ? -11.001 4.318   4.548   1.00 44.63 ? 139 LYS A CE  1 
ATOM   240 N NZ  . LYS A 1 33 ? -12.452 4.094   4.327   1.00 48.97 ? 139 LYS A NZ  1 
ATOM   241 N N   . ASN A 1 34 ? -7.070  7.789   8.688   1.00 36.44 ? 140 ASN A N   1 
ATOM   242 C CA  . ASN A 1 34 ? -6.786  8.539   9.901   1.00 38.43 ? 140 ASN A CA  1 
ATOM   243 C C   . ASN A 1 34 ? -5.310  8.566   10.285  1.00 37.63 ? 140 ASN A C   1 
ATOM   244 O O   . ASN A 1 34 ? -4.996  8.857   11.434  1.00 38.69 ? 140 ASN A O   1 
ATOM   245 C CB  . ASN A 1 34 ? -7.640  8.059   11.106  1.00 39.76 ? 140 ASN A CB  1 
ATOM   246 C CG  . ASN A 1 34 ? -9.110  7.977   10.777  1.00 41.27 ? 140 ASN A CG  1 
ATOM   247 O OD1 . ASN A 1 34 ? -9.726  8.963   10.433  1.00 44.46 ? 140 ASN A OD1 1 
ATOM   248 N ND2 . ASN A 1 34 ? -9.668  6.781   10.841  1.00 41.01 ? 140 ASN A ND2 1 
ATOM   249 N N   . SER A 1 35 ? -4.393  8.314   9.345   1.00 35.01 ? 141 SER A N   1 
ATOM   250 C CA  . SER A 1 35 ? -2.976  8.494   9.649   1.00 35.17 ? 141 SER A CA  1 
ATOM   251 C C   . SER A 1 35 ? -2.254  9.149   8.492   1.00 35.26 ? 141 SER A C   1 
ATOM   252 O O   . SER A 1 35 ? -2.519  8.813   7.347   1.00 33.27 ? 141 SER A O   1 
ATOM   253 C CB  . SER A 1 35 ? -2.304  7.168   9.935   1.00 32.97 ? 141 SER A CB  1 
ATOM   254 O OG  . SER A 1 35 ? -0.932  7.397   10.186  1.00 34.36 ? 141 SER A OG  1 
ATOM   255 N N   A ASP A 1 36 ? -1.339  10.063  8.774   0.60 37.55 ? 142 ASP A N   1 
ATOM   256 N N   B ASP A 1 36 ? -1.329  10.048  8.847   0.40 37.65 ? 142 ASP A N   1 
ATOM   257 C CA  A ASP A 1 36 ? -0.491  10.604  7.717   0.60 38.97 ? 142 ASP A CA  1 
ATOM   258 C CA  B ASP A 1 36 ? -0.384  10.703  7.939   0.40 39.26 ? 142 ASP A CA  1 
ATOM   259 C C   A ASP A 1 36 ? 0.871   9.902   7.682   0.60 38.70 ? 142 ASP A C   1 
ATOM   260 C C   B ASP A 1 36 ? 0.802   9.816   7.567   0.40 38.21 ? 142 ASP A C   1 
ATOM   261 O O   A ASP A 1 36 ? 1.822   10.429  7.112   0.60 39.96 ? 142 ASP A O   1 
ATOM   262 O O   B ASP A 1 36 ? 1.564   10.133  6.656   0.40 38.15 ? 142 ASP A O   1 
ATOM   263 C CB  A ASP A 1 36 ? -0.337  12.116  7.860   0.60 42.79 ? 142 ASP A CB  1 
ATOM   264 C CB  B ASP A 1 36 ? 0.211   11.927  8.632   0.40 43.18 ? 142 ASP A CB  1 
ATOM   265 C CG  A ASP A 1 36 ? -1.671  12.866  7.750   0.60 44.21 ? 142 ASP A CG  1 
ATOM   266 C CG  B ASP A 1 36 ? 1.297   11.555  9.640   0.40 44.09 ? 142 ASP A CG  1 
ATOM   267 O OD1 A ASP A 1 36 ? -2.465  12.563  6.834   0.60 42.47 ? 142 ASP A OD1 1 
ATOM   268 O OD1 B ASP A 1 36 ? 0.953   11.080  10.739  0.40 44.54 ? 142 ASP A OD1 1 
ATOM   269 O OD2 A ASP A 1 36 ? -1.901  13.784  8.580   0.60 48.18 ? 142 ASP A OD2 1 
ATOM   270 O OD2 B ASP A 1 36 ? 2.499   11.719  9.331   0.40 45.64 ? 142 ASP A OD2 1 
ATOM   271 N N   . GLU A 1 37 ? 0.949   8.705   8.274   1.00 37.13 ? 143 GLU A N   1 
ATOM   272 C CA  . GLU A 1 37 ? 2.132   7.893   8.243   1.00 37.18 ? 143 GLU A CA  1 
ATOM   273 C C   . GLU A 1 37 ? 1.796   6.692   7.342   1.00 34.51 ? 143 GLU A C   1 
ATOM   274 O O   . GLU A 1 37 ? 0.942   5.887   7.665   1.00 33.72 ? 143 GLU A O   1 
ATOM   275 C CB  A GLU A 1 37 ? 2.465   7.444   9.662   0.50 38.34 ? 143 GLU A CB  1 
ATOM   276 C CB  B GLU A 1 37 ? 2.520   7.419   9.649   0.50 38.43 ? 143 GLU A CB  1 
ATOM   277 C CG  A GLU A 1 37 ? 3.688   6.570   9.776   0.50 38.88 ? 143 GLU A CG  1 
ATOM   278 C CG  B GLU A 1 37 ? 2.929   8.531   10.614  0.50 41.73 ? 143 GLU A CG  1 
ATOM   279 N N   . ALA A 1 38 ? 2.450   6.613   6.194   1.00 33.60 ? 144 ALA A N   1 
ATOM   280 C CA  . ALA A 1 38 ? 2.253   5.531   5.236   1.00 33.26 ? 144 ALA A CA  1 
ATOM   281 C C   . ALA A 1 38 ? 3.382   4.542   5.368   1.00 33.63 ? 144 ALA A C   1 
ATOM   282 O O   . ALA A 1 38 ? 4.495   4.911   5.741   1.00 35.98 ? 144 ALA A O   1 
ATOM   283 C CB  . ALA A 1 38 ? 2.245   6.097   3.811   1.00 33.58 ? 144 ALA A CB  1 
ATOM   284 N N   A ASP A 1 39 ? 3.146   3.288   5.051   0.50 32.31 ? 145 ASP A N   1 
ATOM   285 N N   B ASP A 1 39 ? 3.094   3.285   5.035   0.50 32.28 ? 145 ASP A N   1 
ATOM   286 C CA  A ASP A 1 39 ? 4.276   2.386   4.999   0.50 33.38 ? 145 ASP A CA  1 
ATOM   287 C CA  B ASP A 1 39 ? 4.040   2.164   5.163   0.50 33.11 ? 145 ASP A CA  1 
ATOM   288 C C   A ASP A 1 39 ? 4.125   1.334   3.944   0.50 31.93 ? 145 ASP A C   1 
ATOM   289 C C   B ASP A 1 39 ? 4.121   1.380   3.873   0.50 32.04 ? 145 ASP A C   1 
ATOM   290 O O   A ASP A 1 39 ? 3.025   1.092   3.424   0.50 29.75 ? 145 ASP A O   1 
ATOM   291 O O   B ASP A 1 39 ? 3.127   1.312   3.141   0.50 30.35 ? 145 ASP A O   1 
ATOM   292 C CB  A ASP A 1 39 ? 4.610   1.793   6.374   0.50 34.86 ? 145 ASP A CB  1 
ATOM   293 C CB  B ASP A 1 39 ? 3.539   1.166   6.189   0.50 33.15 ? 145 ASP A CB  1 
ATOM   294 C CG  A ASP A 1 39 ? 3.383   1.366   7.159   0.50 34.09 ? 145 ASP A CG  1 
ATOM   295 C CG  B ASP A 1 39 ? 3.575   1.697   7.597   0.50 34.96 ? 145 ASP A CG  1 
ATOM   296 O OD1 A ASP A 1 39 ? 2.289   1.219   6.567   0.50 32.46 ? 145 ASP A OD1 1 
ATOM   297 O OD1 B ASP A 1 39 ? 4.629   2.202   8.020   0.50 37.49 ? 145 ASP A OD1 1 
ATOM   298 O OD2 A ASP A 1 39 ? 3.535   1.148   8.383   0.50 34.53 ? 145 ASP A OD2 1 
ATOM   299 O OD2 B ASP A 1 39 ? 2.543   1.566   8.283   0.50 34.09 ? 145 ASP A OD2 1 
ATOM   300 N N   . LEU A 1 40 ? 5.263   0.743   3.628   1.00 33.05 ? 146 LEU A N   1 
ATOM   301 C CA  . LEU A 1 40 ? 5.385   -0.247  2.568   1.00 34.24 ? 146 LEU A CA  1 
ATOM   302 C C   . LEU A 1 40 ? 4.784   -1.546  3.046   1.00 33.68 ? 146 LEU A C   1 
ATOM   303 O O   . LEU A 1 40 ? 5.105   -1.995  4.139   1.00 35.05 ? 146 LEU A O   1 
ATOM   304 C CB  . LEU A 1 40 ? 6.847   -0.493  2.215   1.00 36.95 ? 146 LEU A CB  1 
ATOM   305 C CG  . LEU A 1 40 ? 7.541   0.635   1.451   1.00 38.93 ? 146 LEU A CG  1 
ATOM   306 C CD1 . LEU A 1 40 ? 9.022   0.318   1.191   1.00 41.90 ? 146 LEU A CD1 1 
ATOM   307 C CD2 . LEU A 1 40 ? 6.822   0.925   0.132   1.00 37.16 ? 146 LEU A CD2 1 
ATOM   308 N N   . VAL A 1 41 ? 3.921   -2.147  2.234   1.00 31.61 ? 147 VAL A N   1 
ATOM   309 C CA  . VAL A 1 41 ? 3.388   -3.497  2.530   1.00 31.45 ? 147 VAL A CA  1 
ATOM   310 C C   . VAL A 1 41 ? 3.583   -4.401  1.314   1.00 30.33 ? 147 VAL A C   1 
ATOM   311 O O   . VAL A 1 41 ? 3.534   -3.909  0.193   1.00 28.60 ? 147 VAL A O   1 
ATOM   312 C CB  . VAL A 1 41 ? 1.924   -3.468  2.953   1.00 30.51 ? 147 VAL A CB  1 
ATOM   313 C CG1 . VAL A 1 41 ? 1.762   -2.675  4.247   1.00 32.40 ? 147 VAL A CG1 1 
ATOM   314 C CG2 . VAL A 1 41 ? 1.021   -2.872  1.879   1.00 29.19 ? 147 VAL A CG2 1 
ATOM   315 N N   . PRO A 1 42 ? 3.832   -5.702  1.534   1.00 30.95 ? 148 PRO A N   1 
ATOM   316 C CA  . PRO A 1 42 ? 3.917   -6.594  0.379   1.00 31.28 ? 148 PRO A CA  1 
ATOM   317 C C   . PRO A 1 42 ? 2.627   -6.626  -0.405  1.00 29.42 ? 148 PRO A C   1 
ATOM   318 O O   . PRO A 1 42 ? 1.561   -6.670  0.193   1.00 27.86 ? 148 PRO A O   1 
ATOM   319 C CB  . PRO A 1 42 ? 4.216   -7.971  1.001   1.00 33.50 ? 148 PRO A CB  1 
ATOM   320 C CG  . PRO A 1 42 ? 4.799   -7.649  2.336   1.00 34.96 ? 148 PRO A CG  1 
ATOM   321 C CD  . PRO A 1 42 ? 4.040   -6.443  2.798   1.00 33.04 ? 148 PRO A CD  1 
ATOM   322 N N   . ALA A 1 43 ? 2.733   -6.546  -1.736  1.00 29.31 ? 149 ALA A N   1 
ATOM   323 C CA  . ALA A 1 43 ? 1.592   -6.753  -2.602  1.00 29.09 ? 149 ALA A CA  1 
ATOM   324 C C   . ALA A 1 43 ? 0.885   -8.090  -2.285  1.00 30.00 ? 149 ALA A C   1 
ATOM   325 O O   . ALA A 1 43 ? -0.332  -8.118  -2.182  1.00 28.88 ? 149 ALA A O   1 
ATOM   326 C CB  . ALA A 1 43 ? 2.024   -6.729  -4.059  1.00 30.05 ? 149 ALA A CB  1 
ATOM   327 N N   . LYS A 1 44 ? 1.658   -9.148  -2.057  1.00 31.73 ? 150 LYS A N   1 
ATOM   328 C CA  . LYS A 1 44 ? 1.106   -10.469 -1.716  1.00 34.74 ? 150 LYS A CA  1 
ATOM   329 C C   . LYS A 1 44 ? 0.130   -10.425 -0.509  1.00 35.42 ? 150 LYS A C   1 
ATOM   330 O O   . LYS A 1 44 ? -0.858  -11.159 -0.510  1.00 35.22 ? 150 LYS A O   1 
ATOM   331 C CB  . LYS A 1 44 ? 2.233   -11.484 -1.463  1.00 37.78 ? 150 LYS A CB  1 
ATOM   332 N N   . GLU A 1 45 ? 0.390   -9.537  0.468   1.00 33.79 ? 151 GLU A N   1 
ATOM   333 C CA  . GLU A 1 45 ? -0.446  -9.363  1.643   1.00 33.31 ? 151 GLU A CA  1 
ATOM   334 C C   . GLU A 1 45 ? -1.617  -8.414  1.338   1.00 30.31 ? 151 GLU A C   1 
ATOM   335 O O   . GLU A 1 45 ? -2.748  -8.720  1.700   1.00 28.93 ? 151 GLU A O   1 
ATOM   336 C CB  . GLU A 1 45 ? 0.377   -8.790  2.793   1.00 35.31 ? 151 GLU A CB  1 
ATOM   337 C CG  . GLU A 1 45 ? -0.415  -8.538  4.067   1.00 36.59 ? 151 GLU A CG  1 
ATOM   338 C CD  . GLU A 1 45 ? 0.474   -8.170  5.269   1.00 38.83 ? 151 GLU A CD  1 
ATOM   339 O OE1 . GLU A 1 45 ? 1.562   -7.588  5.094   1.00 40.37 ? 151 GLU A OE1 1 
ATOM   340 O OE2 . GLU A 1 45 ? 0.054   -8.418  6.402   1.00 39.21 ? 151 GLU A OE2 1 
ATOM   341 N N   . ALA A 1 46 ? -1.335  -7.282  0.685   1.00 27.11 ? 152 ALA A N   1 
ATOM   342 C CA  . ALA A 1 46 ? -2.380  -6.371  0.265   1.00 25.63 ? 152 ALA A CA  1 
ATOM   343 C C   . ALA A 1 46 ? -3.419  -7.042  -0.679  1.00 25.82 ? 152 ALA A C   1 
ATOM   344 O O   . ALA A 1 46 ? -4.636  -6.789  -0.536  1.00 25.03 ? 152 ALA A O   1 
ATOM   345 C CB  . ALA A 1 46 ? -1.822  -5.120  -0.409  1.00 24.41 ? 152 ALA A CB  1 
ATOM   346 N N   . ASN A 1 47 ? -2.951  -7.848  -1.622  1.00 24.21 ? 153 ASN A N   1 
ATOM   347 C CA  . ASN A 1 47 ? -3.858  -8.548  -2.560  1.00 25.95 ? 153 ASN A CA  1 
ATOM   348 C C   . ASN A 1 47 ? -4.938  -9.329  -1.823  1.00 27.63 ? 153 ASN A C   1 
ATOM   349 O O   . ASN A 1 47 ? -6.079  -9.358  -2.257  1.00 28.09 ? 153 ASN A O   1 
ATOM   350 C CB  . ASN A 1 47 ? -3.109  -9.545  -3.460  1.00 26.44 ? 153 ASN A CB  1 
ATOM   351 C CG  . ASN A 1 47 ? -2.210  -8.889  -4.456  1.00 25.95 ? 153 ASN A CG  1 
ATOM   352 O OD1 . ASN A 1 47 ? -2.263  -7.689  -4.669  1.00 26.48 ? 153 ASN A OD1 1 
ATOM   353 N ND2 . ASN A 1 47 ? -1.347  -9.660  -5.038  1.00 26.03 ? 153 ASN A ND2 1 
ATOM   354 N N   . VAL A 1 48 ? -4.551  -9.969  -0.721  1.00 28.84 ? 154 VAL A N   1 
ATOM   355 C CA  . VAL A 1 48 ? -5.447  -10.782 0.079   1.00 31.67 ? 154 VAL A CA  1 
ATOM   356 C C   . VAL A 1 48 ? -6.273  -9.939  1.060   1.00 30.94 ? 154 VAL A C   1 
ATOM   357 O O   . VAL A 1 48 ? -7.480  -10.166 1.202   1.00 29.67 ? 154 VAL A O   1 
ATOM   358 C CB  . VAL A 1 48 ? -4.650  -11.865 0.869   1.00 35.23 ? 154 VAL A CB  1 
ATOM   359 C CG1 . VAL A 1 48 ? -5.552  -12.656 1.834   1.00 38.06 ? 154 VAL A CG1 1 
ATOM   360 C CG2 . VAL A 1 48 ? -3.979  -12.812 -0.114  1.00 37.68 ? 154 VAL A CG2 1 
ATOM   361 N N   . LYS A 1 49 ? -5.613  -9.032  1.768   1.00 29.15 ? 155 LYS A N   1 
ATOM   362 C CA  . LYS A 1 49 ? -6.243  -8.269  2.851   1.00 30.79 ? 155 LYS A CA  1 
ATOM   363 C C   . LYS A 1 49 ? -7.091  -7.069  2.396   1.00 29.15 ? 155 LYS A C   1 
ATOM   364 O O   . LYS A 1 49 ? -8.027  -6.687  3.076   1.00 29.04 ? 155 LYS A O   1 
ATOM   365 C CB  . LYS A 1 49 ? -5.171  -7.794  3.857   1.00 31.53 ? 155 LYS A CB  1 
ATOM   366 C CG  . LYS A 1 49 ? -4.608  -8.959  4.640   1.00 33.95 ? 155 LYS A CG  1 
ATOM   367 C CD  . LYS A 1 49 ? -3.741  -8.531  5.791   1.00 34.80 ? 155 LYS A CD  1 
ATOM   368 C CE  . LYS A 1 49 ? -3.311  -9.781  6.540   1.00 37.36 ? 155 LYS A CE  1 
ATOM   369 N NZ  . LYS A 1 49 ? -2.151  -9.464  7.383   1.00 39.58 ? 155 LYS A NZ  1 
ATOM   370 N N   . CYS A 1 50 ? -6.769  -6.469  1.256   1.00 27.44 ? 156 CYS A N   1 
ATOM   371 C CA  . CYS A 1 50 ? -7.585  -5.386  0.735   1.00 26.87 ? 156 CYS A CA  1 
ATOM   372 C C   . CYS A 1 50 ? -7.585  -5.374  -0.788  1.00 27.02 ? 156 CYS A C   1 
ATOM   373 O O   . CYS A 1 50 ? -7.101  -4.421  -1.387  1.00 27.23 ? 156 CYS A O   1 
ATOM   374 C CB  . CYS A 1 50 ? -7.131  -4.054  1.335   1.00 27.44 ? 156 CYS A CB  1 
ATOM   375 S SG  . CYS A 1 50 ? -5.377  -3.686  1.080   1.00 27.71 ? 156 CYS A SG  1 
ATOM   376 N N   . PRO A 1 51 ? -8.138  -6.443  -1.426  1.00 26.21 ? 157 PRO A N   1 
ATOM   377 C CA  . PRO A 1 51 ? -8.131  -6.520  -2.888  1.00 26.03 ? 157 PRO A CA  1 
ATOM   378 C C   . PRO A 1 51 ? -8.732  -5.332  -3.578  1.00 25.17 ? 157 PRO A C   1 
ATOM   379 O O   . PRO A 1 51 ? -8.250  -4.950  -4.631  1.00 23.02 ? 157 PRO A O   1 
ATOM   380 C CB  . PRO A 1 51 ? -8.946  -7.799  -3.208  1.00 27.01 ? 157 PRO A CB  1 
ATOM   381 C CG  . PRO A 1 51 ? -9.626  -8.175  -1.924  1.00 28.28 ? 157 PRO A CG  1 
ATOM   382 C CD  . PRO A 1 51 ? -8.703  -7.688  -0.832  1.00 27.23 ? 157 PRO A CD  1 
ATOM   383 N N   . GLN A 1 52 ? -9.796  -4.776  -3.015  1.00 25.21 ? 158 GLN A N   1 
ATOM   384 C CA  . GLN A 1 52 ? -10.480 -3.660  -3.689  1.00 27.41 ? 158 GLN A CA  1 
ATOM   385 C C   . GLN A 1 52 ? -9.595  -2.368  -3.699  1.00 26.58 ? 158 GLN A C   1 
ATOM   386 O O   . GLN A 1 52 ? -9.694  -1.599  -4.648  1.00 26.57 ? 158 GLN A O   1 
ATOM   387 C CB  . GLN A 1 52 ? -11.882 -3.389  -3.119  1.00 29.60 ? 158 GLN A CB  1 
ATOM   388 C CG  . GLN A 1 52 ? -12.872 -4.565  -3.253  1.00 32.07 ? 158 GLN A CG  1 
ATOM   389 C CD  . GLN A 1 52 ? -12.912 -5.167  -4.649  1.00 33.26 ? 158 GLN A CD  1 
ATOM   390 O OE1 . GLN A 1 52 ? -12.994 -4.449  -5.640  1.00 34.24 ? 158 GLN A OE1 1 
ATOM   391 N NE2 . GLN A 1 52 ? -12.819 -6.499  -4.734  1.00 34.24 ? 158 GLN A NE2 1 
ATOM   392 N N   . VAL A 1 53 ? -8.743  -2.206  -2.680  1.00 25.07 ? 159 VAL A N   1 
ATOM   393 C CA  . VAL A 1 53 ? -7.773  -1.082  -2.590  1.00 25.83 ? 159 VAL A CA  1 
ATOM   394 C C   . VAL A 1 53 ? -6.668  -1.258  -3.649  1.00 24.44 ? 159 VAL A C   1 
ATOM   395 O O   . VAL A 1 53 ? -6.246  -0.309  -4.321  1.00 23.91 ? 159 VAL A O   1 
ATOM   396 C CB  . VAL A 1 53 ? -7.218  -0.954  -1.155  1.00 25.92 ? 159 VAL A CB  1 
ATOM   397 C CG1 . VAL A 1 53 ? -6.058  0.030   -1.089  1.00 26.50 ? 159 VAL A CG1 1 
ATOM   398 C CG2 . VAL A 1 53 ? -8.348  -0.546  -0.216  1.00 27.33 ? 159 VAL A CG2 1 
ATOM   399 N N   . VAL A 1 54 ? -6.269  -2.508  -3.839  1.00 23.16 ? 160 VAL A N   1 
ATOM   400 C CA  . VAL A 1 54 ? -5.289  -2.846  -4.857  1.00 22.67 ? 160 VAL A CA  1 
ATOM   401 C C   . VAL A 1 54 ? -5.887  -2.617  -6.241  1.00 22.83 ? 160 VAL A C   1 
ATOM   402 O O   . VAL A 1 54 ? -5.245  -2.018  -7.115  1.00 22.33 ? 160 VAL A O   1 
ATOM   403 C CB  . VAL A 1 54 ? -4.794  -4.304  -4.667  1.00 23.17 ? 160 VAL A CB  1 
ATOM   404 C CG1 . VAL A 1 54 ? -3.909  -4.763  -5.809  1.00 24.05 ? 160 VAL A CG1 1 
ATOM   405 C CG2 . VAL A 1 54 ? -4.091  -4.446  -3.336  1.00 23.34 ? 160 VAL A CG2 1 
ATOM   406 N N   . ILE A 1 55 ? -7.135  -3.046  -6.437  1.00 23.14 ? 161 ILE A N   1 
ATOM   407 C CA  . ILE A 1 55 ? -7.746  -2.964  -7.745  1.00 24.76 ? 161 ILE A CA  1 
ATOM   408 C C   . ILE A 1 55 ? -7.976  -1.484  -8.123  1.00 26.26 ? 161 ILE A C   1 
ATOM   409 O O   . ILE A 1 55 ? -7.795  -1.106  -9.276  1.00 27.70 ? 161 ILE A O   1 
ATOM   410 C CB  . ILE A 1 55 ? -9.060  -3.788  -7.779  1.00 25.47 ? 161 ILE A CB  1 
ATOM   411 C CG1 . ILE A 1 55 ? -8.689  -5.293  -7.820  1.00 25.40 ? 161 ILE A CG1 1 
ATOM   412 C CG2 . ILE A 1 55 ? -9.929  -3.371  -8.939  1.00 27.50 ? 161 ILE A CG2 1 
ATOM   413 C CD1 . ILE A 1 55 ? -9.847  -6.238  -7.652  1.00 26.14 ? 161 ILE A CD1 1 
ATOM   414 N N   . SER A 1 56 ? -8.419  -0.695  -7.155  1.00 26.90 ? 162 SER A N   1 
ATOM   415 C CA  A SER A 1 56 ? -8.598  0.743   -7.361  0.50 28.94 ? 162 SER A CA  1 
ATOM   416 C CA  B SER A 1 56 ? -8.594  0.745   -7.314  0.50 28.99 ? 162 SER A CA  1 
ATOM   417 C C   . SER A 1 56 ? -7.302  1.406   -7.843  1.00 29.49 ? 162 SER A C   1 
ATOM   418 O O   . SER A 1 56 ? -7.342  2.173   -8.798  1.00 32.88 ? 162 SER A O   1 
ATOM   419 C CB  A SER A 1 56 ? -9.084  1.412   -6.089  0.50 28.91 ? 162 SER A CB  1 
ATOM   420 C CB  B SER A 1 56 ? -8.975  1.350   -5.966  0.50 28.82 ? 162 SER A CB  1 
ATOM   421 O OG  A SER A 1 56 ? -10.360 0.902   -5.774  0.50 30.24 ? 162 SER A OG  1 
ATOM   422 O OG  B SER A 1 56 ? -8.897  2.743   -6.009  0.50 31.07 ? 162 SER A OG  1 
ATOM   423 N N   . PHE A 1 57 ? -6.171  1.088   -7.211  1.00 27.89 ? 163 PHE A N   1 
ATOM   424 C CA  . PHE A 1 57 ? -4.875  1.580   -7.652  1.00 28.45 ? 163 PHE A CA  1 
ATOM   425 C C   . PHE A 1 57 ? -4.602  1.241   -9.135  1.00 30.02 ? 163 PHE A C   1 
ATOM   426 O O   . PHE A 1 57 ? -4.228  2.123   -9.956  1.00 31.07 ? 163 PHE A O   1 
ATOM   427 C CB  . PHE A 1 57 ? -3.786  0.962   -6.785  1.00 27.10 ? 163 PHE A CB  1 
ATOM   428 C CG  . PHE A 1 57 ? -2.394  1.294   -7.240  1.00 28.97 ? 163 PHE A CG  1 
ATOM   429 C CD1 . PHE A 1 57 ? -1.904  2.592   -7.111  1.00 30.19 ? 163 PHE A CD1 1 
ATOM   430 C CD2 . PHE A 1 57 ? -1.583  0.343   -7.811  1.00 28.37 ? 163 PHE A CD2 1 
ATOM   431 C CE1 . PHE A 1 57 ? -0.614  2.903   -7.541  1.00 30.99 ? 163 PHE A CE1 1 
ATOM   432 C CE2 . PHE A 1 57 ? -0.300  0.659   -8.249  1.00 30.69 ? 163 PHE A CE2 1 
ATOM   433 C CZ  . PHE A 1 57 ? 0.181   1.954   -8.112  1.00 30.67 ? 163 PHE A CZ  1 
ATOM   434 N N   . TYR A 1 58 ? -4.778  -0.027  -9.491  1.00 28.86 ? 164 TYR A N   1 
ATOM   435 C CA  . TYR A 1 58 ? -4.526  -0.448  -10.882 1.00 30.86 ? 164 TYR A CA  1 
ATOM   436 C C   . TYR A 1 58 ? -5.450  0.146   -11.926 1.00 33.82 ? 164 TYR A C   1 
ATOM   437 O O   . TYR A 1 58 ? -5.013  0.526   -13.038 1.00 33.94 ? 164 TYR A O   1 
ATOM   438 C CB  . TYR A 1 58 ? -4.572  -1.971  -10.984 1.00 31.34 ? 164 TYR A CB  1 
ATOM   439 C CG  . TYR A 1 58 ? -3.397  -2.687  -10.369 1.00 30.27 ? 164 TYR A CG  1 
ATOM   440 C CD1 . TYR A 1 58 ? -2.089  -2.369  -10.745 1.00 32.01 ? 164 TYR A CD1 1 
ATOM   441 C CD2 . TYR A 1 58 ? -3.584  -3.740  -9.483  1.00 30.50 ? 164 TYR A CD2 1 
ATOM   442 C CE1 . TYR A 1 58 ? -0.991  -3.069  -10.218 1.00 31.61 ? 164 TYR A CE1 1 
ATOM   443 C CE2 . TYR A 1 58 ? -2.511  -4.443  -8.949  1.00 30.07 ? 164 TYR A CE2 1 
ATOM   444 C CZ  . TYR A 1 58 ? -1.216  -4.095  -9.330  1.00 30.67 ? 164 TYR A CZ  1 
ATOM   445 O OH  . TYR A 1 58 ? -0.150  -4.777  -8.831  1.00 32.01 ? 164 TYR A OH  1 
ATOM   446 N N   . GLU A 1 59 ? -6.730  0.203   -11.584 1.00 36.25 ? 165 GLU A N   1 
ATOM   447 C CA  . GLU A 1 59 ? -7.767  0.778   -12.438 1.00 41.23 ? 165 GLU A CA  1 
ATOM   448 C C   . GLU A 1 59 ? -7.629  2.248   -12.733 1.00 44.86 ? 165 GLU A C   1 
ATOM   449 O O   . GLU A 1 59 ? -7.878  2.642   -13.851 1.00 49.58 ? 165 GLU A O   1 
ATOM   450 C CB  . GLU A 1 59 ? -9.123  0.625   -11.791 1.00 42.71 ? 165 GLU A CB  1 
ATOM   451 C CG  . GLU A 1 59 ? -9.761  -0.700  -12.029 1.00 43.46 ? 165 GLU A CG  1 
ATOM   452 C CD  . GLU A 1 59 ? -11.166 -0.751  -11.440 1.00 46.03 ? 165 GLU A CD  1 
ATOM   453 O OE1 . GLU A 1 59 ? -11.938 -1.597  -11.909 1.00 44.82 ? 165 GLU A OE1 1 
ATOM   454 O OE2 . GLU A 1 59 ? -11.483 0.050   -10.495 1.00 48.10 ? 165 GLU A OE2 1 
ATOM   455 N N   . GLU A 1 60 ? -7.308  3.056   -11.724 1.00 47.37 ? 166 GLU A N   1 
ATOM   456 C CA  . GLU A 1 60 ? -6.928  4.486   -11.898 1.00 51.82 ? 166 GLU A CA  1 
ATOM   457 C C   . GLU A 1 60 ? -5.752  4.673   -12.889 1.00 55.65 ? 166 GLU A C   1 
ATOM   458 O O   . GLU A 1 60 ? -5.755  5.590   -13.711 1.00 61.00 ? 166 GLU A O   1 
ATOM   459 C CB  . GLU A 1 60 ? -6.545  5.115   -10.540 1.00 50.39 ? 166 GLU A CB  1 
ATOM   460 N N   . ARG A 1 61 ? -4.756  3.796   -12.816 1.00 56.11 ? 167 ARG A N   1 
ATOM   461 C CA  . ARG A 1 61 ? -3.615  3.798   -13.757 1.00 58.53 ? 167 ARG A CA  1 
ATOM   462 C C   . ARG A 1 61 ? -3.884  3.210   -15.177 1.00 59.96 ? 167 ARG A C   1 
ATOM   463 O O   . ARG A 1 61 ? -3.115  3.475   -16.081 1.00 64.92 ? 167 ARG A O   1 
ATOM   464 C CB  . ARG A 1 61 ? -2.412  3.113   -13.089 1.00 57.56 ? 167 ARG A CB  1 
ATOM   465 C CG  . ARG A 1 61 ? -1.954  3.857   -11.828 1.00 58.84 ? 167 ARG A CG  1 
ATOM   466 C CD  . ARG A 1 61 ? -0.877  3.142   -11.034 1.00 58.62 ? 167 ARG A CD  1 
ATOM   467 N NE  . ARG A 1 61 ? 0.208   2.617   -11.878 1.00 62.02 ? 167 ARG A NE  1 
ATOM   468 C CZ  . ARG A 1 61 ? 1.359   3.231   -12.185 1.00 64.63 ? 167 ARG A CZ  1 
ATOM   469 N NH1 . ARG A 1 61 ? 2.228   2.609   -12.975 1.00 66.55 ? 167 ARG A NH1 1 
ATOM   470 N NH2 . ARG A 1 61 ? 1.672   4.443   -11.724 1.00 66.94 ? 167 ARG A NH2 1 
ATOM   471 N N   . LEU A 1 62 ? -4.959  2.448   -15.383 1.00 58.57 ? 168 LEU A N   1 
ATOM   472 C CA  . LEU A 1 62 ? -5.269  1.890   -16.692 1.00 58.52 ? 168 LEU A CA  1 
ATOM   473 N N   . GLY B 2 7  ? 14.749  2.739   -4.414  1.00 53.04 ? 44  GLY B N   1 
ATOM   474 C CA  . GLY B 2 7  ? 13.986  3.871   -3.784  1.00 50.54 ? 44  GLY B CA  1 
ATOM   475 C C   . GLY B 2 7  ? 13.153  4.744   -4.726  1.00 47.69 ? 44  GLY B C   1 
ATOM   476 O O   . GLY B 2 7  ? 13.026  5.972   -4.514  1.00 47.19 ? 44  GLY B O   1 
ATOM   477 N N   . THR B 2 8  ? 12.594  4.108   -5.755  1.00 44.54 ? 45  THR B N   1 
ATOM   478 C CA  . THR B 2 8  ? 11.725  4.722   -6.745  1.00 44.12 ? 45  THR B CA  1 
ATOM   479 C C   . THR B 2 8  ? 10.305  4.196   -6.560  1.00 43.13 ? 45  THR B C   1 
ATOM   480 O O   . THR B 2 8  ? 10.126  3.001   -6.395  1.00 48.75 ? 45  THR B O   1 
ATOM   481 C CB  . THR B 2 8  ? 12.189  4.367   -8.181  1.00 47.07 ? 45  THR B CB  1 
ATOM   482 O OG1 . THR B 2 8  ? 13.470  4.947   -8.433  1.00 49.66 ? 45  THR B OG1 1 
ATOM   483 C CG2 . THR B 2 8  ? 11.239  4.903   -9.226  1.00 46.97 ? 45  THR B CG2 1 
ATOM   484 N N   . VAL B 2 9  ? 9.301   5.058   -6.688  1.00 40.32 ? 46  VAL B N   1 
ATOM   485 C CA  . VAL B 2 9  ? 7.902   4.690   -6.467  1.00 38.36 ? 46  VAL B CA  1 
ATOM   486 C C   . VAL B 2 9  ? 7.092   5.060   -7.702  1.00 37.75 ? 46  VAL B C   1 
ATOM   487 O O   . VAL B 2 9  ? 7.192   6.203   -8.152  1.00 39.19 ? 46  VAL B O   1 
ATOM   488 C CB  . VAL B 2 9  ? 7.357   5.438   -5.223  1.00 37.93 ? 46  VAL B CB  1 
ATOM   489 C CG1 . VAL B 2 9  ? 5.884   5.126   -4.965  1.00 39.71 ? 46  VAL B CG1 1 
ATOM   490 C CG2 . VAL B 2 9  ? 8.184   5.074   -3.998  1.00 40.52 ? 46  VAL B CG2 1 
ATOM   491 N N   . ALA B 2 10 ? 6.290   4.134   -8.251  1.00 37.14 ? 47  ALA B N   1 
ATOM   492 C CA  . ALA B 2 10 ? 5.339   4.470   -9.357  1.00 38.71 ? 47  ALA B CA  1 
ATOM   493 C C   . ALA B 2 10 ? 4.039   4.928   -8.738  1.00 39.21 ? 47  ALA B C   1 
ATOM   494 O O   . ALA B 2 10 ? 3.466   4.180   -7.962  1.00 39.14 ? 47  ALA B O   1 
ATOM   495 C CB  . ALA B 2 10 ? 5.080   3.278   -10.266 1.00 40.56 ? 47  ALA B CB  1 
ATOM   496 N N   . LEU B 2 11 ? 3.570   6.142   -9.062  1.00 40.34 ? 48  LEU B N   1 
ATOM   497 C CA  . LEU B 2 11 ? 2.454   6.741   -8.347  1.00 42.22 ? 48  LEU B CA  1 
ATOM   498 C C   . LEU B 2 11 ? 1.111   6.364   -8.933  1.00 45.41 ? 48  LEU B C   1 
ATOM   499 O O   . LEU B 2 11 ? 1.047   5.918   -10.046 1.00 45.96 ? 48  LEU B O   1 
ATOM   500 C CB  . LEU B 2 11 ? 2.577   8.250   -8.341  1.00 42.91 ? 48  LEU B CB  1 
ATOM   501 C CG  . LEU B 2 11 ? 3.806   8.853   -7.665  1.00 42.50 ? 48  LEU B CG  1 
ATOM   502 C CD1 . LEU B 2 11 ? 3.770   10.350  -7.862  1.00 45.38 ? 48  LEU B CD1 1 
ATOM   503 C CD2 . LEU B 2 11 ? 3.874   8.533   -6.169  1.00 43.15 ? 48  LEU B CD2 1 
ATOM   504 N N   . ARG B 2 12 ? 0.039   6.590   -8.163  1.00 51.82 ? 49  ARG B N   1 
ATOM   505 C CA  . ARG B 2 12 ? -1.357  6.459   -8.639  1.00 56.19 ? 49  ARG B CA  1 
ATOM   506 C C   . ARG B 2 12 ? -1.689  7.607   -9.634  1.00 60.92 ? 49  ARG B C   1 
ATOM   507 O O   . ARG B 2 12 ? -1.322  8.767   -9.395  1.00 64.05 ? 49  ARG B O   1 
ATOM   508 C CB  . ARG B 2 12 ? -2.328  6.428   -7.443  1.00 56.35 ? 49  ARG B CB  1 
ATOM   509 N N   . GLU B 2 13 ? -2.357  7.283   -10.750 1.00 65.60 ? 50  GLU B N   1 
ATOM   510 C CA  . GLU B 2 13 ? -2.589  8.248   -11.843 1.00 66.24 ? 50  GLU B CA  1 
HETATM 511 X UNK . UNX C 3 .  ? -0.828  -6.647  -6.945  1.00 20.15 ? 201 UNX A UNK 1 
HETATM 512 X UNK . UNX D 3 .  ? -10.640 -4.528  -0.102  1.00 30.92 ? 202 UNX A UNK 1 
HETATM 513 X UNK . UNX E 3 .  ? -0.713  3.285   14.086  1.00 32.47 ? 203 UNX A UNK 1 
HETATM 514 X UNK . UNX F 3 .  ? -7.302  -4.604  5.092   1.00 39.10 ? 204 UNX A UNK 1 
HETATM 515 X UNK . UNX G 3 .  ? 10.198  -3.161  -3.366  1.00 36.40 ? 205 UNX A UNK 1 
HETATM 516 X UNK . UNX H 3 .  ? 6.719   -9.777  -6.362  1.00 35.38 ? 206 UNX A UNK 1 
HETATM 517 X UNK . UNX I 3 .  ? -10.635 0.503   2.519   1.00 34.08 ? 207 UNX A UNK 1 
HETATM 518 X UNK . UNX J 3 .  ? -2.560  -0.767  -14.308 1.00 37.02 ? 208 UNX A UNK 1 
HETATM 519 O O   . HOH K 4 .  ? -2.068  1.130   15.537  1.00 43.00 ? 301 HOH A O   1 
HETATM 520 O O   . HOH K 4 .  ? -8.868  -11.924 -0.069  1.00 44.92 ? 302 HOH A O   1 
HETATM 521 O O   . HOH K 4 .  ? -6.564  -0.181  15.318  1.00 31.10 ? 303 HOH A O   1 
HETATM 522 O O   . HOH K 4 .  ? -1.309  6.509   6.344   1.00 35.33 ? 304 HOH A O   1 
HETATM 523 O O   . HOH K 4 .  ? 4.757   -8.989  -2.517  1.00 36.34 ? 305 HOH A O   1 
HETATM 524 O O   . HOH K 4 .  ? -2.821  -1.146  9.402   1.00 29.67 ? 306 HOH A O   1 
HETATM 525 O O   . HOH K 4 .  ? 2.010   -5.404  6.661   1.00 30.51 ? 307 HOH A O   1 
HETATM 526 O O   . HOH K 4 .  ? -5.785  2.313   -3.650  1.00 25.15 ? 308 HOH A O   1 
HETATM 527 O O   . HOH K 4 .  ? -8.180  2.959   -2.469  1.00 43.74 ? 309 HOH A O   1 
HETATM 528 O O   . HOH K 4 .  ? -12.138 -1.748  -6.268  1.00 38.05 ? 310 HOH A O   1 
HETATM 529 O O   . HOH K 4 .  ? -13.052 -8.354  -2.446  1.00 35.62 ? 311 HOH A O   1 
HETATM 530 O O   . HOH K 4 .  ? -10.467 1.454   -2.592  1.00 51.11 ? 312 HOH A O   1 
HETATM 531 O O   . HOH K 4 .  ? -7.235  5.283   13.835  1.00 35.76 ? 313 HOH A O   1 
HETATM 532 O O   . HOH K 4 .  ? -8.814  6.858   14.959  1.00 46.98 ? 314 HOH A O   1 
HETATM 533 O O   . HOH K 4 .  ? -12.150 -10.737 -1.659  0.50 43.25 ? 315 HOH A O   1 
# 
loop_
_atom_site_anisotrop.id 
_atom_site_anisotrop.type_symbol 
_atom_site_anisotrop.pdbx_label_atom_id 
_atom_site_anisotrop.pdbx_label_alt_id 
_atom_site_anisotrop.pdbx_label_comp_id 
_atom_site_anisotrop.pdbx_label_asym_id 
_atom_site_anisotrop.pdbx_label_seq_id 
_atom_site_anisotrop.pdbx_PDB_ins_code 
_atom_site_anisotrop.U[1][1] 
_atom_site_anisotrop.U[2][2] 
_atom_site_anisotrop.U[3][3] 
_atom_site_anisotrop.U[1][2] 
_atom_site_anisotrop.U[1][3] 
_atom_site_anisotrop.U[2][3] 
_atom_site_anisotrop.pdbx_auth_seq_id 
_atom_site_anisotrop.pdbx_auth_comp_id 
_atom_site_anisotrop.pdbx_auth_asym_id 
_atom_site_anisotrop.pdbx_auth_atom_id 
1   C CA  . GLU A 2  ? 0.8944 1.4450 0.7309 -0.1726 -0.2814 0.0914  108 GLU A CA  
2   C C   . GLU A 2  ? 0.8831 1.3424 0.7075 -0.1837 -0.2404 0.0790  108 GLU A C   
3   O O   . GLU A 2  ? 0.9120 1.3028 0.7122 -0.1611 -0.2348 0.0978  108 GLU A O   
4   N N   . LYS A 3  ? 0.8369 1.2958 0.6782 -0.2175 -0.2120 0.0470  109 LYS A N   
5   C CA  . LYS A 3  ? 0.7978 1.1794 0.6255 -0.2305 -0.1746 0.0312  109 LYS A CA  
6   C C   . LYS A 3  ? 0.7353 1.0695 0.5931 -0.1941 -0.1592 0.0406  109 LYS A C   
7   O O   . LYS A 3  ? 0.7050 1.0659 0.6109 -0.1755 -0.1586 0.0397  109 LYS A O   
8   C CB  . LYS A 3  ? 0.7987 1.1879 0.6372 -0.2689 -0.1500 -0.0033 109 LYS A CB  
9   N N   . PRO A 4  ? 0.7033 0.9708 0.5318 -0.1886 -0.1442 0.0463  110 PRO A N   
10  C CA  . PRO A 4  ? 0.6469 0.8707 0.4967 -0.1588 -0.1307 0.0540  110 PRO A CA  
11  C C   . PRO A 4  ? 0.5721 0.7990 0.4673 -0.1541 -0.1115 0.0377  110 PRO A C   
12  O O   . PRO A 4  ? 0.5617 0.7915 0.4586 -0.1799 -0.0957 0.0155  110 PRO A O   
13  C CB  . PRO A 4  ? 0.6703 0.8379 0.4815 -0.1732 -0.1110 0.0484  110 PRO A CB  
14  C CG  . PRO A 4  ? 0.7272 0.9028 0.4876 -0.1982 -0.1235 0.0523  110 PRO A CG  
15  C CD  . PRO A 4  ? 0.7403 0.9772 0.5107 -0.2131 -0.1410 0.0456  110 PRO A CD  
16  N N   . ARG A 5  ? 0.5338 0.7527 0.4588 -0.1218 -0.1117 0.0490  111 ARG A N   
17  C CA  . ARG A 5  ? 0.4825 0.6989 0.4443 -0.1148 -0.0940 0.0374  111 ARG A CA  
18  C C   . ARG A 5  ? 0.4625 0.6288 0.4245 -0.0928 -0.0817 0.0438  111 ARG A C   
19  O O   . ARG A 5  ? 0.4749 0.6181 0.4190 -0.0770 -0.0904 0.0601  111 ARG A O   
20  C CB  . ARG A 5  ? 0.4852 0.7589 0.4892 -0.0996 -0.1064 0.0409  111 ARG A CB  
21  N N   . GLY A 6  ? 0.4068 0.5537 0.3830 -0.0941 -0.0615 0.0308  112 GLY A N   
22  C CA  . GLY A 6  ? 0.3998 0.5116 0.3817 -0.0750 -0.0504 0.0335  112 GLY A CA  
23  C C   . GLY A 6  ? 0.3992 0.4746 0.3517 -0.0797 -0.0441 0.0334  112 GLY A C   
24  O O   . GLY A 6  ? 0.3952 0.4648 0.3278 -0.1000 -0.0372 0.0221  112 GLY A O   
25  N N   . PHE A 7  ? 0.3985 0.4508 0.3476 -0.0635 -0.0444 0.0432  113 PHE A N   
26  C CA  . PHE A 7  ? 0.4156 0.4377 0.3367 -0.0722 -0.0374 0.0424  113 PHE A CA  
27  C C   . PHE A 7  ? 0.4504 0.4683 0.3342 -0.0904 -0.0452 0.0487  113 PHE A C   
28  O O   . PHE A 7  ? 0.4605 0.4658 0.3221 -0.1088 -0.0340 0.0392  113 PHE A O   
29  C CB  . PHE A 7  ? 0.4267 0.4212 0.3465 -0.0566 -0.0349 0.0503  113 PHE A CB  
30  C CG  . PHE A 7  ? 0.4083 0.4042 0.3538 -0.0471 -0.0230 0.0392  113 PHE A CG  
31  C CD1 . PHE A 7  ? 0.4005 0.3942 0.3446 -0.0563 -0.0101 0.0246  113 PHE A CD1 
32  C CD2 . PHE A 7  ? 0.4020 0.4067 0.3726 -0.0284 -0.0248 0.0425  113 PHE A CD2 
33  C CE1 . PHE A 7  ? 0.3854 0.3827 0.3485 -0.0456 -0.0029 0.0166  113 PHE A CE1 
34  C CE2 . PHE A 7  ? 0.3838 0.3872 0.3698 -0.0218 -0.0143 0.0337  113 PHE A CE2 
35  C CZ  . PHE A 7  ? 0.3878 0.3864 0.3681 -0.0297 -0.0052 0.0222  113 PHE A CZ  
36  N N   . ALA A 8  ? 0.4703 0.5048 0.3475 -0.0862 -0.0645 0.0631  114 ALA A N   
37  C CA  . ALA A 8  ? 0.5134 0.5467 0.3489 -0.1040 -0.0756 0.0714  114 ALA A CA  
38  C C   . ALA A 8  ? 0.5063 0.5582 0.3314 -0.1340 -0.0662 0.0512  114 ALA A C   
39  O O   . ALA A 8  ? 0.5107 0.5593 0.2956 -0.1548 -0.0704 0.0535  114 ALA A O   
40  C CB  . ALA A 8  ? 0.5473 0.6044 0.3819 -0.0872 -0.1029 0.0921  114 ALA A CB  
41  N N   . ARG A 9  ? 0.4615 0.5264 0.3167 -0.1367 -0.0522 0.0313  115 ARG A N   
42  C CA  . ARG A 9  ? 0.4788 0.5472 0.3202 -0.1623 -0.0386 0.0095  115 ARG A CA  
43  C C   . ARG A 9  ? 0.4778 0.5233 0.3006 -0.1725 -0.0195 -0.0031 115 ARG A C   
44  O O   . ARG A 9  ? 0.4798 0.5268 0.2835 -0.1939 -0.0078 -0.0209 115 ARG A O   
45  C CB  . ARG A 9  ? 0.4669 0.5428 0.3377 -0.1611 -0.0281 -0.0066 115 ARG A CB  
46  C CG  . ARG A 9  ? 0.4807 0.5908 0.3690 -0.1610 -0.0436 0.0001  115 ARG A CG  
47  C CD  . ARG A 9  ? 0.4900 0.5969 0.4045 -0.1592 -0.0302 -0.0123 115 ARG A CD  
48  N NE  . ARG A 9  ? 0.5235 0.6081 0.4207 -0.1799 -0.0116 -0.0346 115 ARG A NE  
49  C CZ  . ARG A 9  ? 0.5518 0.6150 0.4566 -0.1821 0.0042  -0.0469 115 ARG A CZ  
50  N NH1 . ARG A 9  ? 0.5423 0.6096 0.4712 -0.1697 0.0038  -0.0396 115 ARG A NH1 
51  N NH2 . ARG A 9  ? 0.5899 0.6221 0.4733 -0.1975 0.0221  -0.0672 115 ARG A NH2 
52  N N   . GLY A 10 ? 0.4679 0.4963 0.2969 -0.1591 -0.0150 0.0033  116 GLY A N   
53  C CA  . GLY A 10 ? 0.4840 0.5025 0.2999 -0.1710 0.0033  -0.0103 116 GLY A CA  
54  C C   . GLY A 10 ? 0.4530 0.4813 0.2968 -0.1650 0.0222  -0.0355 116 GLY A C   
55  O O   . GLY A 10 ? 0.4578 0.4927 0.2930 -0.1784 0.0386  -0.0544 116 GLY A O   
56  N N   . LEU A 11 ? 0.4256 0.4548 0.3006 -0.1441 0.0202  -0.0357 117 LEU A N   
57  C CA  . LEU A 11 ? 0.4237 0.4528 0.3206 -0.1315 0.0346  -0.0549 117 LEU A CA  
58  C C   . LEU A 11 ? 0.4008 0.4314 0.3232 -0.1084 0.0344  -0.0507 117 LEU A C   
59  O O   . LEU A 11 ? 0.3870 0.4135 0.3150 -0.1002 0.0231  -0.0337 117 LEU A O   
60  C CB  . LEU A 11 ? 0.4363 0.4553 0.3383 -0.1292 0.0336  -0.0571 117 LEU A CB  
61  C CG  . LEU A 11 ? 0.4687 0.4908 0.3455 -0.1556 0.0312  -0.0617 117 LEU A CG  
62  C CD1 . LEU A 11 ? 0.4770 0.4865 0.3596 -0.1568 0.0346  -0.0678 117 LEU A CD1 
63  C CD2 . LEU A 11 ? 0.5017 0.5239 0.3548 -0.1747 0.0459  -0.0820 117 LEU A CD2 
64  N N   . GLU A 12 ? 0.4098 0.4497 0.3483 -0.0963 0.0463  -0.0676 118 GLU A N   
65  C CA  . GLU A 12 ? 0.4017 0.4501 0.3638 -0.0737 0.0446  -0.0661 118 GLU A CA  
66  C C   . GLU A 12 ? 0.3822 0.4104 0.3535 -0.0543 0.0381  -0.0552 118 GLU A C   
67  O O   . GLU A 12 ? 0.3779 0.3873 0.3442 -0.0513 0.0432  -0.0604 118 GLU A O   
68  C CB  . GLU A 12 ? 0.4362 0.5098 0.4157 -0.0622 0.0567  -0.0883 118 GLU A CB  
69  C CG  . GLU A 12 ? 0.4516 0.5432 0.4552 -0.0374 0.0518  -0.0879 118 GLU A CG  
70  C CD  . GLU A 12 ? 0.5039 0.6329 0.5309 -0.0201 0.0601  -0.1099 118 GLU A CD  
71  O OE1 . GLU A 12 ? 0.5699 0.7117 0.5974 -0.0262 0.0733  -0.1289 118 GLU A OE1 
72  O OE2 . GLU A 12 ? 0.5369 0.6872 0.5830 0.0015  0.0528  -0.1093 118 GLU A OE2 
73  N N   . PRO A 13 ? 0.3672 0.3946 0.3468 -0.0447 0.0297  -0.0416 119 PRO A N   
74  C CA  . PRO A 13 ? 0.3661 0.3765 0.3509 -0.0291 0.0268  -0.0333 119 PRO A CA  
75  C C   . PRO A 13 ? 0.3846 0.3888 0.3746 -0.0073 0.0319  -0.0419 119 PRO A C   
76  O O   . PRO A 13 ? 0.4178 0.4460 0.4193 0.0031  0.0325  -0.0508 119 PRO A O   
77  C CB  . PRO A 13 ? 0.3842 0.4003 0.3757 -0.0242 0.0195  -0.0217 119 PRO A CB  
78  C CG  . PRO A 13 ? 0.3604 0.3930 0.3508 -0.0330 0.0202  -0.0271 119 PRO A CG  
79  C CD  . PRO A 13 ? 0.3724 0.4108 0.3527 -0.0494 0.0257  -0.0364 119 PRO A CD  
80  N N   . GLU A 14 ? 0.4027 0.3750 0.3823 -0.0004 0.0359  -0.0397 120 GLU A N   
81  C CA  . GLU A 14 ? 0.4198 0.3739 0.3968 0.0265  0.0391  -0.0435 120 GLU A CA  
82  C C   . GLU A 14 ? 0.4173 0.3606 0.3902 0.0410  0.0320  -0.0284 120 GLU A C   
83  O O   . GLU A 14 ? 0.4028 0.3626 0.3828 0.0626  0.0255  -0.0278 120 GLU A O   
84  C CB  . GLU A 14 ? 0.4748 0.3839 0.4310 0.0240  0.0506  -0.0497 120 GLU A CB  
85  C CG  . GLU A 14 ? 0.5258 0.3998 0.4711 0.0565  0.0541  -0.0505 120 GLU A CG  
86  C CD  . GLU A 14 ? 0.6029 0.4209 0.5218 0.0524  0.0691  -0.0594 120 GLU A CD  
87  O OE1 . GLU A 14 ? 0.6054 0.4304 0.5239 0.0316  0.0775  -0.0744 120 GLU A OE1 
88  O OE2 . GLU A 14 ? 0.7123 0.4734 0.6044 0.0672  0.0733  -0.0512 120 GLU A OE2 
89  N N   . ARG A 15 ? 0.4212 0.3419 0.3819 0.0269  0.0336  -0.0177 121 ARG A N   
90  C CA  . ARG A 15 ? 0.4499 0.3558 0.4001 0.0355  0.0308  -0.0047 121 ARG A CA  
91  C C   . ARG A 15 ? 0.4151 0.3190 0.3637 0.0131  0.0341  0.0022  121 ARG A C   
92  O O   . ARG A 15 ? 0.4226 0.3245 0.3711 -0.0070 0.0388  -0.0017 121 ARG A O   
93  C CB  . ARG A 15 ? 0.5543 0.4124 0.4775 0.0558  0.0347  -0.0001 121 ARG A CB  
94  C CG  . ARG A 15 ? 0.6486 0.4552 0.5466 0.0413  0.0481  -0.0024 121 ARG A CG  
95  C CD  . ARG A 15 ? 0.7700 0.5125 0.6310 0.0641  0.0530  0.0049  121 ARG A CD  
96  N NE  . ARG A 15 ? 0.8566 0.5408 0.6824 0.0389  0.0683  0.0077  121 ARG A NE  
97  C CZ  . ARG A 15 ? 0.9553 0.5976 0.7625 0.0245  0.0824  -0.0037 121 ARG A CZ  
98  N NH1 . ARG A 15 ? 1.0377 0.6301 0.8103 -0.0051 0.0973  -0.0018 121 ARG A NH1 
99  N NH2 . ARG A 15 ? 0.9756 0.6239 0.7949 0.0358  0.0843  -0.0192 121 ARG A NH2 
100 N N   . ILE A 16 ? 0.3883 0.2996 0.3373 0.0164  0.0314  0.0104  122 ILE A N   
101 C CA  . ILE A 16 ? 0.3717 0.2873 0.3228 -0.0002 0.0364  0.0147  122 ILE A CA  
102 C C   . ILE A 16 ? 0.4045 0.2771 0.3254 -0.0076 0.0476  0.0193  122 ILE A C   
103 O O   . ILE A 16 ? 0.4216 0.2638 0.3169 0.0063  0.0483  0.0270  122 ILE A O   
104 C CB  . ILE A 16 ? 0.3557 0.2946 0.3174 0.0055  0.0328  0.0182  122 ILE A CB  
105 C CG1 . ILE A 16 ? 0.3500 0.3198 0.3351 0.0056  0.0253  0.0138  122 ILE A CG1 
106 C CG2 . ILE A 16 ? 0.3543 0.2974 0.3170 -0.0078 0.0416  0.0208  122 ILE A CG2 
107 C CD1 . ILE A 16 ? 0.3531 0.3349 0.3420 0.0131  0.0228  0.0136  122 ILE A CD1 
108 N N   . ILE A 17 ? 0.4217 0.2919 0.3419 -0.0322 0.0562  0.0150  123 ILE A N   
109 C CA  . ILE A 17 ? 0.4861 0.3100 0.3721 -0.0492 0.0712  0.0173  123 ILE A CA  
110 C C   . ILE A 17 ? 0.4872 0.3212 0.3695 -0.0579 0.0781  0.0232  123 ILE A C   
111 O O   . ILE A 17 ? 0.5234 0.3116 0.3670 -0.0630 0.0887  0.0304  123 ILE A O   
112 C CB  . ILE A 17 ? 0.5058 0.3307 0.3923 -0.0796 0.0797  0.0063  123 ILE A CB  
113 C CG1 A ILE A 17 ? 0.5208 0.3288 0.4032 -0.0731 0.0767  -0.0019 123 ILE A CG1 
114 C CG1 B ILE A 17 ? 0.5150 0.3228 0.3975 -0.0722 0.0765  -0.0016 123 ILE A CG1 
115 C CG2 . ILE A 17 ? 0.5788 0.3560 0.4274 -0.1057 0.0987  0.0065  123 ILE A CG2 
116 C CD1 A ILE A 17 ? 0.5754 0.3189 0.4237 -0.0501 0.0813  0.0016  123 ILE A CD1 
117 C CD1 B ILE A 17 ? 0.5387 0.3408 0.4131 -0.1045 0.0856  -0.0149 123 ILE A CD1 
118 N N   . GLY A 18 ? 0.4387 0.3298 0.3584 -0.0600 0.0735  0.0194  124 GLY A N   
119 C CA  . GLY A 18 ? 0.4419 0.3508 0.3642 -0.0662 0.0817  0.0207  124 GLY A CA  
120 C C   . GLY A 18 ? 0.3857 0.3540 0.3525 -0.0591 0.0751  0.0153  124 GLY A C   
121 O O   . GLY A 18 ? 0.3527 0.3446 0.3438 -0.0514 0.0628  0.0132  124 GLY A O   
122 N N   . ALA A 19 ? 0.3916 0.3803 0.3650 -0.0626 0.0849  0.0128  125 ALA A N   
123 C CA  . ALA A 19 ? 0.3719 0.4090 0.3844 -0.0501 0.0816  0.0070  125 ALA A CA  
124 C C   . ALA A 19 ? 0.3804 0.4621 0.4169 -0.0670 0.0954  -0.0030 125 ALA A C   
125 O O   . ALA A 19 ? 0.4108 0.4794 0.4241 -0.0906 0.1123  -0.0052 125 ALA A O   
126 C CB  . ALA A 19 ? 0.3766 0.3993 0.3759 -0.0338 0.0824  0.0089  125 ALA A CB  
127 N N   . THR A 20 ? 0.3633 0.4975 0.4444 -0.0542 0.0890  -0.0091 126 THR A N   
128 C CA  . THR A 20 ? 0.4000 0.5952 0.5168 -0.0629 0.1008  -0.0218 126 THR A CA  
129 C C   . THR A 20 ? 0.4084 0.6437 0.5670 -0.0310 0.0936  -0.0259 126 THR A C   
130 O O   . THR A 20 ? 0.3776 0.5981 0.5392 -0.0089 0.0760  -0.0175 126 THR A O   
131 C CB  . THR A 20 ? 0.4153 0.6505 0.5499 -0.0879 0.0990  -0.0279 126 THR A CB  
132 O OG1 . THR A 20 ? 0.4224 0.7328 0.6008 -0.0932 0.1086  -0.0427 126 THR A OG1 
133 C CG2 . THR A 20 ? 0.3962 0.6395 0.5438 -0.0749 0.0746  -0.0212 126 THR A CG2 
134 N N   . ASP A 21 ? 0.4536 0.7336 0.6395 -0.0288 0.1094  -0.0392 127 ASP A N   
135 C CA  . ASP A 21 ? 0.4694 0.7886 0.6980 0.0058  0.1051  -0.0455 127 ASP A CA  
136 C C   . ASP A 21 ? 0.4616 0.8708 0.7444 0.0036  0.1114  -0.0610 127 ASP A C   
137 O O   . ASP A 21 ? 0.4638 0.9124 0.7839 0.0314  0.1167  -0.0716 127 ASP A O   
138 C CB  . ASP A 21 ? 0.5101 0.7936 0.7220 0.0227  0.1182  -0.0500 127 ASP A CB  
139 C CG  . ASP A 21 ? 0.5495 0.8504 0.7554 0.0022  0.1469  -0.0655 127 ASP A CG  
140 O OD1 . ASP A 21 ? 0.5588 0.8851 0.7621 -0.0305 0.1591  -0.0705 127 ASP A OD1 
141 O OD2 . ASP A 21 ? 0.5884 0.8724 0.7861 0.0159  0.1594  -0.0737 127 ASP A OD2 
142 N N   . SER A 22 ? 0.4740 0.9175 0.7622 -0.0283 0.1103  -0.0639 128 SER A N   
143 C CA  . SER A 22 ? 0.4836 1.0265 0.8253 -0.0388 0.1154  -0.0816 128 SER A CA  
144 C C   . SER A 22 ? 0.4760 1.0836 0.8712 0.0007  0.0897  -0.0799 128 SER A C   
145 O O   . SER A 22 ? 0.4835 1.1873 0.9337 0.0038  0.0920  -0.0962 128 SER A O   
146 C CB  . SER A 22 ? 0.4928 1.0475 0.8176 -0.0904 0.1214  -0.0863 128 SER A CB  
147 N N   . SER A 23 ? 0.4692 1.0262 0.8468 0.0308  0.0658  -0.0604 129 SER A N   
148 C CA  . SER A 23 ? 0.4566 1.0530 0.8682 0.0715  0.0380  -0.0519 129 SER A CA  
149 C C   . SER A 23 ? 0.4575 1.0377 0.8855 0.1238  0.0382  -0.0503 129 SER A C   
150 O O   . SER A 23 ? 0.4956 1.1017 0.9486 0.1638  0.0159  -0.0415 129 SER A O   
151 C CB  . SER A 23 ? 0.4479 0.9888 0.8203 0.0697  0.0138  -0.0306 129 SER A CB  
152 O OG  . SER A 23 ? 0.4574 0.9050 0.7859 0.0809  0.0177  -0.0191 129 SER A OG  
153 N N   . GLY A 24 ? 0.4307 0.9637 0.8393 0.1237  0.0627  -0.0581 130 GLY A N   
154 C CA  . GLY A 24 ? 0.4431 0.9376 0.8525 0.1672  0.0666  -0.0580 130 GLY A CA  
155 C C   . GLY A 24 ? 0.4339 0.8225 0.7829 0.1635  0.0678  -0.0453 130 GLY A C   
156 O O   . GLY A 24 ? 0.4686 0.8168 0.8044 0.1770  0.0840  -0.0530 130 GLY A O   
157 N N   . GLU A 25 ? 0.4056 0.7533 0.7187 0.1436  0.0518  -0.0286 131 GLU A N   
158 C CA  . GLU A 25 ? 0.4060 0.6664 0.6671 0.1381  0.0524  -0.0191 131 GLU A CA  
159 C C   . GLU A 25 ? 0.3567 0.5964 0.5852 0.0977  0.0546  -0.0157 131 GLU A C   
160 O O   . GLU A 25 ? 0.3202 0.5970 0.5585 0.0757  0.0509  -0.0160 131 GLU A O   
161 C CB  . GLU A 25 ? 0.4433 0.6616 0.6877 0.1625  0.0305  -0.0012 131 GLU A CB  
162 C CG  . GLU A 25 ? 0.4496 0.6776 0.6844 0.1470  0.0084  0.0136  131 GLU A CG  
163 C CD  . GLU A 25 ? 0.5098 0.6904 0.7185 0.1675  -0.0112 0.0324  131 GLU A CD  
164 O OE1 . GLU A 25 ? 0.5525 0.7684 0.7827 0.1924  -0.0295 0.0413  131 GLU A OE1 
165 O OE2 . GLU A 25 ? 0.5224 0.6334 0.6877 0.1579  -0.0085 0.0384  131 GLU A OE2 
166 N N   . LEU A 26 ? 0.3460 0.5248 0.5343 0.0895  0.0598  -0.0131 132 LEU A N   
167 C CA  . LEU A 26 ? 0.3278 0.4835 0.4848 0.0601  0.0619  -0.0100 132 LEU A CA  
168 C C   . LEU A 26 ? 0.3107 0.4593 0.4590 0.0524  0.0430  0.0023  132 LEU A C   
169 O O   . LEU A 26 ? 0.2893 0.4161 0.4307 0.0663  0.0299  0.0108  132 LEU A O   
170 C CB  . LEU A 26 ? 0.3475 0.4526 0.4689 0.0580  0.0695  -0.0117 132 LEU A CB  
171 C CG  . LEU A 26 ? 0.3642 0.4442 0.4515 0.0361  0.0697  -0.0077 132 LEU A CG  
172 C CD1 . LEU A 26 ? 0.3855 0.4842 0.4702 0.0168  0.0829  -0.0115 132 LEU A CD1 
173 C CD2 . LEU A 26 ? 0.3861 0.4298 0.4436 0.0372  0.0733  -0.0110 132 LEU A CD2 
174 N N   . MET A 27 ? 0.2895 0.4511 0.4332 0.0281  0.0440  0.0019  133 MET A N   
175 C CA  . MET A 27 ? 0.3064 0.4595 0.4379 0.0165  0.0305  0.0093  133 MET A CA  
176 C C   . MET A 27 ? 0.2897 0.4078 0.3890 -0.0041 0.0377  0.0092  133 MET A C   
177 O O   . MET A 27 ? 0.2888 0.4005 0.3777 -0.0154 0.0521  0.0048  133 MET A O   
178 C CB  . MET A 27 ? 0.3361 0.5445 0.4953 0.0074  0.0236  0.0066  133 MET A CB  
179 C CG  . MET A 27 ? 0.3712 0.6289 0.5687 0.0324  0.0143  0.0064  133 MET A CG  
180 S SD  . MET A 27 ? 0.4530 0.6909 0.6409 0.0567  -0.0105 0.0230  133 MET A SD  
181 C CE  . MET A 27 ? 0.4181 0.6877 0.6017 0.0302  -0.0257 0.0251  133 MET A CE  
182 N N   . PHE A 28 ? 0.2735 0.3685 0.3552 -0.0084 0.0284  0.0140  134 PHE A N   
183 C CA  . PHE A 28 ? 0.2905 0.3520 0.3442 -0.0211 0.0336  0.0137  134 PHE A CA  
184 C C   . PHE A 28 ? 0.2999 0.3666 0.3505 -0.0391 0.0304  0.0113  134 PHE A C   
185 O O   . PHE A 28 ? 0.2977 0.3812 0.3567 -0.0380 0.0182  0.0131  134 PHE A O   
186 C CB  . PHE A 28 ? 0.2896 0.3219 0.3258 -0.0101 0.0279  0.0165  134 PHE A CB  
187 C CG  . PHE A 28 ? 0.2991 0.3221 0.3305 0.0022  0.0314  0.0160  134 PHE A CG  
188 C CD1 . PHE A 28 ? 0.3136 0.3297 0.3347 0.0005  0.0418  0.0148  134 PHE A CD1 
189 C CD2 . PHE A 28 ? 0.3017 0.3187 0.3326 0.0114  0.0255  0.0159  134 PHE A CD2 
190 C CE1 . PHE A 28 ? 0.3283 0.3378 0.3408 0.0088  0.0450  0.0124  134 PHE A CE1 
191 C CE2 . PHE A 28 ? 0.3036 0.3115 0.3270 0.0177  0.0301  0.0122  134 PHE A CE2 
192 C CZ  . PHE A 28 ? 0.3113 0.3177 0.3261 0.0171  0.0391  0.0099  134 PHE A CZ  
193 N N   . LEU A 29 ? 0.3247 0.3708 0.3563 -0.0570 0.0418  0.0076  135 LEU A N   
194 C CA  . LEU A 29 ? 0.3407 0.3762 0.3591 -0.0771 0.0427  0.0022  135 LEU A CA  
195 C C   . LEU A 29 ? 0.3509 0.3466 0.3476 -0.0659 0.0399  0.0034  135 LEU A C   
196 O O   . LEU A 29 ? 0.3665 0.3236 0.3416 -0.0571 0.0464  0.0059  135 LEU A O   
197 C CB  . LEU A 29 ? 0.3792 0.3967 0.3788 -0.1037 0.0595  -0.0039 135 LEU A CB  
198 C CG  . LEU A 29 ? 0.4006 0.4072 0.3851 -0.1296 0.0626  -0.0135 135 LEU A CG  
199 C CD1 . LEU A 29 ? 0.3802 0.4495 0.3941 -0.1394 0.0488  -0.0185 135 LEU A CD1 
200 C CD2 . LEU A 29 ? 0.4568 0.4327 0.4141 -0.1607 0.0829  -0.0202 135 LEU A CD2 
201 N N   . MET A 30 ? 0.3518 0.3610 0.3542 -0.0647 0.0296  0.0019  136 MET A N   
202 C CA  . MET A 30 ? 0.3778 0.3642 0.3677 -0.0533 0.0277  0.0002  136 MET A CA  
203 C C   . MET A 30 ? 0.3998 0.3637 0.3709 -0.0677 0.0342  -0.0099 136 MET A C   
204 O O   . MET A 30 ? 0.4300 0.4121 0.4013 -0.0877 0.0318  -0.0152 136 MET A O   
205 C CB  . MET A 30 ? 0.3668 0.3761 0.3675 -0.0468 0.0159  0.0035  136 MET A CB  
206 C CG  . MET A 30 ? 0.3900 0.3865 0.3814 -0.0393 0.0167  -0.0016 136 MET A CG  
207 S SD  . MET A 30 ? 0.4013 0.3865 0.3936 -0.0175 0.0192  -0.0004 136 MET A SD  
208 C CE  . MET A 30 ? 0.3891 0.3914 0.3935 -0.0134 0.0127  0.0076  136 MET A CE  
209 N N   . LYS A 31 ? 0.4114 0.3377 0.3654 -0.0554 0.0417  -0.0135 137 LYS A N   
210 C CA  . LYS A 31 ? 0.4377 0.3397 0.3749 -0.0613 0.0492  -0.0256 137 LYS A CA  
211 C C   . LYS A 31 ? 0.4248 0.3480 0.3721 -0.0508 0.0438  -0.0310 137 LYS A C   
212 O O   . LYS A 31 ? 0.4143 0.3473 0.3721 -0.0302 0.0394  -0.0276 137 LYS A O   
213 C CB  . LYS A 31 ? 0.4850 0.3310 0.3973 -0.0484 0.0611  -0.0274 137 LYS A CB  
214 C CG  . LYS A 31 ? 0.5248 0.3409 0.4187 -0.0551 0.0721  -0.0435 137 LYS A CG  
215 C CD  . LYS A 31 ? 0.5846 0.3352 0.4501 -0.0356 0.0840  -0.0455 137 LYS A CD  
216 C CE  . LYS A 31 ? 0.6174 0.3335 0.4625 -0.0464 0.0987  -0.0654 137 LYS A CE  
217 N NZ  . LYS A 31 ? 0.5860 0.3450 0.4532 -0.0389 0.0950  -0.0782 137 LYS A NZ  
218 N N   . TRP A 32 ? 0.4409 0.3718 0.3810 -0.0688 0.0457  -0.0416 138 TRP A N   
219 C CA  . TRP A 32 ? 0.4218 0.3713 0.3647 -0.0668 0.0451  -0.0498 138 TRP A CA  
220 C C   . TRP A 32 ? 0.4510 0.3754 0.3832 -0.0589 0.0595  -0.0678 138 TRP A C   
221 O O   . TRP A 32 ? 0.4685 0.3550 0.3819 -0.0654 0.0702  -0.0756 138 TRP A O   
222 C CB  . TRP A 32 ? 0.4314 0.4049 0.3667 -0.0932 0.0385  -0.0500 138 TRP A CB  
223 C CG  . TRP A 32 ? 0.4256 0.4224 0.3715 -0.0967 0.0241  -0.0336 138 TRP A CG  
224 C CD1 . TRP A 32 ? 0.4328 0.4411 0.3802 -0.1111 0.0195  -0.0304 138 TRP A CD1 
225 C CD2 . TRP A 32 ? 0.3952 0.4077 0.3532 -0.0840 0.0138  -0.0200 138 TRP A CD2 
226 N NE1 . TRP A 32 ? 0.4131 0.4487 0.3776 -0.1030 0.0057  -0.0152 138 TRP A NE1 
227 C CE2 . TRP A 32 ? 0.3890 0.4203 0.3567 -0.0860 0.0026  -0.0082 138 TRP A CE2 
228 C CE3 . TRP A 32 ? 0.3857 0.3989 0.3460 -0.0733 0.0142  -0.0190 138 TRP A CE3 
229 C CZ2 . TRP A 32 ? 0.3780 0.4195 0.3562 -0.0723 -0.0073 0.0056  138 TRP A CZ2 
230 C CZ3 . TRP A 32 ? 0.3783 0.3975 0.3442 -0.0661 0.0051  -0.0055 138 TRP A CZ3 
231 C CH2 . TRP A 32 ? 0.3817 0.4103 0.3552 -0.0632 -0.0052 0.0071  138 TRP A CH2 
232 N N   . LYS A 33 ? 0.4328 0.3779 0.3754 -0.0475 0.0619  -0.0772 139 LYS A N   
233 C CA  . LYS A 33 ? 0.4887 0.4181 0.4275 -0.0344 0.0763  -0.0969 139 LYS A CA  
234 C C   . LYS A 33 ? 0.5035 0.4179 0.4191 -0.0626 0.0872  -0.1117 139 LYS A C   
235 O O   . LYS A 33 ? 0.4921 0.4295 0.3998 -0.0904 0.0809  -0.1086 139 LYS A O   
236 C CB  . LYS A 33 ? 0.4951 0.4656 0.4549 -0.0212 0.0786  -0.1087 139 LYS A CB  
237 C CG  . LYS A 33 ? 0.5026 0.4968 0.4843 0.0013  0.0671  -0.0974 139 LYS A CG  
238 C CD  . LYS A 33 ? 0.5443 0.5657 0.5485 0.0311  0.0714  -0.1127 139 LYS A CD  
239 C CE  . LYS A 33 ? 0.5430 0.5883 0.5640 0.0499  0.0571  -0.0999 139 LYS A CE  
240 N NZ  . LYS A 33 ? 0.5694 0.6713 0.6198 0.0692  0.0567  -0.1159 139 LYS A NZ  
241 N N   . ASN A 34 ? 0.5375 0.4091 0.4379 -0.0544 0.1026  -0.1268 140 ASN A N   
242 C CA  . ASN A 34 ? 0.5786 0.4290 0.4523 -0.0812 0.1173  -0.1469 140 ASN A CA  
243 C C   . ASN A 34 ? 0.5770 0.4224 0.4302 -0.1192 0.1115  -0.1401 140 ASN A C   
244 O O   . ASN A 34 ? 0.5975 0.4438 0.4286 -0.1498 0.1185  -0.1555 140 ASN A O   
245 C CB  . ASN A 34 ? 0.5817 0.4711 0.4578 -0.0931 0.1246  -0.1654 140 ASN A CB  
246 C CG  . ASN A 34 ? 0.5841 0.4962 0.4877 -0.0587 0.1312  -0.1764 140 ASN A CG  
247 O OD1 . ASN A 34 ? 0.6331 0.5157 0.5402 -0.0286 0.1431  -0.1889 140 ASN A OD1 
248 N ND2 . ASN A 34 ? 0.5566 0.5219 0.4796 -0.0624 0.1230  -0.1715 140 ASN A ND2 
249 N N   . SER A 35 ? 0.5417 0.3866 0.4019 -0.1190 0.0995  -0.1197 141 SER A N   
250 C CA  . SER A 35 ? 0.5473 0.3955 0.3935 -0.1541 0.0955  -0.1173 141 SER A CA  
251 C C   . SER A 35 ? 0.5625 0.3738 0.4032 -0.1514 0.0996  -0.1083 141 SER A C   
252 O O   . SER A 35 ? 0.5332 0.3413 0.3893 -0.1238 0.0938  -0.0926 141 SER A O   
253 C CB  . SER A 35 ? 0.4936 0.4021 0.3570 -0.1656 0.0738  -0.1012 141 SER A CB  
254 O OG  . SER A 35 ? 0.5084 0.4321 0.3648 -0.1959 0.0684  -0.1008 141 SER A OG  
255 N N   A ASP A 36 ? 0.6091 0.3934 0.4243 -0.1838 0.1104  -0.1190 142 ASP A N   
256 N N   B ASP A 36 ? 0.6097 0.3960 0.4248 -0.1853 0.1102  -0.1198 142 ASP A N   
257 C CA  A ASP A 36 ? 0.6403 0.3941 0.4462 -0.1914 0.1159  -0.1106 142 ASP A CA  
258 C CA  B ASP A 36 ? 0.6450 0.3992 0.4472 -0.1988 0.1173  -0.1143 142 ASP A CA  
259 C C   A ASP A 36 ? 0.6085 0.4262 0.4354 -0.2180 0.1015  -0.1023 142 ASP A C   
260 C C   B ASP A 36 ? 0.6013 0.4196 0.4308 -0.2135 0.1005  -0.1000 142 ASP A C   
261 O O   A ASP A 36 ? 0.6316 0.4372 0.4493 -0.2401 0.1093  -0.1025 142 ASP A O   
262 O O   B ASP A 36 ? 0.6057 0.4114 0.4323 -0.2226 0.1058  -0.0939 142 ASP A O   
263 C CB  A ASP A 36 ? 0.7300 0.4048 0.4906 -0.2120 0.1409  -0.1285 142 ASP A CB  
264 C CB  B ASP A 36 ? 0.7221 0.4334 0.4850 -0.2397 0.1368  -0.1369 142 ASP A CB  
265 C CG  A ASP A 36 ? 0.7774 0.3835 0.5189 -0.1754 0.1554  -0.1357 142 ASP A CG  
266 C CG  B ASP A 36 ? 0.7094 0.4873 0.4786 -0.2837 0.1262  -0.1456 142 ASP A CG  
267 O OD1 A ASP A 36 ? 0.7522 0.3524 0.5090 -0.1324 0.1483  -0.1200 142 ASP A OD1 
268 O OD1 B ASP A 36 ? 0.7020 0.5162 0.4742 -0.2883 0.1177  -0.1528 142 ASP A OD1 
269 O OD2 A ASP A 36 ? 0.8535 0.4130 0.5641 -0.1894 0.1742  -0.1587 142 ASP A OD2 
270 O OD2 B ASP A 36 ? 0.7214 0.5206 0.4920 -0.3140 0.1257  -0.1453 142 ASP A OD2 
271 N N   . GLU A 37 ? 0.5573 0.4422 0.4112 -0.2145 0.0812  -0.0949 143 GLU A N   
272 C CA  . GLU A 37 ? 0.5274 0.4781 0.4071 -0.2273 0.0641  -0.0850 143 GLU A CA  
273 C C   . GLU A 37 ? 0.4765 0.4483 0.3863 -0.1904 0.0509  -0.0640 143 GLU A C   
274 O O   . GLU A 37 ? 0.4614 0.4419 0.3779 -0.1703 0.0422  -0.0579 143 GLU A O   
275 C CB  A GLU A 37 ? 0.5260 0.5266 0.4040 -0.2485 0.0498  -0.0911 143 GLU A CB  
276 C CB  B GLU A 37 ? 0.5259 0.5290 0.4050 -0.2489 0.0492  -0.0907 143 GLU A CB  
277 C CG  A GLU A 37 ? 0.4983 0.5743 0.4044 -0.2555 0.0279  -0.0804 143 GLU A CG  
278 C CG  B GLU A 37 ? 0.5825 0.5733 0.4296 -0.2916 0.0613  -0.1147 143 GLU A CG  
279 N N   . ALA A 38 ? 0.4587 0.4353 0.3826 -0.1855 0.0525  -0.0553 144 ALA A N   
280 C CA  . ALA A 38 ? 0.4402 0.4340 0.3894 -0.1547 0.0430  -0.0386 144 ALA A CA  
281 C C   . ALA A 38 ? 0.4126 0.4726 0.3923 -0.1574 0.0273  -0.0316 144 ALA A C   
282 O O   . ALA A 38 ? 0.4284 0.5241 0.4144 -0.1837 0.0263  -0.0395 144 ALA A O   
283 C CB  . ALA A 38 ? 0.4606 0.4145 0.4009 -0.1467 0.0567  -0.0342 144 ALA A CB  
284 N N   A ASP A 39 ? 0.3829 0.4619 0.3826 -0.1303 0.0150  -0.0183 145 ASP A N   
285 N N   B ASP A 39 ? 0.3834 0.4606 0.3826 -0.1295 0.0152  -0.0182 145 ASP A N   
286 C CA  A ASP A 39 ? 0.3673 0.5033 0.3974 -0.1253 0.0017  -0.0116 145 ASP A CA  
287 C CA  B ASP A 39 ? 0.3655 0.4987 0.3936 -0.1206 -0.0013 -0.0093 145 ASP A CA  
288 C C   A ASP A 39 ? 0.3434 0.4783 0.3912 -0.0955 -0.0001 -0.0004 145 ASP A C   
289 C C   B ASP A 39 ? 0.3454 0.4788 0.3930 -0.0958 0.0010  -0.0007 145 ASP A C   
290 O O   A ASP A 39 ? 0.3328 0.4287 0.3687 -0.0797 0.0046  0.0036  145 ASP A O   
291 O O   B ASP A 39 ? 0.3414 0.4343 0.3773 -0.0815 0.0084  0.0022  145 ASP A O   
292 C CB  A ASP A 39 ? 0.3725 0.5476 0.4042 -0.1295 -0.0181 -0.0083 145 ASP A CB  
293 C CB  B ASP A 39 ? 0.3655 0.5061 0.3877 -0.1092 -0.0180 -0.0003 145 ASP A CB  
294 C CG  A ASP A 39 ? 0.3817 0.5247 0.3887 -0.1221 -0.0225 -0.0035 145 ASP A CG  
295 C CG  B ASP A 39 ? 0.3920 0.5427 0.3935 -0.1341 -0.0234 -0.0079 145 ASP A CG  
296 O OD1 A ASP A 39 ? 0.3768 0.4799 0.3764 -0.1071 -0.0134 -0.0019 145 ASP A OD1 
297 O OD1 B ASP A 39 ? 0.4086 0.5987 0.4168 -0.1558 -0.0278 -0.0154 145 ASP A OD1 
298 O OD2 A ASP A 39 ? 0.3847 0.5481 0.3790 -0.1330 -0.0356 -0.0022 145 ASP A OD2 
299 O OD2 B ASP A 39 ? 0.3976 0.5216 0.3759 -0.1341 -0.0228 -0.0083 145 ASP A OD2 
300 N N   . LEU A 40 ? 0.3317 0.5147 0.4094 -0.0892 -0.0062 0.0020  146 LEU A N   
301 C CA  . LEU A 40 ? 0.3392 0.5255 0.4360 -0.0629 -0.0049 0.0087  146 LEU A CA  
302 C C   . LEU A 40 ? 0.3375 0.5114 0.4307 -0.0383 -0.0191 0.0208  146 LEU A C   
303 O O   . LEU A 40 ? 0.3470 0.5435 0.4411 -0.0362 -0.0354 0.0269  146 LEU A O   
304 C CB  . LEU A 40 ? 0.3403 0.5891 0.4744 -0.0615 -0.0060 0.0043  146 LEU A CB  
305 C CG  . LEU A 40 ? 0.3602 0.6214 0.4974 -0.0893 0.0133  -0.0090 146 LEU A CG  
306 C CD1 . LEU A 40 ? 0.3566 0.6970 0.5384 -0.0896 0.0130  -0.0173 146 LEU A CD1 
307 C CD2 . LEU A 40 ? 0.3640 0.5693 0.4783 -0.0861 0.0317  -0.0078 146 LEU A CD2 
308 N N   . VAL A 41 ? 0.3266 0.4633 0.4109 -0.0223 -0.0125 0.0244  147 VAL A N   
309 C CA  . VAL A 41 ? 0.3338 0.4508 0.4103 -0.0025 -0.0217 0.0345  147 VAL A CA  
310 C C   . VAL A 41 ? 0.3180 0.4274 0.4070 0.0183  -0.0145 0.0347  147 VAL A C   
311 O O   . VAL A 41 ? 0.2963 0.4018 0.3884 0.0143  -0.0009 0.0273  147 VAL A O   
312 C CB  . VAL A 41 ? 0.3448 0.4224 0.3917 -0.0101 -0.0197 0.0345  147 VAL A CB  
313 C CG1 . VAL A 41 ? 0.3714 0.4557 0.4039 -0.0301 -0.0249 0.0320  147 VAL A CG1 
314 C CG2 . VAL A 41 ? 0.3381 0.3924 0.3784 -0.0123 -0.0057 0.0266  147 VAL A CG2 
315 N N   . PRO A 42 ? 0.3273 0.4300 0.4188 0.0400  -0.0227 0.0432  148 PRO A N   
316 C CA  . PRO A 42 ? 0.3346 0.4209 0.4327 0.0586  -0.0125 0.0400  148 PRO A CA  
317 C C   . PRO A 42 ? 0.3328 0.3784 0.4065 0.0493  -0.0008 0.0345  148 PRO A C   
318 O O   . PRO A 42 ? 0.3292 0.3498 0.3792 0.0386  -0.0041 0.0370  148 PRO A O   
319 C CB  . PRO A 42 ? 0.3704 0.4389 0.4635 0.0836  -0.0240 0.0518  148 PRO A CB  
320 C CG  . PRO A 42 ? 0.3767 0.4775 0.4740 0.0817  -0.0431 0.0615  148 PRO A CG  
321 C CD  . PRO A 42 ? 0.3574 0.4590 0.4389 0.0495  -0.0408 0.0564  148 PRO A CD  
322 N N   . ALA A 43 ? 0.3291 0.3755 0.4090 0.0511  0.0128  0.0255  149 ALA A N   
323 C CA  . ALA A 43 ? 0.3442 0.3595 0.4016 0.0452  0.0214  0.0196  149 ALA A CA  
324 C C   . ALA A 43 ? 0.3751 0.3522 0.4125 0.0505  0.0198  0.0216  149 ALA A C   
325 O O   . ALA A 43 ? 0.3738 0.3331 0.3903 0.0370  0.0201  0.0189  149 ALA A O   
326 C CB  . ALA A 43 ? 0.3522 0.3740 0.4153 0.0483  0.0356  0.0104  149 ALA A CB  
327 N N   . LYS A 44 ? 0.3992 0.3644 0.4420 0.0698  0.0183  0.0261  150 LYS A N   
328 C CA  . LYS A 44 ? 0.4638 0.3775 0.4784 0.0742  0.0188  0.0297  150 LYS A CA  
329 C C   . LYS A 44 ? 0.4872 0.3828 0.4753 0.0558  0.0101  0.0376  150 LYS A C   
330 O O   . LYS A 44 ? 0.5077 0.3644 0.4661 0.0425  0.0165  0.0341  150 LYS A O   
331 C CB  . LYS A 44 ? 0.5040 0.4039 0.5272 0.1051  0.0154  0.0373  150 LYS A CB  
332 N N   . GLU A 45 ? 0.4531 0.3795 0.4511 0.0508  -0.0017 0.0452  151 GLU A N   
333 C CA  . GLU A 45 ? 0.4583 0.3747 0.4325 0.0319  -0.0079 0.0503  151 GLU A CA  
334 C C   . GLU A 45 ? 0.4149 0.3474 0.3891 0.0108  -0.0008 0.0372  151 GLU A C   
335 O O   . GLU A 45 ? 0.4102 0.3262 0.3626 -0.0063 0.0034  0.0327  151 GLU A O   
336 C CB  . GLU A 45 ? 0.4713 0.4162 0.4539 0.0347  -0.0230 0.0611  151 GLU A CB  
337 C CG  . GLU A 45 ? 0.4993 0.4362 0.4545 0.0129  -0.0278 0.0647  151 GLU A CG  
338 C CD  . GLU A 45 ? 0.5191 0.4815 0.4746 0.0146  -0.0448 0.0761  151 GLU A CD  
339 O OE1 . GLU A 45 ? 0.5143 0.5185 0.5011 0.0248  -0.0514 0.0755  151 GLU A OE1 
340 O OE2 . GLU A 45 ? 0.5409 0.4854 0.4634 0.0016  -0.0507 0.0841  151 GLU A OE2 
341 N N   . ALA A 46 ? 0.3564 0.3202 0.3534 0.0125  0.0012  0.0312  152 ALA A N   
342 C CA  . ALA A 46 ? 0.3340 0.3092 0.3306 0.0016  0.0063  0.0209  152 ALA A CA  
343 C C   . ALA A 46 ? 0.3440 0.3073 0.3295 -0.0026 0.0138  0.0111  152 ALA A C   
344 O O   . ALA A 46 ? 0.3329 0.3055 0.3123 -0.0141 0.0153  0.0026  152 ALA A O   
345 C CB  . ALA A 46 ? 0.3064 0.3019 0.3191 0.0058  0.0083  0.0188  152 ALA A CB  
346 N N   . ASN A 47 ? 0.3287 0.2777 0.3133 0.0057  0.0192  0.0097  153 ASN A N   
347 C CA  . ASN A 47 ? 0.3589 0.2974 0.3294 -0.0026 0.0269  -0.0022 153 ASN A CA  
348 C C   . ASN A 47 ? 0.3929 0.3147 0.3421 -0.0219 0.0291  -0.0070 153 ASN A C   
349 O O   . ASN A 47 ? 0.3953 0.3326 0.3391 -0.0365 0.0324  -0.0200 153 ASN A O   
350 C CB  . ASN A 47 ? 0.3748 0.2889 0.3408 0.0073  0.0353  -0.0047 153 ASN A CB  
351 C CG  . ASN A 47 ? 0.3560 0.2904 0.3394 0.0198  0.0383  -0.0054 153 ASN A CG  
352 O OD1 . ASN A 47 ? 0.3513 0.3112 0.3432 0.0186  0.0346  -0.0036 153 ASN A OD1 
353 N ND2 . ASN A 47 ? 0.3612 0.2807 0.3471 0.0316  0.0467  -0.0083 153 ASN A ND2 
354 N N   . VAL A 48 ? 0.4226 0.3153 0.3579 -0.0229 0.0271  0.0036  154 VAL A N   
355 C CA  . VAL A 48 ? 0.4769 0.3434 0.3828 -0.0454 0.0319  0.0012  154 VAL A CA  
356 C C   . VAL A 48 ? 0.4559 0.3543 0.3653 -0.0609 0.0288  -0.0021 154 VAL A C   
357 O O   . VAL A 48 ? 0.4400 0.3483 0.3387 -0.0844 0.0363  -0.0154 154 VAL A O   
358 C CB  . VAL A 48 ? 0.5497 0.3604 0.4284 -0.0379 0.0302  0.0176  154 VAL A CB  
359 C CG1 . VAL A 48 ? 0.6118 0.3853 0.4486 -0.0662 0.0367  0.0181  154 VAL A CG1 
360 C CG2 . VAL A 48 ? 0.5946 0.3688 0.4682 -0.0212 0.0373  0.0164  154 VAL A CG2 
361 N N   . LYS A 49 ? 0.4229 0.3382 0.3461 -0.0499 0.0197  0.0078  155 LYS A N   
362 C CA  . LYS A 49 ? 0.4366 0.3743 0.3588 -0.0637 0.0189  0.0040  155 LYS A CA  
363 C C   . LYS A 49 ? 0.3929 0.3750 0.3398 -0.0622 0.0209  -0.0112 155 LYS A C   
364 O O   . LYS A 49 ? 0.3845 0.3877 0.3311 -0.0756 0.0255  -0.0219 155 LYS A O   
365 C CB  . LYS A 49 ? 0.4467 0.3827 0.3684 -0.0558 0.0085  0.0186  155 LYS A CB  
366 C CG  . LYS A 49 ? 0.5019 0.3963 0.3919 -0.0571 0.0036  0.0350  155 LYS A CG  
367 C CD  . LYS A 49 ? 0.5117 0.4139 0.3964 -0.0537 -0.0093 0.0483  155 LYS A CD  
368 C CE  . LYS A 49 ? 0.5728 0.4281 0.4184 -0.0514 -0.0164 0.0677  155 LYS A CE  
369 N NZ  . LYS A 49 ? 0.5948 0.4667 0.4424 -0.0386 -0.0347 0.0830  155 LYS A NZ  
370 N N   . CYS A 50 ? 0.3604 0.3552 0.3267 -0.0443 0.0182  -0.0119 156 CYS A N   
371 C CA  . CYS A 50 ? 0.3364 0.3646 0.3201 -0.0370 0.0181  -0.0229 156 CYS A CA  
372 C C   . CYS A 50 ? 0.3341 0.3685 0.3237 -0.0248 0.0164  -0.0246 156 CYS A C   
373 O O   . CYS A 50 ? 0.3341 0.3696 0.3307 -0.0090 0.0132  -0.0193 156 CYS A O   
374 C CB  . CYS A 50 ? 0.3396 0.3714 0.3314 -0.0281 0.0155  -0.0193 156 CYS A CB  
375 S SG  . CYS A 50 ? 0.3487 0.3608 0.3431 -0.0177 0.0110  -0.0038 156 CYS A SG  
376 N N   . PRO A 51 ? 0.3266 0.3616 0.3075 -0.0357 0.0201  -0.0328 157 PRO A N   
377 C CA  . PRO A 51 ? 0.3223 0.3637 0.3029 -0.0277 0.0187  -0.0358 157 PRO A CA  
378 C C   . PRO A 51 ? 0.2967 0.3709 0.2883 -0.0119 0.0112  -0.0385 157 PRO A C   
379 O O   . PRO A 51 ? 0.2732 0.3415 0.2599 0.0004  0.0084  -0.0326 157 PRO A O   
380 C CB  . PRO A 51 ? 0.3389 0.3817 0.3057 -0.0499 0.0252  -0.0500 157 PRO A CB  
381 C CG  . PRO A 51 ? 0.3559 0.4005 0.3179 -0.0702 0.0303  -0.0556 157 PRO A CG  
382 C CD  . PRO A 51 ? 0.3498 0.3714 0.3130 -0.0603 0.0276  -0.0398 157 PRO A CD  
383 N N   . GLN A 52 ? 0.2821 0.3895 0.2861 -0.0111 0.0085  -0.0476 158 GLN A N   
384 C CA  . GLN A 52 ? 0.2966 0.4343 0.3102 0.0112  -0.0007 -0.0496 158 GLN A CA  
385 C C   . GLN A 52 ? 0.2985 0.4039 0.3073 0.0321  -0.0026 -0.0340 158 GLN A C   
386 O O   . GLN A 52 ? 0.3010 0.4058 0.3023 0.0512  -0.0097 -0.0280 158 GLN A O   
387 C CB  . GLN A 52 ? 0.3004 0.4899 0.3341 0.0117  -0.0023 -0.0665 158 GLN A CB  
388 C CG  . GLN A 52 ? 0.3168 0.5472 0.3544 -0.0144 0.0008  -0.0855 158 GLN A CG  
389 C CD  . GLN A 52 ? 0.3332 0.5718 0.3587 -0.0180 -0.0050 -0.0874 158 GLN A CD  
390 O OE1 . GLN A 52 ? 0.3410 0.5938 0.3660 0.0055  -0.0172 -0.0815 158 GLN A OE1 
391 N NE2 . GLN A 52 ? 0.3565 0.5785 0.3657 -0.0485 0.0047  -0.0951 158 GLN A NE2 
392 N N   . VAL A 53 ? 0.2890 0.3665 0.2970 0.0249  0.0036  -0.0280 159 VAL A N   
393 C CA  . VAL A 53 ? 0.3117 0.3571 0.3124 0.0346  0.0050  -0.0164 159 VAL A CA  
394 C C   . VAL A 53 ? 0.3052 0.3291 0.2940 0.0345  0.0064  -0.0055 159 VAL A C   
395 O O   . VAL A 53 ? 0.3098 0.3135 0.2851 0.0442  0.0069  0.0027  159 VAL A O   
396 C CB  . VAL A 53 ? 0.3159 0.3493 0.3195 0.0219  0.0103  -0.0165 159 VAL A CB  
397 C CG1 . VAL A 53 ? 0.3360 0.3397 0.3310 0.0229  0.0135  -0.0073 159 VAL A CG1 
398 C CG2 . VAL A 53 ? 0.3239 0.3781 0.3362 0.0228  0.0123  -0.0296 159 VAL A CG2 
399 N N   . VAL A 54 ? 0.2879 0.3138 0.2781 0.0232  0.0090  -0.0068 160 VAL A N   
400 C CA  . VAL A 54 ? 0.2889 0.3013 0.2712 0.0231  0.0131  -0.0014 160 VAL A CA  
401 C C   . VAL A 54 ? 0.2936 0.3131 0.2606 0.0310  0.0094  -0.0023 160 VAL A C   
402 O O   . VAL A 54 ? 0.2976 0.3014 0.2493 0.0353  0.0122  0.0055  160 VAL A O   
403 C CB  . VAL A 54 ? 0.2954 0.3030 0.2818 0.0138  0.0177  -0.0045 160 VAL A CB  
404 C CG1 . VAL A 54 ? 0.3115 0.3099 0.2922 0.0158  0.0247  -0.0039 160 VAL A CG1 
405 C CG2 . VAL A 54 ? 0.2967 0.2972 0.2929 0.0098  0.0175  0.0008  160 VAL A CG2 
406 N N   . ILE A 55 ? 0.2880 0.3344 0.2566 0.0309  0.0029  -0.0121 161 ILE A N   
407 C CA  . ILE A 55 ? 0.3085 0.3707 0.2614 0.0374  -0.0040 -0.0138 161 ILE A CA  
408 C C   . ILE A 55 ? 0.3343 0.3885 0.2748 0.0594  -0.0123 -0.0021 161 ILE A C   
409 O O   . ILE A 55 ? 0.3648 0.4080 0.2795 0.0660  -0.0154 0.0061  161 ILE A O   
410 C CB  . ILE A 55 ? 0.3006 0.4052 0.2619 0.0283  -0.0097 -0.0303 161 ILE A CB  
411 C CG1 . ILE A 55 ? 0.3054 0.3974 0.2622 0.0049  0.0015  -0.0401 161 ILE A CG1 
412 C CG2 . ILE A 55 ? 0.3196 0.4561 0.2691 0.0404  -0.0233 -0.0318 161 ILE A CG2 
413 C CD1 . ILE A 55 ? 0.3031 0.4266 0.2635 -0.0147 0.0015  -0.0587 161 ILE A CD1 
414 N N   . SER A 56 ? 0.3377 0.3930 0.2913 0.0705  -0.0148 -0.0020 162 SER A N   
415 C CA  A SER A 56 ? 0.3765 0.4089 0.3142 0.0942  -0.0203 0.0092  162 SER A CA  
416 C CA  B SER A 56 ? 0.3769 0.4092 0.3153 0.0940  -0.0199 0.0089  162 SER A CA  
417 C C   . SER A 56 ? 0.4103 0.3902 0.3196 0.0893  -0.0110 0.0242  162 SER A C   
418 O O   . SER A 56 ? 0.4721 0.4274 0.3494 0.1028  -0.0155 0.0365  162 SER A O   
419 C CB  A SER A 56 ? 0.3694 0.4032 0.3258 0.1033  -0.0187 0.0032  162 SER A CB  
420 C CB  B SER A 56 ? 0.3683 0.4006 0.3260 0.1003  -0.0171 0.0027  162 SER A CB  
421 O OG  A SER A 56 ? 0.3594 0.4485 0.3410 0.1074  -0.0258 -0.0123 162 SER A OG  
422 O OG  B SER A 56 ? 0.4169 0.4086 0.3548 0.1206  -0.0171 0.0129  162 SER A OG  
423 N N   . PHE A 57 ? 0.3916 0.3575 0.3106 0.0692  0.0015  0.0231  163 PHE A N   
424 C CA  . PHE A 57 ? 0.4172 0.3477 0.3159 0.0581  0.0129  0.0325  163 PHE A CA  
425 C C   . PHE A 57 ? 0.4462 0.3743 0.3198 0.0552  0.0143  0.0373  163 PHE A C   
426 O O   . PHE A 57 ? 0.4836 0.3765 0.3204 0.0561  0.0182  0.0493  163 PHE A O   
427 C CB  . PHE A 57 ? 0.3889 0.3283 0.3123 0.0388  0.0225  0.0268  163 PHE A CB  
428 C CG  . PHE A 57 ? 0.4220 0.3441 0.3345 0.0238  0.0355  0.0314  163 PHE A CG  
429 C CD1 . PHE A 57 ? 0.4564 0.3429 0.3475 0.0169  0.0432  0.0376  163 PHE A CD1 
430 C CD2 . PHE A 57 ? 0.4050 0.3453 0.3274 0.0150  0.0426  0.0272  163 PHE A CD2 
431 C CE1 . PHE A 57 ? 0.4730 0.3501 0.3543 -0.0033 0.0580  0.0389  163 PHE A CE1 
432 C CE2 . PHE A 57 ? 0.4376 0.3734 0.3550 0.0000  0.0569  0.0281  163 PHE A CE2 
433 C CZ  . PHE A 57 ? 0.4537 0.3607 0.3508 -0.0116 0.0646  0.0337  163 PHE A CZ  
434 N N   . TYR A 58 ? 0.4167 0.3762 0.3035 0.0491  0.0129  0.0276  164 TYR A N   
435 C CA  . TYR A 58 ? 0.4504 0.4099 0.3118 0.0433  0.0163  0.0281  164 TYR A CA  
436 C C   . TYR A 58 ? 0.5005 0.4577 0.3266 0.0578  0.0027  0.0367  164 TYR A C   
437 O O   . TYR A 58 ? 0.5225 0.4573 0.3095 0.0538  0.0069  0.0459  164 TYR A O   
438 C CB  . TYR A 58 ? 0.4415 0.4278 0.3212 0.0328  0.0197  0.0127  164 TYR A CB  
439 C CG  . TYR A 58 ? 0.4207 0.4039 0.3252 0.0226  0.0337  0.0071  164 TYR A CG  
440 C CD1 . TYR A 58 ? 0.4483 0.4193 0.3486 0.0154  0.0480  0.0102  164 TYR A CD1 
441 C CD2 . TYR A 58 ? 0.4118 0.4057 0.3413 0.0201  0.0330  -0.0019 164 TYR A CD2 
442 C CE1 . TYR A 58 ? 0.4307 0.4106 0.3595 0.0112  0.0585  0.0038  164 TYR A CE1 
443 C CE2 . TYR A 58 ? 0.4008 0.3909 0.3505 0.0173  0.0427  -0.0047 164 TYR A CE2 
444 C CZ  . TYR A 58 ? 0.4083 0.3960 0.3610 0.0155  0.0542  -0.0021 164 TYR A CZ  
445 O OH  . TYR A 58 ? 0.4144 0.4092 0.3926 0.0179  0.0615  -0.0059 164 TYR A OH  
446 N N   . GLU A 59 ? 0.5179 0.5026 0.3568 0.0744  -0.0137 0.0333  165 GLU A N   
447 C CA  . GLU A 59 ? 0.5862 0.5816 0.3987 0.0957  -0.0323 0.0413  165 GLU A CA  
448 C C   . GLU A 59 ? 0.6620 0.6061 0.4362 0.1154  -0.0357 0.0627  165 GLU A C   
449 O O   . GLU A 59 ? 0.7399 0.6721 0.4718 0.1256  -0.0457 0.0755  165 GLU A O   
450 C CB  . GLU A 59 ? 0.5775 0.6226 0.4227 0.1114  -0.0477 0.0302  165 GLU A CB  
451 C CG  . GLU A 59 ? 0.5626 0.6628 0.4259 0.0947  -0.0514 0.0108  165 GLU A CG  
452 C CD  . GLU A 59 ? 0.5645 0.7238 0.4605 0.1072  -0.0656 -0.0023 165 GLU A CD  
453 O OE1 . GLU A 59 ? 0.5298 0.7412 0.4320 0.0955  -0.0732 -0.0176 165 GLU A OE1 
454 O OE2 . GLU A 59 ? 0.5856 0.7407 0.5009 0.1262  -0.0670 0.0001  165 GLU A OE2 
455 N N   . GLU A 60 ? 0.7017 0.6123 0.4856 0.1202  -0.0279 0.0665  166 GLU A N   
456 C CA  . GLU A 60 ? 0.7959 0.6368 0.5360 0.1316  -0.0237 0.0858  166 GLU A CA  
457 C C   . GLU A 60 ? 0.8744 0.6719 0.5681 0.1079  -0.0086 0.0972  166 GLU A C   
458 O O   . GLU A 60 ? 0.9781 0.7242 0.6153 0.1176  -0.0111 0.1165  166 GLU A O   
459 C CB  . GLU A 60 ? 0.7803 0.5936 0.5407 0.1280  -0.0115 0.0810  166 GLU A CB  
460 N N   . ARG A 61 ? 0.8659 0.6840 0.5817 0.0778  0.0076  0.0850  167 ARG A N   
461 C CA  . ARG A 61 ? 0.9162 0.7101 0.5974 0.0521  0.0254  0.0895  167 ARG A CA  
462 C C   . ARG A 61 ? 0.9397 0.7499 0.5883 0.0501  0.0198  0.0914  167 ARG A C   
463 O O   . ARG A 61 ? 1.0265 0.8077 0.6322 0.0318  0.0337  0.0984  167 ARG A O   
464 C CB  . ARG A 61 ? 0.8821 0.6992 0.6056 0.0258  0.0450  0.0737  167 ARG A CB  
465 C CG  . ARG A 61 ? 0.8988 0.6957 0.6411 0.0206  0.0520  0.0730  167 ARG A CG  
466 C CD  . ARG A 61 ? 0.8683 0.7010 0.6578 0.0004  0.0648  0.0579  167 ARG A CD  
467 N NE  . ARG A 61 ? 0.9071 0.7554 0.6938 -0.0200 0.0816  0.0518  167 ARG A NE  
468 C CZ  . ARG A 61 ? 0.9511 0.7836 0.7205 -0.0453 0.1018  0.0520  167 ARG A CZ  
469 N NH1 . ARG A 61 ? 0.9656 0.8239 0.7390 -0.0608 0.1176  0.0427  167 ARG A NH1 
470 N NH2 . ARG A 61 ? 1.0012 0.7933 0.7486 -0.0579 0.1090  0.0586  167 ARG A NH2 
471 N N   . LEU A 62 ? 0.9010 0.7583 0.5658 0.0645  0.0008  0.0838  168 LEU A N   
472 C CA  . LEU A 62 ? 0.9050 0.7817 0.5367 0.0596  -0.0057 0.0828  168 LEU A CA  
473 N N   . GLY B 7  ? 0.6786 0.5838 0.7525 0.0756  -0.0457 -0.0300 44  GLY B N   
474 C CA  . GLY B 7  ? 0.6608 0.5714 0.6881 0.0696  -0.0419 -0.0129 44  GLY B CA  
475 C C   . GLY B 7  ? 0.6264 0.5430 0.6423 0.0467  -0.0202 -0.0116 44  GLY B C   
476 O O   . GLY B 7  ? 0.6155 0.5416 0.6356 0.0428  -0.0243 -0.0147 44  GLY B O   
477 N N   . THR B 8  ? 0.5885 0.5014 0.6021 0.0344  -0.0049 -0.0105 45  THR B N   
478 C CA  . THR B 8  ? 0.5846 0.5094 0.5824 0.0145  0.0104  -0.0031 45  THR B CA  
479 C C   . THR B 8  ? 0.5881 0.4901 0.5604 0.0128  0.0123  0.0106  45  THR B C   
480 O O   . THR B 8  ? 0.6615 0.5454 0.6453 0.0174  0.0088  0.0108  45  THR B O   
481 C CB  . THR B 8  ? 0.6024 0.5710 0.6151 0.0028  0.0258  -0.0219 45  THR B CB  
482 O OG1 . THR B 8  ? 0.6113 0.6213 0.6542 -0.0029 0.0306  -0.0288 45  THR B OG1 
483 C CG2 . THR B 8  ? 0.6020 0.5942 0.5882 -0.0163 0.0360  -0.0061 45  THR B CG2 
484 N N   . VAL B 9  ? 0.5573 0.4618 0.5129 0.0045  0.0146  0.0215  46  VAL B N   
485 C CA  . VAL B 9  ? 0.5396 0.4367 0.4808 0.0015  0.0181  0.0309  46  VAL B CA  
486 C C   . VAL B 9  ? 0.5285 0.4379 0.4677 -0.0117 0.0213  0.0296  46  VAL B C   
487 O O   . VAL B 9  ? 0.5423 0.4614 0.4851 -0.0168 0.0148  0.0379  46  VAL B O   
488 C CB  . VAL B 9  ? 0.5339 0.4433 0.4636 0.0121  0.0127  0.0337  46  VAL B CB  
489 C CG1 . VAL B 9  ? 0.5540 0.4784 0.4762 0.0064  0.0216  0.0419  46  VAL B CG1 
490 C CG2 . VAL B 9  ? 0.5676 0.4853 0.4867 0.0272  0.0055  0.0374  46  VAL B CG2 
491 N N   . ALA B 10 ? 0.5189 0.4296 0.4625 -0.0179 0.0253  0.0222  47  ALA B N   
492 C CA  . ALA B 10 ? 0.5332 0.4666 0.4708 -0.0270 0.0226  0.0185  47  ALA B CA  
493 C C   . ALA B 10 ? 0.5396 0.4676 0.4824 -0.0261 0.0189  0.0270  47  ALA B C   
494 O O   . ALA B 10 ? 0.5364 0.4588 0.4919 -0.0273 0.0262  0.0288  47  ALA B O   
495 C CB  . ALA B 10 ? 0.5455 0.4959 0.4996 -0.0303 0.0227  -0.0112 47  ALA B CB  
496 N N   . LEU B 11 ? 0.5503 0.4870 0.4951 -0.0248 0.0056  0.0350  48  LEU B N   
497 C CA  . LEU B 11 ? 0.5650 0.5080 0.5311 -0.0167 -0.0014 0.0285  48  LEU B CA  
498 C C   . LEU B 11 ? 0.5946 0.5560 0.5747 -0.0220 -0.0043 0.0197  48  LEU B C   
499 O O   . LEU B 11 ? 0.6019 0.5717 0.5723 -0.0300 -0.0089 0.0187  48  LEU B O   
500 C CB  . LEU B 11 ? 0.5669 0.5025 0.5607 -0.0076 -0.0262 0.0327  48  LEU B CB  
501 C CG  . LEU B 11 ? 0.5630 0.4839 0.5678 -0.0012 -0.0312 0.0319  48  LEU B CG  
502 C CD1 . LEU B 11 ? 0.5846 0.4897 0.6496 0.0039  -0.0665 0.0375  48  LEU B CD1 
503 C CD2 . LEU B 11 ? 0.5673 0.5074 0.5646 0.0148  -0.0195 0.0048  48  LEU B CD2 
504 N N   . ARG B 12 ? 0.6591 0.6433 0.6666 -0.0157 -0.0027 0.0058  49  ARG B N   
505 C CA  . ARG B 12 ? 0.6952 0.7058 0.7337 -0.0187 -0.0099 -0.0080 49  ARG B CA  
506 C C   . ARG B 12 ? 0.7514 0.7584 0.8049 -0.0091 -0.0462 -0.0044 49  ARG B C   
507 O O   . ARG B 12 ? 0.7899 0.7810 0.8626 0.0033  -0.0666 0.0013  49  ARG B O   
508 C CB  . ARG B 12 ? 0.6706 0.7292 0.7412 -0.0153 0.0066  -0.0256 49  ARG B CB  
509 N N   . GLU B 13 ? 0.8051 0.8281 0.8593 -0.0149 -0.0606 -0.0054 50  GLU B N   
510 C CA  . GLU B 13 ? 0.8109 0.8379 0.8678 -0.0091 -0.1002 0.0166  50  GLU B CA  
# 
loop_
_pdbx_poly_seq_scheme.asym_id 
_pdbx_poly_seq_scheme.entity_id 
_pdbx_poly_seq_scheme.seq_id 
_pdbx_poly_seq_scheme.mon_id 
_pdbx_poly_seq_scheme.ndb_seq_num 
_pdbx_poly_seq_scheme.pdb_seq_num 
_pdbx_poly_seq_scheme.auth_seq_num 
_pdbx_poly_seq_scheme.pdb_mon_id 
_pdbx_poly_seq_scheme.auth_mon_id 
_pdbx_poly_seq_scheme.pdb_strand_id 
_pdbx_poly_seq_scheme.pdb_ins_code 
_pdbx_poly_seq_scheme.hetero 
A 1 1  GLY 1  107 ?   ?   ?   A . n 
A 1 2  GLU 2  108 108 GLU GLU A . n 
A 1 3  LYS 3  109 109 LYS LYS A . n 
A 1 4  PRO 4  110 110 PRO PRO A . n 
A 1 5  ARG 5  111 111 ARG ARG A . n 
A 1 6  GLY 6  112 112 GLY GLY A . n 
A 1 7  PHE 7  113 113 PHE PHE A . n 
A 1 8  ALA 8  114 114 ALA ALA A . n 
A 1 9  ARG 9  115 115 ARG ARG A . n 
A 1 10 GLY 10 116 116 GLY GLY A . n 
A 1 11 LEU 11 117 117 LEU LEU A . n 
A 1 12 GLU 12 118 118 GLU GLU A . n 
A 1 13 PRO 13 119 119 PRO PRO A . n 
A 1 14 GLU 14 120 120 GLU GLU A . n 
A 1 15 ARG 15 121 121 ARG ARG A . n 
A 1 16 ILE 16 122 122 ILE ILE A . n 
A 1 17 ILE 17 123 123 ILE ILE A . n 
A 1 18 GLY 18 124 124 GLY GLY A . n 
A 1 19 ALA 19 125 125 ALA ALA A . n 
A 1 20 THR 20 126 126 THR THR A . n 
A 1 21 ASP 21 127 127 ASP ASP A . n 
A 1 22 SER 22 128 128 SER SER A . n 
A 1 23 SER 23 129 129 SER SER A . n 
A 1 24 GLY 24 130 130 GLY GLY A . n 
A 1 25 GLU 25 131 131 GLU GLU A . n 
A 1 26 LEU 26 132 132 LEU LEU A . n 
A 1 27 MET 27 133 133 MET MET A . n 
A 1 28 PHE 28 134 134 PHE PHE A . n 
A 1 29 LEU 29 135 135 LEU LEU A . n 
A 1 30 MET 30 136 136 MET MET A . n 
A 1 31 LYS 31 137 137 LYS LYS A . n 
A 1 32 TRP 32 138 138 TRP TRP A . n 
A 1 33 LYS 33 139 139 LYS LYS A . n 
A 1 34 ASN 34 140 140 ASN ASN A . n 
A 1 35 SER 35 141 141 SER SER A . n 
A 1 36 ASP 36 142 142 ASP ASP A . n 
A 1 37 GLU 37 143 143 GLU GLU A . n 
A 1 38 ALA 38 144 144 ALA ALA A . n 
A 1 39 ASP 39 145 145 ASP ASP A . n 
A 1 40 LEU 40 146 146 LEU LEU A . n 
A 1 41 VAL 41 147 147 VAL VAL A . n 
A 1 42 PRO 42 148 148 PRO PRO A . n 
A 1 43 ALA 43 149 149 ALA ALA A . n 
A 1 44 LYS 44 150 150 LYS LYS A . n 
A 1 45 GLU 45 151 151 GLU GLU A . n 
A 1 46 ALA 46 152 152 ALA ALA A . n 
A 1 47 ASN 47 153 153 ASN ASN A . n 
A 1 48 VAL 48 154 154 VAL VAL A . n 
A 1 49 LYS 49 155 155 LYS LYS A . n 
A 1 50 CYS 50 156 156 CYS CYS A . n 
A 1 51 PRO 51 157 157 PRO PRO A . n 
A 1 52 GLN 52 158 158 GLN GLN A . n 
A 1 53 VAL 53 159 159 VAL VAL A . n 
A 1 54 VAL 54 160 160 VAL VAL A . n 
A 1 55 ILE 55 161 161 ILE ILE A . n 
A 1 56 SER 56 162 162 SER SER A . n 
A 1 57 PHE 57 163 163 PHE PHE A . n 
A 1 58 TYR 58 164 164 TYR TYR A . n 
A 1 59 GLU 59 165 165 GLU GLU A . n 
A 1 60 GLU 60 166 166 GLU GLU A . n 
A 1 61 ARG 61 167 167 ARG ARG A . n 
A 1 62 LEU 62 168 168 LEU LEU A . n 
A 1 63 THR 63 169 ?   ?   ?   A . n 
A 1 64 TRP 64 170 ?   ?   ?   A . n 
A 1 65 HIS 65 171 ?   ?   ?   A . n 
A 1 66 SER 66 172 ?   ?   ?   A . n 
A 1 67 TYR 67 173 ?   ?   ?   A . n 
A 1 68 PRO 68 174 ?   ?   ?   A . n 
A 1 69 SER 69 175 ?   ?   ?   A . n 
A 1 70 GLU 70 176 ?   ?   ?   A . n 
A 1 71 ASP 71 177 ?   ?   ?   A . n 
A 1 72 ASP 72 178 ?   ?   ?   A . n 
A 1 73 ASP 73 179 ?   ?   ?   A . n 
A 1 74 LYS 74 180 ?   ?   ?   A . n 
A 1 75 LYS 75 181 ?   ?   ?   A . n 
A 1 76 ASP 76 182 ?   ?   ?   A . n 
A 1 77 ASP 77 183 ?   ?   ?   A . n 
A 1 78 LYS 78 184 ?   ?   ?   A . n 
A 1 79 ASN 79 185 ?   ?   ?   A . n 
B 2 1  N7P 1  38  ?   ?   ?   B . n 
B 2 2  HIS 2  39  ?   ?   ?   B . n 
B 2 3  ARG 3  40  ?   ?   ?   B . n 
B 2 4  TYR 4  41  ?   ?   ?   B . n 
B 2 5  ARG 5  42  ?   ?   ?   B . n 
B 2 6  PRO 6  43  ?   ?   ?   B . n 
B 2 7  GLY 7  44  44  GLY GLY B . n 
B 2 8  THR 8  45  45  THR THR B . n 
B 2 9  VAL 9  46  46  VAL VAL B . n 
B 2 10 ALA 10 47  47  ALA ALA B . n 
B 2 11 LEU 11 48  48  LEU LEU B . n 
B 2 12 ARG 12 49  49  ARG ARG B . n 
B 2 13 GLU 13 50  50  GLU GLU B . n 
B 2 14 ILE 14 51  ?   ?   ?   B . n 
B 2 15 AAR 15 52  ?   ?   ?   B . n 
# 
_pdbx_SG_project.id                    1 
_pdbx_SG_project.project_name          ? 
_pdbx_SG_project.full_name_of_center   'Structural Genomics Consortium' 
_pdbx_SG_project.initial_of_center     SGC 
# 
loop_
_pdbx_nonpoly_scheme.asym_id 
_pdbx_nonpoly_scheme.entity_id 
_pdbx_nonpoly_scheme.mon_id 
_pdbx_nonpoly_scheme.ndb_seq_num 
_pdbx_nonpoly_scheme.pdb_seq_num 
_pdbx_nonpoly_scheme.auth_seq_num 
_pdbx_nonpoly_scheme.pdb_mon_id 
_pdbx_nonpoly_scheme.auth_mon_id 
_pdbx_nonpoly_scheme.pdb_strand_id 
_pdbx_nonpoly_scheme.pdb_ins_code 
C 3 UNX 1  201 1  UNX UNX A . 
D 3 UNX 1  202 2  UNX UNX A . 
E 3 UNX 1  203 3  UNX UNX A . 
F 3 UNX 1  204 4  UNX UNX A . 
G 3 UNX 1  205 5  UNX UNX A . 
H 3 UNX 1  206 6  UNX UNX A . 
I 3 UNX 1  207 7  UNX UNX A . 
J 3 UNX 1  208 8  UNX UNX A . 
K 4 HOH 1  301 16 HOH HOH A . 
K 4 HOH 2  302 20 HOH HOH A . 
K 4 HOH 3  303 9  HOH HOH A . 
K 4 HOH 4  304 8  HOH HOH A . 
K 4 HOH 5  305 6  HOH HOH A . 
K 4 HOH 6  306 5  HOH HOH A . 
K 4 HOH 7  307 3  HOH HOH A . 
K 4 HOH 8  308 2  HOH HOH A . 
K 4 HOH 9  309 15 HOH HOH A . 
K 4 HOH 10 310 11 HOH HOH A . 
K 4 HOH 11 311 12 HOH HOH A . 
K 4 HOH 12 312 18 HOH HOH A . 
K 4 HOH 13 313 17 HOH HOH A . 
K 4 HOH 14 314 21 HOH HOH A . 
K 4 HOH 15 315 19 HOH HOH A . 
# 
_pdbx_struct_assembly.id                   1 
_pdbx_struct_assembly.details              author_and_software_defined_assembly 
_pdbx_struct_assembly.method_details       PISA 
_pdbx_struct_assembly.oligomeric_details   dimeric 
_pdbx_struct_assembly.oligomeric_count     2 
# 
_pdbx_struct_assembly_gen.assembly_id       1 
_pdbx_struct_assembly_gen.oper_expression   1 
_pdbx_struct_assembly_gen.asym_id_list      A,B,C,D,E,F,G,H,I,J,K 
# 
loop_
_pdbx_struct_assembly_prop.biol_id 
_pdbx_struct_assembly_prop.type 
_pdbx_struct_assembly_prop.value 
_pdbx_struct_assembly_prop.details 
1 'ABSA (A^2)' 580  ? 
1 MORE         -3   ? 
1 'SSA (A^2)'  4280 ? 
# 
_pdbx_struct_oper_list.id                   1 
_pdbx_struct_oper_list.type                 'identity operation' 
_pdbx_struct_oper_list.name                 1_555 
_pdbx_struct_oper_list.symmetry_operation   x,y,z 
_pdbx_struct_oper_list.matrix[1][1]         1.0000000000 
_pdbx_struct_oper_list.matrix[1][2]         0.0000000000 
_pdbx_struct_oper_list.matrix[1][3]         0.0000000000 
_pdbx_struct_oper_list.vector[1]            0.0000000000 
_pdbx_struct_oper_list.matrix[2][1]         0.0000000000 
_pdbx_struct_oper_list.matrix[2][2]         1.0000000000 
_pdbx_struct_oper_list.matrix[2][3]         0.0000000000 
_pdbx_struct_oper_list.vector[2]            0.0000000000 
_pdbx_struct_oper_list.matrix[3][1]         0.0000000000 
_pdbx_struct_oper_list.matrix[3][2]         0.0000000000 
_pdbx_struct_oper_list.matrix[3][3]         1.0000000000 
_pdbx_struct_oper_list.vector[3]            0.0000000000 
# 
_pdbx_point_symmetry.entry_id             5T1G 
_pdbx_point_symmetry.Schoenflies_symbol   I 
_pdbx_point_symmetry.circular_symmetry    2 
_pdbx_point_symmetry.H-M_notation         ? 
# 
_pdbx_struct_special_symmetry.id              1 
_pdbx_struct_special_symmetry.PDB_model_num   1 
_pdbx_struct_special_symmetry.auth_asym_id    A 
_pdbx_struct_special_symmetry.auth_comp_id    HOH 
_pdbx_struct_special_symmetry.auth_seq_id     315 
_pdbx_struct_special_symmetry.PDB_ins_code    ? 
_pdbx_struct_special_symmetry.label_asym_id   K 
_pdbx_struct_special_symmetry.label_comp_id   HOH 
_pdbx_struct_special_symmetry.label_seq_id    . 
# 
loop_
_pdbx_audit_revision_history.ordinal 
_pdbx_audit_revision_history.data_content_type 
_pdbx_audit_revision_history.major_revision 
_pdbx_audit_revision_history.minor_revision 
_pdbx_audit_revision_history.revision_date 
1 'Structure model' 1 0 2016-09-14 
2 'Structure model' 1 1 2017-11-22 
3 'Structure model' 1 2 2023-10-04 
# 
_pdbx_audit_revision_details.ordinal             1 
_pdbx_audit_revision_details.revision_ordinal    1 
_pdbx_audit_revision_details.data_content_type   'Structure model' 
_pdbx_audit_revision_details.provider            repository 
_pdbx_audit_revision_details.type                'Initial release' 
_pdbx_audit_revision_details.description         ? 
_pdbx_audit_revision_details.details             ? 
# 
loop_
_pdbx_audit_revision_group.ordinal 
_pdbx_audit_revision_group.revision_ordinal 
_pdbx_audit_revision_group.data_content_type 
_pdbx_audit_revision_group.group 
1 2 'Structure model' 'Derived calculations'   
2 2 'Structure model' 'Refinement description' 
3 3 'Structure model' 'Data collection'        
4 3 'Structure model' 'Database references'    
5 3 'Structure model' 'Refinement description' 
# 
loop_
_pdbx_audit_revision_category.ordinal 
_pdbx_audit_revision_category.revision_ordinal 
_pdbx_audit_revision_category.data_content_type 
_pdbx_audit_revision_category.category 
1 2 'Structure model' pdbx_struct_oper_list         
2 2 'Structure model' software                      
3 3 'Structure model' chem_comp_atom                
4 3 'Structure model' chem_comp_bond                
5 3 'Structure model' database_2                    
6 3 'Structure model' diffrn_radiation_wavelength   
7 3 'Structure model' pdbx_initial_refinement_model 
# 
loop_
_pdbx_audit_revision_item.ordinal 
_pdbx_audit_revision_item.revision_ordinal 
_pdbx_audit_revision_item.data_content_type 
_pdbx_audit_revision_item.item 
1 2 'Structure model' '_pdbx_struct_oper_list.symmetry_operation' 
2 2 'Structure model' '_software.classification'                  
3 3 'Structure model' '_database_2.pdbx_DOI'                      
4 3 'Structure model' '_database_2.pdbx_database_accession'       
# 
loop_
_pdbx_refine_tls.pdbx_refine_id 
_pdbx_refine_tls.id 
_pdbx_refine_tls.details 
_pdbx_refine_tls.method 
_pdbx_refine_tls.origin_x 
_pdbx_refine_tls.origin_y 
_pdbx_refine_tls.origin_z 
_pdbx_refine_tls.T[1][1] 
_pdbx_refine_tls.T[2][2] 
_pdbx_refine_tls.T[3][3] 
_pdbx_refine_tls.T[1][2] 
_pdbx_refine_tls.T[1][3] 
_pdbx_refine_tls.T[2][3] 
_pdbx_refine_tls.L[1][1] 
_pdbx_refine_tls.L[2][2] 
_pdbx_refine_tls.L[3][3] 
_pdbx_refine_tls.L[1][2] 
_pdbx_refine_tls.L[1][3] 
_pdbx_refine_tls.L[2][3] 
_pdbx_refine_tls.S[1][1] 
_pdbx_refine_tls.S[2][2] 
_pdbx_refine_tls.S[3][3] 
_pdbx_refine_tls.S[1][2] 
_pdbx_refine_tls.S[1][3] 
_pdbx_refine_tls.S[2][3] 
_pdbx_refine_tls.S[2][1] 
_pdbx_refine_tls.S[3][1] 
_pdbx_refine_tls.S[3][2] 
'X-RAY DIFFRACTION' 1 ? refined -1.1663 -0.6347 0.7047  0.0244 0.0332 0.0361 -0.0183 0.0136 0.0119 3.3815  3.4664 7.4366 1.3807  -1.2170 1.6332 0.2219  -0.1894 -0.0325 -0.1753 0.0633 -0.2134 0.0180 -0.2439 0.2809  
'X-RAY DIFFRACTION' 2 ? refined 6.3061  5.7147  -7.3131 0.1673 0.0772 0.1050 -0.0099 0.0169 0.0344 21.4156 6.2447 5.4801 -0.5479 5.6193  2.6498 -0.3179 0.1881  0.1298  0.1130  0.0311 -0.0421 0.0211 0.1090  -0.0860  
# 
loop_
_pdbx_refine_tls_group.pdbx_refine_id 
_pdbx_refine_tls_group.id 
_pdbx_refine_tls_group.refine_tls_id 
_pdbx_refine_tls_group.beg_auth_asym_id 
_pdbx_refine_tls_group.beg_auth_seq_id 
_pdbx_refine_tls_group.end_auth_asym_id 
_pdbx_refine_tls_group.end_auth_seq_id 
_pdbx_refine_tls_group.selection_details 
_pdbx_refine_tls_group.beg_label_asym_id 
_pdbx_refine_tls_group.beg_label_seq_id 
_pdbx_refine_tls_group.end_label_asym_id 
_pdbx_refine_tls_group.end_label_seq_id 
_pdbx_refine_tls_group.selection 
'X-RAY DIFFRACTION' 1 1 A 108 A 168 ? ? ? ? ? ? 
'X-RAY DIFFRACTION' 2 2 B 44  B 50  ? ? ? ? ? ? 
# 
loop_
_software.citation_id 
_software.classification 
_software.compiler_name 
_software.compiler_version 
_software.contact_author 
_software.contact_author_email 
_software.date 
_software.description 
_software.dependencies 
_software.hardware 
_software.language 
_software.location 
_software.mods 
_software.name 
_software.os 
_software.os_version 
_software.type 
_software.version 
_software.pdbx_ordinal 
? refinement        ? ? ? ? ? ? ? ? ? ? ? REFMAC      ? ? ? 5.8.0155 1 
? 'data scaling'    ? ? ? ? ? ? ? ? ? ? ? Aimless     ? ? ? 0.5.27   2 
? 'data extraction' ? ? ? ? ? ? ? ? ? ? ? PDB_EXTRACT ? ? ? 3.20     3 
? 'data reduction'  ? ? ? ? ? ? ? ? ? ? ? XDS         ? ? ? .        4 
? phasing           ? ? ? ? ? ? ? ? ? ? ? PHASER      ? ? ? .        5 
# 
loop_
_pdbx_unobs_or_zero_occ_atoms.id 
_pdbx_unobs_or_zero_occ_atoms.PDB_model_num 
_pdbx_unobs_or_zero_occ_atoms.polymer_flag 
_pdbx_unobs_or_zero_occ_atoms.occupancy_flag 
_pdbx_unobs_or_zero_occ_atoms.auth_asym_id 
_pdbx_unobs_or_zero_occ_atoms.auth_comp_id 
_pdbx_unobs_or_zero_occ_atoms.auth_seq_id 
_pdbx_unobs_or_zero_occ_atoms.PDB_ins_code 
_pdbx_unobs_or_zero_occ_atoms.auth_atom_id 
_pdbx_unobs_or_zero_occ_atoms.label_alt_id 
_pdbx_unobs_or_zero_occ_atoms.label_asym_id 
_pdbx_unobs_or_zero_occ_atoms.label_comp_id 
_pdbx_unobs_or_zero_occ_atoms.label_seq_id 
_pdbx_unobs_or_zero_occ_atoms.label_atom_id 
1  1 Y 1 A GLU 108 ? N   ? A GLU 2  N   
2  1 Y 1 A GLU 108 ? CB  ? A GLU 2  CB  
3  1 Y 1 A GLU 108 ? CG  ? A GLU 2  CG  
4  1 Y 1 A GLU 108 ? CD  ? A GLU 2  CD  
5  1 Y 1 A GLU 108 ? OE1 ? A GLU 2  OE1 
6  1 Y 1 A GLU 108 ? OE2 ? A GLU 2  OE2 
7  1 Y 1 A LYS 109 ? CG  ? A LYS 3  CG  
8  1 Y 1 A LYS 109 ? CD  ? A LYS 3  CD  
9  1 Y 1 A LYS 109 ? CE  ? A LYS 3  CE  
10 1 Y 1 A LYS 109 ? NZ  ? A LYS 3  NZ  
11 1 Y 1 A ARG 111 ? CG  ? A ARG 5  CG  
12 1 Y 1 A ARG 111 ? CD  ? A ARG 5  CD  
13 1 Y 1 A ARG 111 ? NE  ? A ARG 5  NE  
14 1 Y 1 A ARG 111 ? CZ  ? A ARG 5  CZ  
15 1 Y 1 A ARG 111 ? NH1 ? A ARG 5  NH1 
16 1 Y 1 A ARG 111 ? NH2 ? A ARG 5  NH2 
17 1 Y 1 A SER 128 ? OG  ? A SER 22 OG  
18 1 Y 1 A GLU 143 ? CD  ? A GLU 37 CD  
19 1 Y 1 A GLU 143 ? OE1 ? A GLU 37 OE1 
20 1 Y 1 A GLU 143 ? OE2 ? A GLU 37 OE2 
21 1 Y 1 A LYS 150 ? CG  ? A LYS 44 CG  
22 1 Y 1 A LYS 150 ? CD  ? A LYS 44 CD  
23 1 Y 1 A LYS 150 ? CE  ? A LYS 44 CE  
24 1 Y 1 A LYS 150 ? NZ  ? A LYS 44 NZ  
25 1 Y 1 A GLU 166 ? CG  ? A GLU 60 CG  
26 1 Y 1 A GLU 166 ? CD  ? A GLU 60 CD  
27 1 Y 1 A GLU 166 ? OE1 ? A GLU 60 OE1 
28 1 Y 1 A GLU 166 ? OE2 ? A GLU 60 OE2 
29 1 Y 1 A LEU 168 ? C   ? A LEU 62 C   
30 1 Y 1 A LEU 168 ? O   ? A LEU 62 O   
31 1 Y 1 A LEU 168 ? CB  ? A LEU 62 CB  
32 1 Y 1 A LEU 168 ? CG  ? A LEU 62 CG  
33 1 Y 1 A LEU 168 ? CD1 ? A LEU 62 CD1 
34 1 Y 1 A LEU 168 ? CD2 ? A LEU 62 CD2 
35 1 Y 1 B ARG 49  ? CG  ? B ARG 12 CG  
36 1 Y 1 B ARG 49  ? CD  ? B ARG 12 CD  
37 1 Y 1 B ARG 49  ? NE  ? B ARG 12 NE  
38 1 Y 1 B ARG 49  ? CZ  ? B ARG 12 CZ  
39 1 Y 1 B ARG 49  ? NH1 ? B ARG 12 NH1 
40 1 Y 1 B ARG 49  ? NH2 ? B ARG 12 NH2 
41 1 Y 1 B GLU 50  ? C   ? B GLU 13 C   
42 1 Y 1 B GLU 50  ? O   ? B GLU 13 O   
43 1 Y 1 B GLU 50  ? CB  ? B GLU 13 CB  
44 1 Y 1 B GLU 50  ? CG  ? B GLU 13 CG  
45 1 Y 1 B GLU 50  ? CD  ? B GLU 13 CD  
46 1 Y 1 B GLU 50  ? OE1 ? B GLU 13 OE1 
47 1 Y 1 B GLU 50  ? OE2 ? B GLU 13 OE2 
# 
loop_
_pdbx_unobs_or_zero_occ_residues.id 
_pdbx_unobs_or_zero_occ_residues.PDB_model_num 
_pdbx_unobs_or_zero_occ_residues.polymer_flag 
_pdbx_unobs_or_zero_occ_residues.occupancy_flag 
_pdbx_unobs_or_zero_occ_residues.auth_asym_id 
_pdbx_unobs_or_zero_occ_residues.auth_comp_id 
_pdbx_unobs_or_zero_occ_residues.auth_seq_id 
_pdbx_unobs_or_zero_occ_residues.PDB_ins_code 
_pdbx_unobs_or_zero_occ_residues.label_asym_id 
_pdbx_unobs_or_zero_occ_residues.label_comp_id 
_pdbx_unobs_or_zero_occ_residues.label_seq_id 
1  1 Y 1 A GLY 107 ? A GLY 1  
2  1 Y 1 A THR 169 ? A THR 63 
3  1 Y 1 A TRP 170 ? A TRP 64 
4  1 Y 1 A HIS 171 ? A HIS 65 
5  1 Y 1 A SER 172 ? A SER 66 
6  1 Y 1 A TYR 173 ? A TYR 67 
7  1 Y 1 A PRO 174 ? A PRO 68 
8  1 Y 1 A SER 175 ? A SER 69 
9  1 Y 1 A GLU 176 ? A GLU 70 
10 1 Y 1 A ASP 177 ? A ASP 71 
11 1 Y 1 A ASP 178 ? A ASP 72 
12 1 Y 1 A ASP 179 ? A ASP 73 
13 1 Y 1 A LYS 180 ? A LYS 74 
14 1 Y 1 A LYS 181 ? A LYS 75 
15 1 Y 1 A ASP 182 ? A ASP 76 
16 1 Y 1 A ASP 183 ? A ASP 77 
17 1 Y 1 A LYS 184 ? A LYS 78 
18 1 Y 1 A ASN 185 ? A ASN 79 
19 1 Y 1 B N7P 38  ? B N7P 1  
20 1 Y 1 B HIS 39  ? B HIS 2  
21 1 Y 1 B ARG 40  ? B ARG 3  
22 1 Y 1 B TYR 41  ? B TYR 4  
23 1 Y 1 B ARG 42  ? B ARG 5  
24 1 Y 1 B PRO 43  ? B PRO 6  
25 1 Y 1 B ILE 51  ? B ILE 14 
26 1 Y 1 B AAR 52  ? B AAR 15 
# 
loop_
_chem_comp_atom.comp_id 
_chem_comp_atom.atom_id 
_chem_comp_atom.type_symbol 
_chem_comp_atom.pdbx_aromatic_flag 
_chem_comp_atom.pdbx_stereo_config 
_chem_comp_atom.pdbx_ordinal 
AAR N    N N N 1   
AAR CA   C N S 2   
AAR CB   C N N 3   
AAR CG   C N N 4   
AAR CD   C N N 5   
AAR NE   N N N 6   
AAR CZ   C N N 7   
AAR NH1  N N N 8   
AAR NH2  N N N 9   
AAR C    C N N 10  
AAR O    O N N 11  
AAR NT   N N N 12  
AAR H    H N N 13  
AAR H2   H N N 14  
AAR HA   H N N 15  
AAR HB2  H N N 16  
AAR HB3  H N N 17  
AAR HG2  H N N 18  
AAR HG3  H N N 19  
AAR HD2  H N N 20  
AAR HD3  H N N 21  
AAR HE   H N N 22  
AAR HH11 H N N 23  
AAR HH12 H N N 24  
AAR HH21 H N N 25  
AAR HH22 H N N 26  
AAR HNT1 H N N 27  
AAR HNT2 H N N 28  
ALA N    N N N 29  
ALA CA   C N S 30  
ALA C    C N N 31  
ALA O    O N N 32  
ALA CB   C N N 33  
ALA OXT  O N N 34  
ALA H    H N N 35  
ALA H2   H N N 36  
ALA HA   H N N 37  
ALA HB1  H N N 38  
ALA HB2  H N N 39  
ALA HB3  H N N 40  
ALA HXT  H N N 41  
ARG N    N N N 42  
ARG CA   C N S 43  
ARG C    C N N 44  
ARG O    O N N 45  
ARG CB   C N N 46  
ARG CG   C N N 47  
ARG CD   C N N 48  
ARG NE   N N N 49  
ARG CZ   C N N 50  
ARG NH1  N N N 51  
ARG NH2  N N N 52  
ARG OXT  O N N 53  
ARG H    H N N 54  
ARG H2   H N N 55  
ARG HA   H N N 56  
ARG HB2  H N N 57  
ARG HB3  H N N 58  
ARG HG2  H N N 59  
ARG HG3  H N N 60  
ARG HD2  H N N 61  
ARG HD3  H N N 62  
ARG HE   H N N 63  
ARG HH11 H N N 64  
ARG HH12 H N N 65  
ARG HH21 H N N 66  
ARG HH22 H N N 67  
ARG HXT  H N N 68  
ASN N    N N N 69  
ASN CA   C N S 70  
ASN C    C N N 71  
ASN O    O N N 72  
ASN CB   C N N 73  
ASN CG   C N N 74  
ASN OD1  O N N 75  
ASN ND2  N N N 76  
ASN OXT  O N N 77  
ASN H    H N N 78  
ASN H2   H N N 79  
ASN HA   H N N 80  
ASN HB2  H N N 81  
ASN HB3  H N N 82  
ASN HD21 H N N 83  
ASN HD22 H N N 84  
ASN HXT  H N N 85  
ASP N    N N N 86  
ASP CA   C N S 87  
ASP C    C N N 88  
ASP O    O N N 89  
ASP CB   C N N 90  
ASP CG   C N N 91  
ASP OD1  O N N 92  
ASP OD2  O N N 93  
ASP OXT  O N N 94  
ASP H    H N N 95  
ASP H2   H N N 96  
ASP HA   H N N 97  
ASP HB2  H N N 98  
ASP HB3  H N N 99  
ASP HD2  H N N 100 
ASP HXT  H N N 101 
CYS N    N N N 102 
CYS CA   C N R 103 
CYS C    C N N 104 
CYS O    O N N 105 
CYS CB   C N N 106 
CYS SG   S N N 107 
CYS OXT  O N N 108 
CYS H    H N N 109 
CYS H2   H N N 110 
CYS HA   H N N 111 
CYS HB2  H N N 112 
CYS HB3  H N N 113 
CYS HG   H N N 114 
CYS HXT  H N N 115 
GLN N    N N N 116 
GLN CA   C N S 117 
GLN C    C N N 118 
GLN O    O N N 119 
GLN CB   C N N 120 
GLN CG   C N N 121 
GLN CD   C N N 122 
GLN OE1  O N N 123 
GLN NE2  N N N 124 
GLN OXT  O N N 125 
GLN H    H N N 126 
GLN H2   H N N 127 
GLN HA   H N N 128 
GLN HB2  H N N 129 
GLN HB3  H N N 130 
GLN HG2  H N N 131 
GLN HG3  H N N 132 
GLN HE21 H N N 133 
GLN HE22 H N N 134 
GLN HXT  H N N 135 
GLU N    N N N 136 
GLU CA   C N S 137 
GLU C    C N N 138 
GLU O    O N N 139 
GLU CB   C N N 140 
GLU CG   C N N 141 
GLU CD   C N N 142 
GLU OE1  O N N 143 
GLU OE2  O N N 144 
GLU OXT  O N N 145 
GLU H    H N N 146 
GLU H2   H N N 147 
GLU HA   H N N 148 
GLU HB2  H N N 149 
GLU HB3  H N N 150 
GLU HG2  H N N 151 
GLU HG3  H N N 152 
GLU HE2  H N N 153 
GLU HXT  H N N 154 
GLY N    N N N 155 
GLY CA   C N N 156 
GLY C    C N N 157 
GLY O    O N N 158 
GLY OXT  O N N 159 
GLY H    H N N 160 
GLY H2   H N N 161 
GLY HA2  H N N 162 
GLY HA3  H N N 163 
GLY HXT  H N N 164 
HIS N    N N N 165 
HIS CA   C N S 166 
HIS C    C N N 167 
HIS O    O N N 168 
HIS CB   C N N 169 
HIS CG   C Y N 170 
HIS ND1  N Y N 171 
HIS CD2  C Y N 172 
HIS CE1  C Y N 173 
HIS NE2  N Y N 174 
HIS OXT  O N N 175 
HIS H    H N N 176 
HIS H2   H N N 177 
HIS HA   H N N 178 
HIS HB2  H N N 179 
HIS HB3  H N N 180 
HIS HD1  H N N 181 
HIS HD2  H N N 182 
HIS HE1  H N N 183 
HIS HE2  H N N 184 
HIS HXT  H N N 185 
HOH O    O N N 186 
HOH H1   H N N 187 
HOH H2   H N N 188 
ILE N    N N N 189 
ILE CA   C N S 190 
ILE C    C N N 191 
ILE O    O N N 192 
ILE CB   C N S 193 
ILE CG1  C N N 194 
ILE CG2  C N N 195 
ILE CD1  C N N 196 
ILE OXT  O N N 197 
ILE H    H N N 198 
ILE H2   H N N 199 
ILE HA   H N N 200 
ILE HB   H N N 201 
ILE HG12 H N N 202 
ILE HG13 H N N 203 
ILE HG21 H N N 204 
ILE HG22 H N N 205 
ILE HG23 H N N 206 
ILE HD11 H N N 207 
ILE HD12 H N N 208 
ILE HD13 H N N 209 
ILE HXT  H N N 210 
LEU N    N N N 211 
LEU CA   C N S 212 
LEU C    C N N 213 
LEU O    O N N 214 
LEU CB   C N N 215 
LEU CG   C N N 216 
LEU CD1  C N N 217 
LEU CD2  C N N 218 
LEU OXT  O N N 219 
LEU H    H N N 220 
LEU H2   H N N 221 
LEU HA   H N N 222 
LEU HB2  H N N 223 
LEU HB3  H N N 224 
LEU HG   H N N 225 
LEU HD11 H N N 226 
LEU HD12 H N N 227 
LEU HD13 H N N 228 
LEU HD21 H N N 229 
LEU HD22 H N N 230 
LEU HD23 H N N 231 
LEU HXT  H N N 232 
LYS N    N N N 233 
LYS CA   C N S 234 
LYS C    C N N 235 
LYS O    O N N 236 
LYS CB   C N N 237 
LYS CG   C N N 238 
LYS CD   C N N 239 
LYS CE   C N N 240 
LYS NZ   N N N 241 
LYS OXT  O N N 242 
LYS H    H N N 243 
LYS H2   H N N 244 
LYS HA   H N N 245 
LYS HB2  H N N 246 
LYS HB3  H N N 247 
LYS HG2  H N N 248 
LYS HG3  H N N 249 
LYS HD2  H N N 250 
LYS HD3  H N N 251 
LYS HE2  H N N 252 
LYS HE3  H N N 253 
LYS HZ1  H N N 254 
LYS HZ2  H N N 255 
LYS HZ3  H N N 256 
LYS HXT  H N N 257 
MET N    N N N 258 
MET CA   C N S 259 
MET C    C N N 260 
MET O    O N N 261 
MET CB   C N N 262 
MET CG   C N N 263 
MET SD   S N N 264 
MET CE   C N N 265 
MET OXT  O N N 266 
MET H    H N N 267 
MET H2   H N N 268 
MET HA   H N N 269 
MET HB2  H N N 270 
MET HB3  H N N 271 
MET HG2  H N N 272 
MET HG3  H N N 273 
MET HE1  H N N 274 
MET HE2  H N N 275 
MET HE3  H N N 276 
MET HXT  H N N 277 
N7P OXT  O N N 278 
N7P C    C N N 279 
N7P O    O N N 280 
N7P CA   C N S 281 
N7P N    N N N 282 
N7P C1   C N N 283 
N7P O1   O N N 284 
N7P C2   C N N 285 
N7P CD   C N N 286 
N7P CG   C N N 287 
N7P CB   C N N 288 
N7P HXT  H N N 289 
N7P HA   H N N 290 
N7P H3   H N N 291 
N7P H4   H N N 292 
N7P H5   H N N 293 
N7P HD2  H N N 294 
N7P HD3  H N N 295 
N7P HG2  H N N 296 
N7P HG3  H N N 297 
N7P HB2  H N N 298 
N7P HB3  H N N 299 
PHE N    N N N 300 
PHE CA   C N S 301 
PHE C    C N N 302 
PHE O    O N N 303 
PHE CB   C N N 304 
PHE CG   C Y N 305 
PHE CD1  C Y N 306 
PHE CD2  C Y N 307 
PHE CE1  C Y N 308 
PHE CE2  C Y N 309 
PHE CZ   C Y N 310 
PHE OXT  O N N 311 
PHE H    H N N 312 
PHE H2   H N N 313 
PHE HA   H N N 314 
PHE HB2  H N N 315 
PHE HB3  H N N 316 
PHE HD1  H N N 317 
PHE HD2  H N N 318 
PHE HE1  H N N 319 
PHE HE2  H N N 320 
PHE HZ   H N N 321 
PHE HXT  H N N 322 
PRO N    N N N 323 
PRO CA   C N S 324 
PRO C    C N N 325 
PRO O    O N N 326 
PRO CB   C N N 327 
PRO CG   C N N 328 
PRO CD   C N N 329 
PRO OXT  O N N 330 
PRO H    H N N 331 
PRO HA   H N N 332 
PRO HB2  H N N 333 
PRO HB3  H N N 334 
PRO HG2  H N N 335 
PRO HG3  H N N 336 
PRO HD2  H N N 337 
PRO HD3  H N N 338 
PRO HXT  H N N 339 
SER N    N N N 340 
SER CA   C N S 341 
SER C    C N N 342 
SER O    O N N 343 
SER CB   C N N 344 
SER OG   O N N 345 
SER OXT  O N N 346 
SER H    H N N 347 
SER H2   H N N 348 
SER HA   H N N 349 
SER HB2  H N N 350 
SER HB3  H N N 351 
SER HG   H N N 352 
SER HXT  H N N 353 
THR N    N N N 354 
THR CA   C N S 355 
THR C    C N N 356 
THR O    O N N 357 
THR CB   C N R 358 
THR OG1  O N N 359 
THR CG2  C N N 360 
THR OXT  O N N 361 
THR H    H N N 362 
THR H2   H N N 363 
THR HA   H N N 364 
THR HB   H N N 365 
THR HG1  H N N 366 
THR HG21 H N N 367 
THR HG22 H N N 368 
THR HG23 H N N 369 
THR HXT  H N N 370 
TRP N    N N N 371 
TRP CA   C N S 372 
TRP C    C N N 373 
TRP O    O N N 374 
TRP CB   C N N 375 
TRP CG   C Y N 376 
TRP CD1  C Y N 377 
TRP CD2  C Y N 378 
TRP NE1  N Y N 379 
TRP CE2  C Y N 380 
TRP CE3  C Y N 381 
TRP CZ2  C Y N 382 
TRP CZ3  C Y N 383 
TRP CH2  C Y N 384 
TRP OXT  O N N 385 
TRP H    H N N 386 
TRP H2   H N N 387 
TRP HA   H N N 388 
TRP HB2  H N N 389 
TRP HB3  H N N 390 
TRP HD1  H N N 391 
TRP HE1  H N N 392 
TRP HE3  H N N 393 
TRP HZ2  H N N 394 
TRP HZ3  H N N 395 
TRP HH2  H N N 396 
TRP HXT  H N N 397 
TYR N    N N N 398 
TYR CA   C N S 399 
TYR C    C N N 400 
TYR O    O N N 401 
TYR CB   C N N 402 
TYR CG   C Y N 403 
TYR CD1  C Y N 404 
TYR CD2  C Y N 405 
TYR CE1  C Y N 406 
TYR CE2  C Y N 407 
TYR CZ   C Y N 408 
TYR OH   O N N 409 
TYR OXT  O N N 410 
TYR H    H N N 411 
TYR H2   H N N 412 
TYR HA   H N N 413 
TYR HB2  H N N 414 
TYR HB3  H N N 415 
TYR HD1  H N N 416 
TYR HD2  H N N 417 
TYR HE1  H N N 418 
TYR HE2  H N N 419 
TYR HH   H N N 420 
TYR HXT  H N N 421 
VAL N    N N N 422 
VAL CA   C N S 423 
VAL C    C N N 424 
VAL O    O N N 425 
VAL CB   C N N 426 
VAL CG1  C N N 427 
VAL CG2  C N N 428 
VAL OXT  O N N 429 
VAL H    H N N 430 
VAL H2   H N N 431 
VAL HA   H N N 432 
VAL HB   H N N 433 
VAL HG11 H N N 434 
VAL HG12 H N N 435 
VAL HG13 H N N 436 
VAL HG21 H N N 437 
VAL HG22 H N N 438 
VAL HG23 H N N 439 
VAL HXT  H N N 440 
# 
loop_
_chem_comp_bond.comp_id 
_chem_comp_bond.atom_id_1 
_chem_comp_bond.atom_id_2 
_chem_comp_bond.value_order 
_chem_comp_bond.pdbx_aromatic_flag 
_chem_comp_bond.pdbx_stereo_config 
_chem_comp_bond.pdbx_ordinal 
AAR N   CA   sing N N 1   
AAR N   H    sing N N 2   
AAR N   H2   sing N N 3   
AAR CA  CB   sing N N 4   
AAR CA  C    sing N N 5   
AAR CA  HA   sing N N 6   
AAR CB  CG   sing N N 7   
AAR CB  HB2  sing N N 8   
AAR CB  HB3  sing N N 9   
AAR CG  CD   sing N N 10  
AAR CG  HG2  sing N N 11  
AAR CG  HG3  sing N N 12  
AAR CD  NE   sing N N 13  
AAR CD  HD2  sing N N 14  
AAR CD  HD3  sing N N 15  
AAR NE  CZ   sing N N 16  
AAR NE  HE   sing N N 17  
AAR CZ  NH1  sing N N 18  
AAR CZ  NH2  doub N N 19  
AAR NH1 HH11 sing N N 20  
AAR NH1 HH12 sing N N 21  
AAR NH2 HH21 sing N N 22  
AAR NH2 HH22 sing N N 23  
AAR C   O    doub N N 24  
AAR C   NT   sing N N 25  
AAR NT  HNT1 sing N N 26  
AAR NT  HNT2 sing N N 27  
ALA N   CA   sing N N 28  
ALA N   H    sing N N 29  
ALA N   H2   sing N N 30  
ALA CA  C    sing N N 31  
ALA CA  CB   sing N N 32  
ALA CA  HA   sing N N 33  
ALA C   O    doub N N 34  
ALA C   OXT  sing N N 35  
ALA CB  HB1  sing N N 36  
ALA CB  HB2  sing N N 37  
ALA CB  HB3  sing N N 38  
ALA OXT HXT  sing N N 39  
ARG N   CA   sing N N 40  
ARG N   H    sing N N 41  
ARG N   H2   sing N N 42  
ARG CA  C    sing N N 43  
ARG CA  CB   sing N N 44  
ARG CA  HA   sing N N 45  
ARG C   O    doub N N 46  
ARG C   OXT  sing N N 47  
ARG CB  CG   sing N N 48  
ARG CB  HB2  sing N N 49  
ARG CB  HB3  sing N N 50  
ARG CG  CD   sing N N 51  
ARG CG  HG2  sing N N 52  
ARG CG  HG3  sing N N 53  
ARG CD  NE   sing N N 54  
ARG CD  HD2  sing N N 55  
ARG CD  HD3  sing N N 56  
ARG NE  CZ   sing N N 57  
ARG NE  HE   sing N N 58  
ARG CZ  NH1  sing N N 59  
ARG CZ  NH2  doub N N 60  
ARG NH1 HH11 sing N N 61  
ARG NH1 HH12 sing N N 62  
ARG NH2 HH21 sing N N 63  
ARG NH2 HH22 sing N N 64  
ARG OXT HXT  sing N N 65  
ASN N   CA   sing N N 66  
ASN N   H    sing N N 67  
ASN N   H2   sing N N 68  
ASN CA  C    sing N N 69  
ASN CA  CB   sing N N 70  
ASN CA  HA   sing N N 71  
ASN C   O    doub N N 72  
ASN C   OXT  sing N N 73  
ASN CB  CG   sing N N 74  
ASN CB  HB2  sing N N 75  
ASN CB  HB3  sing N N 76  
ASN CG  OD1  doub N N 77  
ASN CG  ND2  sing N N 78  
ASN ND2 HD21 sing N N 79  
ASN ND2 HD22 sing N N 80  
ASN OXT HXT  sing N N 81  
ASP N   CA   sing N N 82  
ASP N   H    sing N N 83  
ASP N   H2   sing N N 84  
ASP CA  C    sing N N 85  
ASP CA  CB   sing N N 86  
ASP CA  HA   sing N N 87  
ASP C   O    doub N N 88  
ASP C   OXT  sing N N 89  
ASP CB  CG   sing N N 90  
ASP CB  HB2  sing N N 91  
ASP CB  HB3  sing N N 92  
ASP CG  OD1  doub N N 93  
ASP CG  OD2  sing N N 94  
ASP OD2 HD2  sing N N 95  
ASP OXT HXT  sing N N 96  
CYS N   CA   sing N N 97  
CYS N   H    sing N N 98  
CYS N   H2   sing N N 99  
CYS CA  C    sing N N 100 
CYS CA  CB   sing N N 101 
CYS CA  HA   sing N N 102 
CYS C   O    doub N N 103 
CYS C   OXT  sing N N 104 
CYS CB  SG   sing N N 105 
CYS CB  HB2  sing N N 106 
CYS CB  HB3  sing N N 107 
CYS SG  HG   sing N N 108 
CYS OXT HXT  sing N N 109 
GLN N   CA   sing N N 110 
GLN N   H    sing N N 111 
GLN N   H2   sing N N 112 
GLN CA  C    sing N N 113 
GLN CA  CB   sing N N 114 
GLN CA  HA   sing N N 115 
GLN C   O    doub N N 116 
GLN C   OXT  sing N N 117 
GLN CB  CG   sing N N 118 
GLN CB  HB2  sing N N 119 
GLN CB  HB3  sing N N 120 
GLN CG  CD   sing N N 121 
GLN CG  HG2  sing N N 122 
GLN CG  HG3  sing N N 123 
GLN CD  OE1  doub N N 124 
GLN CD  NE2  sing N N 125 
GLN NE2 HE21 sing N N 126 
GLN NE2 HE22 sing N N 127 
GLN OXT HXT  sing N N 128 
GLU N   CA   sing N N 129 
GLU N   H    sing N N 130 
GLU N   H2   sing N N 131 
GLU CA  C    sing N N 132 
GLU CA  CB   sing N N 133 
GLU CA  HA   sing N N 134 
GLU C   O    doub N N 135 
GLU C   OXT  sing N N 136 
GLU CB  CG   sing N N 137 
GLU CB  HB2  sing N N 138 
GLU CB  HB3  sing N N 139 
GLU CG  CD   sing N N 140 
GLU CG  HG2  sing N N 141 
GLU CG  HG3  sing N N 142 
GLU CD  OE1  doub N N 143 
GLU CD  OE2  sing N N 144 
GLU OE2 HE2  sing N N 145 
GLU OXT HXT  sing N N 146 
GLY N   CA   sing N N 147 
GLY N   H    sing N N 148 
GLY N   H2   sing N N 149 
GLY CA  C    sing N N 150 
GLY CA  HA2  sing N N 151 
GLY CA  HA3  sing N N 152 
GLY C   O    doub N N 153 
GLY C   OXT  sing N N 154 
GLY OXT HXT  sing N N 155 
HIS N   CA   sing N N 156 
HIS N   H    sing N N 157 
HIS N   H2   sing N N 158 
HIS CA  C    sing N N 159 
HIS CA  CB   sing N N 160 
HIS CA  HA   sing N N 161 
HIS C   O    doub N N 162 
HIS C   OXT  sing N N 163 
HIS CB  CG   sing N N 164 
HIS CB  HB2  sing N N 165 
HIS CB  HB3  sing N N 166 
HIS CG  ND1  sing Y N 167 
HIS CG  CD2  doub Y N 168 
HIS ND1 CE1  doub Y N 169 
HIS ND1 HD1  sing N N 170 
HIS CD2 NE2  sing Y N 171 
HIS CD2 HD2  sing N N 172 
HIS CE1 NE2  sing Y N 173 
HIS CE1 HE1  sing N N 174 
HIS NE2 HE2  sing N N 175 
HIS OXT HXT  sing N N 176 
HOH O   H1   sing N N 177 
HOH O   H2   sing N N 178 
ILE N   CA   sing N N 179 
ILE N   H    sing N N 180 
ILE N   H2   sing N N 181 
ILE CA  C    sing N N 182 
ILE CA  CB   sing N N 183 
ILE CA  HA   sing N N 184 
ILE C   O    doub N N 185 
ILE C   OXT  sing N N 186 
ILE CB  CG1  sing N N 187 
ILE CB  CG2  sing N N 188 
ILE CB  HB   sing N N 189 
ILE CG1 CD1  sing N N 190 
ILE CG1 HG12 sing N N 191 
ILE CG1 HG13 sing N N 192 
ILE CG2 HG21 sing N N 193 
ILE CG2 HG22 sing N N 194 
ILE CG2 HG23 sing N N 195 
ILE CD1 HD11 sing N N 196 
ILE CD1 HD12 sing N N 197 
ILE CD1 HD13 sing N N 198 
ILE OXT HXT  sing N N 199 
LEU N   CA   sing N N 200 
LEU N   H    sing N N 201 
LEU N   H2   sing N N 202 
LEU CA  C    sing N N 203 
LEU CA  CB   sing N N 204 
LEU CA  HA   sing N N 205 
LEU C   O    doub N N 206 
LEU C   OXT  sing N N 207 
LEU CB  CG   sing N N 208 
LEU CB  HB2  sing N N 209 
LEU CB  HB3  sing N N 210 
LEU CG  CD1  sing N N 211 
LEU CG  CD2  sing N N 212 
LEU CG  HG   sing N N 213 
LEU CD1 HD11 sing N N 214 
LEU CD1 HD12 sing N N 215 
LEU CD1 HD13 sing N N 216 
LEU CD2 HD21 sing N N 217 
LEU CD2 HD22 sing N N 218 
LEU CD2 HD23 sing N N 219 
LEU OXT HXT  sing N N 220 
LYS N   CA   sing N N 221 
LYS N   H    sing N N 222 
LYS N   H2   sing N N 223 
LYS CA  C    sing N N 224 
LYS CA  CB   sing N N 225 
LYS CA  HA   sing N N 226 
LYS C   O    doub N N 227 
LYS C   OXT  sing N N 228 
LYS CB  CG   sing N N 229 
LYS CB  HB2  sing N N 230 
LYS CB  HB3  sing N N 231 
LYS CG  CD   sing N N 232 
LYS CG  HG2  sing N N 233 
LYS CG  HG3  sing N N 234 
LYS CD  CE   sing N N 235 
LYS CD  HD2  sing N N 236 
LYS CD  HD3  sing N N 237 
LYS CE  NZ   sing N N 238 
LYS CE  HE2  sing N N 239 
LYS CE  HE3  sing N N 240 
LYS NZ  HZ1  sing N N 241 
LYS NZ  HZ2  sing N N 242 
LYS NZ  HZ3  sing N N 243 
LYS OXT HXT  sing N N 244 
MET N   CA   sing N N 245 
MET N   H    sing N N 246 
MET N   H2   sing N N 247 
MET CA  C    sing N N 248 
MET CA  CB   sing N N 249 
MET CA  HA   sing N N 250 
MET C   O    doub N N 251 
MET C   OXT  sing N N 252 
MET CB  CG   sing N N 253 
MET CB  HB2  sing N N 254 
MET CB  HB3  sing N N 255 
MET CG  SD   sing N N 256 
MET CG  HG2  sing N N 257 
MET CG  HG3  sing N N 258 
MET SD  CE   sing N N 259 
MET CE  HE1  sing N N 260 
MET CE  HE2  sing N N 261 
MET CE  HE3  sing N N 262 
MET OXT HXT  sing N N 263 
N7P CG  CB   sing N N 264 
N7P CG  CD   sing N N 265 
N7P CB  CA   sing N N 266 
N7P CD  N    sing N N 267 
N7P N   CA   sing N N 268 
N7P N   C1   sing N N 269 
N7P CA  C    sing N N 270 
N7P C2  C1   sing N N 271 
N7P C1  O1   doub N N 272 
N7P C   O    doub N N 273 
N7P C   OXT  sing N N 274 
N7P OXT HXT  sing N N 275 
N7P CA  HA   sing N N 276 
N7P C2  H3   sing N N 277 
N7P C2  H4   sing N N 278 
N7P C2  H5   sing N N 279 
N7P CD  HD2  sing N N 280 
N7P CD  HD3  sing N N 281 
N7P CG  HG2  sing N N 282 
N7P CG  HG3  sing N N 283 
N7P CB  HB2  sing N N 284 
N7P CB  HB3  sing N N 285 
PHE N   CA   sing N N 286 
PHE N   H    sing N N 287 
PHE N   H2   sing N N 288 
PHE CA  C    sing N N 289 
PHE CA  CB   sing N N 290 
PHE CA  HA   sing N N 291 
PHE C   O    doub N N 292 
PHE C   OXT  sing N N 293 
PHE CB  CG   sing N N 294 
PHE CB  HB2  sing N N 295 
PHE CB  HB3  sing N N 296 
PHE CG  CD1  doub Y N 297 
PHE CG  CD2  sing Y N 298 
PHE CD1 CE1  sing Y N 299 
PHE CD1 HD1  sing N N 300 
PHE CD2 CE2  doub Y N 301 
PHE CD2 HD2  sing N N 302 
PHE CE1 CZ   doub Y N 303 
PHE CE1 HE1  sing N N 304 
PHE CE2 CZ   sing Y N 305 
PHE CE2 HE2  sing N N 306 
PHE CZ  HZ   sing N N 307 
PHE OXT HXT  sing N N 308 
PRO N   CA   sing N N 309 
PRO N   CD   sing N N 310 
PRO N   H    sing N N 311 
PRO CA  C    sing N N 312 
PRO CA  CB   sing N N 313 
PRO CA  HA   sing N N 314 
PRO C   O    doub N N 315 
PRO C   OXT  sing N N 316 
PRO CB  CG   sing N N 317 
PRO CB  HB2  sing N N 318 
PRO CB  HB3  sing N N 319 
PRO CG  CD   sing N N 320 
PRO CG  HG2  sing N N 321 
PRO CG  HG3  sing N N 322 
PRO CD  HD2  sing N N 323 
PRO CD  HD3  sing N N 324 
PRO OXT HXT  sing N N 325 
SER N   CA   sing N N 326 
SER N   H    sing N N 327 
SER N   H2   sing N N 328 
SER CA  C    sing N N 329 
SER CA  CB   sing N N 330 
SER CA  HA   sing N N 331 
SER C   O    doub N N 332 
SER C   OXT  sing N N 333 
SER CB  OG   sing N N 334 
SER CB  HB2  sing N N 335 
SER CB  HB3  sing N N 336 
SER OG  HG   sing N N 337 
SER OXT HXT  sing N N 338 
THR N   CA   sing N N 339 
THR N   H    sing N N 340 
THR N   H2   sing N N 341 
THR CA  C    sing N N 342 
THR CA  CB   sing N N 343 
THR CA  HA   sing N N 344 
THR C   O    doub N N 345 
THR C   OXT  sing N N 346 
THR CB  OG1  sing N N 347 
THR CB  CG2  sing N N 348 
THR CB  HB   sing N N 349 
THR OG1 HG1  sing N N 350 
THR CG2 HG21 sing N N 351 
THR CG2 HG22 sing N N 352 
THR CG2 HG23 sing N N 353 
THR OXT HXT  sing N N 354 
TRP N   CA   sing N N 355 
TRP N   H    sing N N 356 
TRP N   H2   sing N N 357 
TRP CA  C    sing N N 358 
TRP CA  CB   sing N N 359 
TRP CA  HA   sing N N 360 
TRP C   O    doub N N 361 
TRP C   OXT  sing N N 362 
TRP CB  CG   sing N N 363 
TRP CB  HB2  sing N N 364 
TRP CB  HB3  sing N N 365 
TRP CG  CD1  doub Y N 366 
TRP CG  CD2  sing Y N 367 
TRP CD1 NE1  sing Y N 368 
TRP CD1 HD1  sing N N 369 
TRP CD2 CE2  doub Y N 370 
TRP CD2 CE3  sing Y N 371 
TRP NE1 CE2  sing Y N 372 
TRP NE1 HE1  sing N N 373 
TRP CE2 CZ2  sing Y N 374 
TRP CE3 CZ3  doub Y N 375 
TRP CE3 HE3  sing N N 376 
TRP CZ2 CH2  doub Y N 377 
TRP CZ2 HZ2  sing N N 378 
TRP CZ3 CH2  sing Y N 379 
TRP CZ3 HZ3  sing N N 380 
TRP CH2 HH2  sing N N 381 
TRP OXT HXT  sing N N 382 
TYR N   CA   sing N N 383 
TYR N   H    sing N N 384 
TYR N   H2   sing N N 385 
TYR CA  C    sing N N 386 
TYR CA  CB   sing N N 387 
TYR CA  HA   sing N N 388 
TYR C   O    doub N N 389 
TYR C   OXT  sing N N 390 
TYR CB  CG   sing N N 391 
TYR CB  HB2  sing N N 392 
TYR CB  HB3  sing N N 393 
TYR CG  CD1  doub Y N 394 
TYR CG  CD2  sing Y N 395 
TYR CD1 CE1  sing Y N 396 
TYR CD1 HD1  sing N N 397 
TYR CD2 CE2  doub Y N 398 
TYR CD2 HD2  sing N N 399 
TYR CE1 CZ   doub Y N 400 
TYR CE1 HE1  sing N N 401 
TYR CE2 CZ   sing Y N 402 
TYR CE2 HE2  sing N N 403 
TYR CZ  OH   sing N N 404 
TYR OH  HH   sing N N 405 
TYR OXT HXT  sing N N 406 
VAL N   CA   sing N N 407 
VAL N   H    sing N N 408 
VAL N   H2   sing N N 409 
VAL CA  C    sing N N 410 
VAL CA  CB   sing N N 411 
VAL CA  HA   sing N N 412 
VAL C   O    doub N N 413 
VAL C   OXT  sing N N 414 
VAL CB  CG1  sing N N 415 
VAL CB  CG2  sing N N 416 
VAL CB  HB   sing N N 417 
VAL CG1 HG11 sing N N 418 
VAL CG1 HG12 sing N N 419 
VAL CG1 HG13 sing N N 420 
VAL CG2 HG21 sing N N 421 
VAL CG2 HG22 sing N N 422 
VAL CG2 HG23 sing N N 423 
VAL OXT HXT  sing N N 424 
# 
loop_
_pdbx_entity_nonpoly.entity_id 
_pdbx_entity_nonpoly.name 
_pdbx_entity_nonpoly.comp_id 
3 'UNKNOWN ATOM OR ION' UNX 
4 water                 HOH 
# 
_pdbx_initial_refinement_model.id               1 
_pdbx_initial_refinement_model.entity_id_list   ? 
_pdbx_initial_refinement_model.type             'experimental model' 
_pdbx_initial_refinement_model.source_name      PDB 
_pdbx_initial_refinement_model.accession_code   2FMM 
_pdbx_initial_refinement_model.details          'pdb entry 2FMM' 
# 
